data_9D5W
#
_entry.id   9D5W
#
_cell.length_a   118.044
_cell.length_b   105.816
_cell.length_c   118.124
_cell.angle_alpha   90.000
_cell.angle_beta   119.922
_cell.angle_gamma   90.000
#
_symmetry.space_group_name_H-M   'P 1 21 1'
#
loop_
_entity.id
_entity.type
_entity.pdbx_description
1 polymer 'Amino acid ABC transporter, periplasmic amino acid-binding portion'
2 non-polymer S-1,2-PROPANEDIOL
3 non-polymer 'CHLORIDE ION'
4 non-polymer 'POTASSIUM ION'
5 non-polymer R-1,2-PROPANEDIOL
6 non-polymer 'SULFATE ION'
7 water water
#
_entity_poly.entity_id   1
_entity_poly.type   'polypeptide(L)'
_entity_poly.pdbx_seq_one_letter_code
;SATVQAATEVKVGMSGRYFPFTFVKQDELQGFEVDVWNEIGKRNDYKVEFVTANFSGLLGLLETGRIDTISNQITITDAR
KAKYLFSDPYVIDGAQITVRKGNEAIKGIDDLAGKTVAVNLGSNFEQLLRNHDKDGKINIKTYDTGIEHDVALGRADAFV
MDRLSALELIEKTGLPLQLAGSPFETIENAWPFVNNEKGQQLQGEVNKALAAMRADGTLSQIALKWFGTDISQ
;
_entity_poly.pdbx_strand_id   A,B,C,D,E,F,G,H,I
#
loop_
_chem_comp.id
_chem_comp.type
_chem_comp.name
_chem_comp.formula
CL non-polymer 'CHLORIDE ION' 'Cl -1'
K non-polymer 'POTASSIUM ION' 'K 1'
PGO non-polymer S-1,2-PROPANEDIOL 'C3 H8 O2'
PGR non-polymer R-1,2-PROPANEDIOL 'C3 H8 O2'
SO4 non-polymer 'SULFATE ION' 'O4 S -2'
#
# COMPACT_ATOMS: atom_id res chain seq x y z
N ALA A 7 -15.32 -21.09 29.80
CA ALA A 7 -14.44 -20.18 29.10
C ALA A 7 -13.25 -20.91 28.49
N THR A 8 -12.83 -20.46 27.31
CA THR A 8 -11.70 -21.07 26.63
C THR A 8 -10.39 -20.48 27.14
N GLU A 9 -9.44 -21.34 27.48
CA GLU A 9 -8.13 -20.88 27.91
C GLU A 9 -7.22 -20.72 26.69
N VAL A 10 -6.65 -19.52 26.55
CA VAL A 10 -5.73 -19.20 25.46
C VAL A 10 -4.41 -18.77 26.08
N LYS A 11 -3.31 -19.31 25.56
CA LYS A 11 -1.97 -18.97 26.04
C LYS A 11 -1.27 -18.14 24.96
N VAL A 12 -0.65 -17.04 25.37
CA VAL A 12 -0.02 -16.09 24.46
C VAL A 12 1.45 -16.01 24.82
N GLY A 13 2.31 -16.46 23.91
CA GLY A 13 3.75 -16.45 24.16
C GLY A 13 4.36 -15.11 23.77
N MET A 14 5.33 -14.68 24.57
CA MET A 14 6.05 -13.44 24.32
C MET A 14 7.39 -13.52 25.06
N SER A 15 8.21 -12.48 24.91
CA SER A 15 9.55 -12.47 25.47
C SER A 15 9.71 -11.57 26.69
N GLY A 16 8.92 -10.50 26.80
CA GLY A 16 9.12 -9.57 27.90
C GLY A 16 10.37 -8.74 27.78
N ARG A 17 10.97 -8.69 26.58
CA ARG A 17 12.17 -7.91 26.32
C ARG A 17 12.08 -7.28 24.94
N TYR A 18 10.91 -6.72 24.61
CA TYR A 18 10.65 -6.13 23.29
C TYR A 18 9.86 -4.84 23.51
N PHE A 19 10.55 -3.81 23.98
CA PHE A 19 9.90 -2.54 24.28
C PHE A 19 9.57 -1.81 22.98
N PRO A 20 8.35 -1.27 22.84
CA PRO A 20 7.23 -1.27 23.79
C PRO A 20 6.16 -2.29 23.46
N PHE A 21 6.50 -3.33 22.70
CA PHE A 21 5.52 -4.37 22.37
C PHE A 21 5.27 -5.27 23.57
N THR A 22 6.33 -5.86 24.12
CA THR A 22 6.23 -6.70 25.31
C THR A 22 7.48 -6.48 26.15
N PHE A 23 7.29 -5.95 27.35
CA PHE A 23 8.41 -5.64 28.23
C PHE A 23 7.91 -5.59 29.65
N VAL A 24 8.87 -5.54 30.59
CA VAL A 24 8.58 -5.47 32.02
C VAL A 24 8.99 -4.11 32.53
N LYS A 25 8.13 -3.48 33.32
CA LYS A 25 8.45 -2.25 34.02
C LYS A 25 7.70 -2.25 35.34
N GLN A 26 8.41 -1.98 36.44
CA GLN A 26 7.85 -2.05 37.78
C GLN A 26 7.32 -3.45 38.07
N ASP A 27 8.03 -4.46 37.56
CA ASP A 27 7.66 -5.86 37.72
C ASP A 27 6.25 -6.14 37.19
N GLU A 28 5.90 -5.47 36.09
CA GLU A 28 4.63 -5.70 35.40
C GLU A 28 4.90 -6.01 33.94
N LEU A 29 4.38 -7.15 33.47
CA LEU A 29 4.46 -7.51 32.07
C LEU A 29 3.41 -6.73 31.30
N GLN A 30 3.84 -5.79 30.46
CA GLN A 30 2.94 -4.88 29.77
C GLN A 30 3.45 -4.66 28.35
N GLY A 31 2.78 -3.77 27.63
CA GLY A 31 3.22 -3.37 26.30
C GLY A 31 2.09 -3.36 25.31
N PHE A 32 2.45 -3.27 24.04
CA PHE A 32 1.46 -3.23 22.97
C PHE A 32 0.78 -4.59 22.80
N GLU A 33 1.57 -5.66 22.79
CA GLU A 33 1.02 -7.00 22.61
C GLU A 33 0.12 -7.40 23.78
N VAL A 34 0.43 -6.91 24.98
CA VAL A 34 -0.36 -7.26 26.15
C VAL A 34 -1.73 -6.60 26.08
N ASP A 35 -1.77 -5.30 25.76
CA ASP A 35 -3.04 -4.59 25.71
C ASP A 35 -3.93 -5.12 24.61
N VAL A 36 -3.34 -5.53 23.48
CA VAL A 36 -4.15 -5.99 22.35
C VAL A 36 -4.86 -7.29 22.68
N TRP A 37 -4.13 -8.25 23.26
CA TRP A 37 -4.72 -9.55 23.53
C TRP A 37 -5.63 -9.56 24.75
N ASN A 38 -5.52 -8.56 25.63
CA ASN A 38 -6.53 -8.41 26.67
C ASN A 38 -7.84 -7.93 26.10
N GLU A 39 -7.80 -7.07 25.07
CA GLU A 39 -9.01 -6.63 24.41
C GLU A 39 -9.62 -7.77 23.59
N ILE A 40 -8.78 -8.56 22.92
CA ILE A 40 -9.26 -9.73 22.21
C ILE A 40 -9.93 -10.70 23.18
N GLY A 41 -9.31 -10.90 24.35
CA GLY A 41 -9.88 -11.80 25.34
C GLY A 41 -11.21 -11.33 25.89
N LYS A 42 -11.44 -10.01 25.92
CA LYS A 42 -12.73 -9.49 26.33
C LYS A 42 -13.81 -9.81 25.29
N ARG A 43 -13.44 -9.78 24.01
CA ARG A 43 -14.39 -9.89 22.92
C ARG A 43 -14.73 -11.31 22.54
N ASN A 44 -13.98 -12.31 23.02
CA ASN A 44 -14.19 -13.69 22.62
C ASN A 44 -14.33 -14.65 23.79
N ASP A 45 -14.47 -14.13 25.01
CA ASP A 45 -14.53 -14.94 26.23
C ASP A 45 -13.33 -15.88 26.30
N TYR A 46 -12.15 -15.26 26.40
CA TYR A 46 -10.90 -15.97 26.57
C TYR A 46 -10.34 -15.70 27.96
N LYS A 47 -9.74 -16.73 28.56
CA LYS A 47 -8.91 -16.52 29.74
C LYS A 47 -7.48 -16.45 29.25
N VAL A 48 -7.02 -15.23 28.97
CA VAL A 48 -5.70 -15.05 28.39
C VAL A 48 -4.62 -15.32 29.44
N GLU A 49 -3.60 -16.07 29.04
CA GLU A 49 -2.50 -16.45 29.92
C GLU A 49 -1.20 -16.09 29.23
N PHE A 50 -0.42 -15.19 29.84
CA PHE A 50 0.82 -14.71 29.25
C PHE A 50 1.98 -15.57 29.73
N VAL A 51 2.72 -16.17 28.80
CA VAL A 51 3.85 -17.03 29.09
C VAL A 51 5.09 -16.39 28.47
N THR A 52 6.03 -15.97 29.30
CA THR A 52 7.24 -15.30 28.84
C THR A 52 8.33 -16.32 28.58
N ALA A 53 8.94 -16.25 27.39
CA ALA A 53 10.05 -17.10 27.04
C ALA A 53 10.89 -16.40 25.99
N ASN A 54 12.17 -16.77 25.92
CA ASN A 54 13.07 -16.19 24.94
C ASN A 54 12.53 -16.41 23.54
N PHE A 55 12.78 -15.44 22.66
CA PHE A 55 12.20 -15.47 21.31
C PHE A 55 12.61 -16.70 20.54
N SER A 56 13.82 -17.22 20.78
CA SER A 56 14.29 -18.37 20.01
C SER A 56 13.50 -19.64 20.32
N GLY A 57 12.69 -19.63 21.38
CA GLY A 57 11.95 -20.82 21.77
C GLY A 57 10.45 -20.62 21.72
N LEU A 58 10.01 -19.41 21.37
CA LEU A 58 8.58 -19.15 21.31
C LEU A 58 7.91 -19.97 20.22
N LEU A 59 8.51 -20.02 19.03
CA LEU A 59 7.94 -20.81 17.95
C LEU A 59 8.01 -22.30 18.26
N GLY A 60 8.98 -22.72 19.08
CA GLY A 60 9.01 -24.10 19.52
C GLY A 60 7.89 -24.43 20.49
N LEU A 61 7.63 -23.53 21.44
CA LEU A 61 6.52 -23.72 22.37
C LEU A 61 5.19 -23.80 21.62
N LEU A 62 5.06 -23.04 20.53
CA LEU A 62 3.83 -23.06 19.75
C LEU A 62 3.59 -24.42 19.13
N GLU A 63 4.63 -25.01 18.53
CA GLU A 63 4.46 -26.30 17.88
C GLU A 63 4.20 -27.41 18.89
N THR A 64 4.91 -27.38 20.03
CA THR A 64 4.74 -28.43 21.03
C THR A 64 3.36 -28.38 21.67
N GLY A 65 2.74 -27.21 21.73
CA GLY A 65 1.41 -27.07 22.27
C GLY A 65 1.31 -26.48 23.65
N ARG A 66 2.39 -25.93 24.20
CA ARG A 66 2.31 -25.31 25.51
C ARG A 66 1.92 -23.84 25.45
N ILE A 67 1.77 -23.29 24.25
CA ILE A 67 1.08 -22.02 24.05
C ILE A 67 0.17 -22.19 22.84
N ASP A 68 -0.83 -21.33 22.75
CA ASP A 68 -1.80 -21.39 21.67
C ASP A 68 -1.50 -20.43 20.53
N THR A 69 -0.78 -19.34 20.81
CA THR A 69 -0.38 -18.38 19.79
C THR A 69 0.81 -17.59 20.32
N ILE A 70 1.26 -16.62 19.52
CA ILE A 70 2.36 -15.74 19.91
C ILE A 70 2.00 -14.32 19.51
N SER A 71 2.15 -13.40 20.45
CA SER A 71 1.98 -11.97 20.19
C SER A 71 3.33 -11.32 20.47
N ASN A 72 4.19 -11.32 19.45
CA ASN A 72 5.55 -10.82 19.60
C ASN A 72 6.08 -10.31 18.26
N GLN A 73 5.20 -9.69 17.47
CA GLN A 73 5.56 -9.16 16.15
C GLN A 73 6.13 -10.26 15.26
N ILE A 74 5.38 -11.35 15.14
CA ILE A 74 5.79 -12.48 14.31
C ILE A 74 5.55 -12.12 12.85
N THR A 75 6.65 -12.00 12.09
CA THR A 75 6.54 -11.68 10.68
C THR A 75 6.18 -12.92 9.87
N ILE A 76 5.27 -12.76 8.92
CA ILE A 76 4.85 -13.85 8.05
C ILE A 76 5.90 -14.05 6.98
N THR A 77 6.43 -15.27 6.87
CA THR A 77 7.43 -15.62 5.87
C THR A 77 6.96 -16.82 5.07
N ASP A 78 7.65 -17.08 3.96
CA ASP A 78 7.30 -18.22 3.12
C ASP A 78 7.41 -19.54 3.88
N ALA A 79 8.47 -19.69 4.69
CA ALA A 79 8.62 -20.91 5.47
C ALA A 79 7.59 -20.98 6.59
N ARG A 80 7.34 -19.87 7.28
CA ARG A 80 6.37 -19.87 8.36
C ARG A 80 4.94 -20.09 7.86
N LYS A 81 4.66 -19.69 6.62
CA LYS A 81 3.35 -19.97 6.04
C LYS A 81 3.11 -21.47 5.93
N ALA A 82 4.15 -22.24 5.58
CA ALA A 82 4.00 -23.67 5.43
C ALA A 82 3.93 -24.40 6.77
N LYS A 83 4.47 -23.80 7.83
CA LYS A 83 4.55 -24.46 9.12
C LYS A 83 3.46 -24.02 10.10
N TYR A 84 2.80 -22.89 9.85
CA TYR A 84 1.80 -22.37 10.77
C TYR A 84 0.68 -21.70 9.99
N LEU A 85 -0.41 -21.44 10.70
CA LEU A 85 -1.47 -20.55 10.22
C LEU A 85 -1.24 -19.16 10.77
N PHE A 86 -1.72 -18.16 10.05
CA PHE A 86 -1.56 -16.78 10.47
C PHE A 86 -2.89 -16.04 10.37
N SER A 87 -3.02 -15.00 11.19
CA SER A 87 -4.20 -14.14 11.19
C SER A 87 -4.00 -13.03 10.16
N ASP A 88 -4.92 -12.07 10.13
CA ASP A 88 -4.68 -10.86 9.35
C ASP A 88 -3.55 -10.07 9.99
N PRO A 89 -2.70 -9.42 9.21
CA PRO A 89 -1.65 -8.59 9.81
C PRO A 89 -2.23 -7.43 10.59
N TYR A 90 -1.69 -7.22 11.80
CA TYR A 90 -2.14 -6.13 12.66
C TYR A 90 -1.11 -5.00 12.76
N VAL A 91 0.12 -5.22 12.33
CA VAL A 91 1.15 -4.19 12.27
C VAL A 91 1.97 -4.40 11.01
N ILE A 92 2.20 -3.31 10.27
CA ILE A 92 3.03 -3.33 9.07
C ILE A 92 4.15 -2.31 9.24
N ASP A 93 5.38 -2.74 8.98
CA ASP A 93 6.57 -1.90 9.11
C ASP A 93 7.68 -2.40 8.19
N GLY A 94 8.93 -2.12 8.54
CA GLY A 94 10.06 -2.54 7.72
C GLY A 94 11.26 -2.89 8.59
N ALA A 95 12.09 -3.80 8.09
CA ALA A 95 13.30 -4.18 8.79
C ALA A 95 14.32 -3.06 8.69
N GLN A 96 14.86 -2.64 9.84
CA GLN A 96 15.69 -1.46 9.94
C GLN A 96 17.07 -1.82 10.49
N ILE A 97 18.11 -1.31 9.85
CA ILE A 97 19.47 -1.36 10.37
C ILE A 97 19.68 -0.17 11.29
N THR A 98 20.28 -0.41 12.45
CA THR A 98 20.49 0.64 13.44
C THR A 98 21.91 0.55 13.99
N VAL A 99 22.61 1.68 14.02
CA VAL A 99 24.00 1.73 14.47
C VAL A 99 24.13 2.66 15.67
N ARG A 100 25.35 2.83 16.16
CA ARG A 100 25.60 3.74 17.27
C ARG A 100 25.49 5.18 16.79
N LYS A 101 25.05 6.05 17.70
CA LYS A 101 24.91 7.46 17.38
C LYS A 101 26.26 8.07 17.02
N GLY A 102 26.30 8.83 15.93
CA GLY A 102 27.52 9.45 15.46
C GLY A 102 28.29 8.65 14.43
N ASN A 103 27.91 7.40 14.19
CA ASN A 103 28.59 6.55 13.23
C ASN A 103 27.96 6.74 11.85
N GLU A 104 28.76 7.24 10.90
CA GLU A 104 28.31 7.41 9.52
C GLU A 104 28.97 6.43 8.57
N ALA A 105 29.81 5.52 9.05
CA ALA A 105 30.45 4.53 8.20
C ALA A 105 29.51 3.46 7.70
N ILE A 106 28.27 3.42 8.21
CA ILE A 106 27.27 2.44 7.81
C ILE A 106 26.03 3.21 7.39
N LYS A 107 25.76 3.24 6.08
CA LYS A 107 24.59 3.93 5.55
C LYS A 107 23.44 2.99 5.22
N GLY A 108 23.69 1.69 5.16
CA GLY A 108 22.63 0.76 4.83
C GLY A 108 23.07 -0.67 5.02
N ILE A 109 22.30 -1.59 4.44
CA ILE A 109 22.61 -3.01 4.56
C ILE A 109 23.76 -3.43 3.63
N ASP A 110 24.03 -2.65 2.58
CA ASP A 110 25.16 -2.95 1.71
C ASP A 110 26.49 -2.55 2.31
N ASP A 111 26.49 -1.86 3.45
CA ASP A 111 27.71 -1.48 4.15
C ASP A 111 28.12 -2.50 5.20
N LEU A 112 27.38 -3.58 5.37
CA LEU A 112 27.65 -4.56 6.41
C LEU A 112 28.76 -5.54 6.03
N ALA A 113 29.32 -5.42 4.83
CA ALA A 113 30.41 -6.30 4.41
C ALA A 113 31.62 -6.11 5.32
N GLY A 114 32.01 -7.17 6.02
CA GLY A 114 33.12 -7.09 6.94
C GLY A 114 32.77 -6.58 8.32
N LYS A 115 31.50 -6.24 8.57
CA LYS A 115 31.06 -5.72 9.85
C LYS A 115 30.40 -6.82 10.69
N THR A 116 30.13 -6.49 11.95
CA THR A 116 29.45 -7.38 12.87
C THR A 116 28.05 -6.84 13.12
N VAL A 117 27.04 -7.65 12.81
CA VAL A 117 25.64 -7.25 12.92
C VAL A 117 24.93 -8.23 13.83
N ALA A 118 24.30 -7.71 14.88
CA ALA A 118 23.58 -8.54 15.83
C ALA A 118 22.13 -8.71 15.38
N VAL A 119 21.60 -9.92 15.58
CA VAL A 119 20.22 -10.24 15.21
C VAL A 119 19.66 -11.22 16.23
N ASN A 120 18.36 -11.12 16.47
CA ASN A 120 17.70 -12.10 17.33
C ASN A 120 17.73 -13.47 16.69
N LEU A 121 17.99 -14.49 17.51
CA LEU A 121 18.07 -15.85 17.02
C LEU A 121 16.68 -16.33 16.57
N GLY A 122 16.62 -16.95 15.39
CA GLY A 122 15.36 -17.46 14.90
C GLY A 122 14.37 -16.44 14.43
N SER A 123 14.80 -15.19 14.24
CA SER A 123 13.92 -14.13 13.77
C SER A 123 14.05 -13.96 12.27
N ASN A 124 13.01 -13.36 11.68
CA ASN A 124 13.04 -13.09 10.24
C ASN A 124 14.21 -12.21 9.86
N PHE A 125 14.71 -11.40 10.80
CA PHE A 125 15.85 -10.54 10.53
C PHE A 125 17.13 -11.34 10.31
N GLU A 126 17.24 -12.51 10.95
CA GLU A 126 18.41 -13.35 10.75
C GLU A 126 18.42 -13.95 9.35
N GLN A 127 17.29 -14.52 8.93
CA GLN A 127 17.21 -15.12 7.60
C GLN A 127 17.40 -14.07 6.51
N LEU A 128 16.74 -12.92 6.66
CA LEU A 128 16.93 -11.83 5.72
C LEU A 128 18.40 -11.41 5.64
N LEU A 129 19.07 -11.37 6.80
CA LEU A 129 20.48 -10.99 6.81
C LEU A 129 21.35 -12.06 6.17
N ARG A 130 21.05 -13.33 6.43
CA ARG A 130 21.81 -14.40 5.79
C ARG A 130 21.55 -14.46 4.29
N ASN A 131 20.35 -14.07 3.85
CA ASN A 131 20.09 -14.00 2.43
C ASN A 131 20.77 -12.79 1.80
N HIS A 132 20.97 -11.72 2.56
CA HIS A 132 21.72 -10.57 2.10
C HIS A 132 23.22 -10.73 2.31
N ASP A 133 23.69 -11.93 2.65
CA ASP A 133 25.10 -12.25 2.82
C ASP A 133 25.43 -13.32 1.79
N LYS A 134 25.82 -12.90 0.59
CA LYS A 134 26.01 -13.85 -0.50
C LYS A 134 27.36 -14.56 -0.40
N ASP A 135 28.42 -13.84 0.01
CA ASP A 135 29.77 -14.38 0.00
C ASP A 135 30.37 -14.52 1.39
N GLY A 136 29.57 -14.44 2.44
CA GLY A 136 30.11 -14.54 3.79
C GLY A 136 30.89 -13.33 4.24
N LYS A 137 30.53 -12.14 3.74
CA LYS A 137 31.24 -10.93 4.12
C LYS A 137 30.91 -10.51 5.55
N ILE A 138 29.65 -10.64 5.94
CA ILE A 138 29.16 -10.12 7.21
C ILE A 138 29.43 -11.13 8.31
N ASN A 139 29.73 -10.62 9.51
CA ASN A 139 29.94 -11.44 10.70
C ASN A 139 28.66 -11.37 11.53
N ILE A 140 27.72 -12.25 11.21
CA ILE A 140 26.41 -12.25 11.86
C ILE A 140 26.55 -12.88 13.25
N LYS A 141 26.16 -12.15 14.28
CA LYS A 141 26.14 -12.64 15.65
C LYS A 141 24.70 -12.69 16.14
N THR A 142 24.24 -13.87 16.53
CA THR A 142 22.86 -14.09 16.93
C THR A 142 22.74 -14.11 18.45
N TYR A 143 21.66 -13.50 18.96
CA TYR A 143 21.43 -13.42 20.39
C TYR A 143 19.93 -13.49 20.65
N ASP A 144 19.57 -13.40 21.93
CA ASP A 144 18.20 -13.21 22.37
C ASP A 144 18.01 -11.96 23.22
N THR A 145 19.04 -11.53 23.93
CA THR A 145 19.00 -10.35 24.79
C THR A 145 20.23 -9.50 24.52
N GLY A 146 20.18 -8.25 25.02
CA GLY A 146 21.32 -7.35 24.91
C GLY A 146 21.75 -7.05 23.51
N ILE A 147 20.81 -7.03 22.56
CA ILE A 147 21.15 -6.77 21.16
C ILE A 147 21.45 -5.29 20.96
N GLU A 148 20.49 -4.43 21.30
CA GLU A 148 20.70 -3.00 21.13
C GLU A 148 21.76 -2.43 22.08
N HIS A 149 22.11 -3.18 23.13
CA HIS A 149 23.11 -2.69 24.08
C HIS A 149 24.53 -2.91 23.58
N ASP A 150 24.78 -4.00 22.84
CA ASP A 150 26.11 -4.24 22.32
C ASP A 150 26.49 -3.21 21.25
N VAL A 151 25.51 -2.72 20.49
CA VAL A 151 25.80 -1.72 19.47
C VAL A 151 26.05 -0.36 20.11
N ALA A 152 25.27 -0.01 21.13
CA ALA A 152 25.47 1.27 21.81
C ALA A 152 26.79 1.30 22.56
N LEU A 153 27.32 0.13 22.95
CA LEU A 153 28.59 0.07 23.66
C LEU A 153 29.77 -0.16 22.70
N GLY A 154 29.60 -0.99 21.68
CA GLY A 154 30.63 -1.15 20.68
C GLY A 154 31.08 -2.57 20.42
N ARG A 155 30.44 -3.55 21.07
CA ARG A 155 30.79 -4.94 20.81
C ARG A 155 30.27 -5.42 19.47
N ALA A 156 29.20 -4.80 18.95
CA ALA A 156 28.69 -5.07 17.62
C ALA A 156 28.50 -3.75 16.88
N ASP A 157 28.71 -3.79 15.56
CA ASP A 157 28.66 -2.57 14.78
C ASP A 157 27.23 -2.10 14.53
N ALA A 158 26.29 -3.02 14.35
CA ALA A 158 24.90 -2.66 14.07
C ALA A 158 24.01 -3.83 14.45
N PHE A 159 22.70 -3.62 14.31
CA PHE A 159 21.72 -4.69 14.50
C PHE A 159 20.53 -4.42 13.59
N VAL A 160 19.69 -5.46 13.43
CA VAL A 160 18.55 -5.43 12.52
C VAL A 160 17.30 -5.79 13.29
N MET A 161 16.36 -4.86 13.39
CA MET A 161 15.05 -5.13 13.97
C MET A 161 14.02 -4.37 13.14
N ASP A 162 12.85 -4.12 13.73
CA ASP A 162 11.86 -3.26 13.10
C ASP A 162 12.18 -1.80 13.39
N ARG A 163 11.71 -0.93 12.51
CA ARG A 163 11.94 0.50 12.70
C ARG A 163 11.21 1.03 13.93
N LEU A 164 10.01 0.49 14.21
CA LEU A 164 9.17 1.04 15.27
C LEU A 164 9.85 0.94 16.63
N SER A 165 10.30 -0.26 17.01
CA SER A 165 10.90 -0.44 18.32
C SER A 165 12.20 0.34 18.44
N ALA A 166 13.02 0.36 17.39
CA ALA A 166 14.27 1.11 17.42
C ALA A 166 14.00 2.61 17.54
N LEU A 167 12.95 3.10 16.87
CA LEU A 167 12.62 4.52 16.95
C LEU A 167 12.25 4.93 18.38
N GLU A 168 11.54 4.06 19.09
CA GLU A 168 11.16 4.40 20.46
C GLU A 168 12.35 4.36 21.41
N LEU A 169 13.33 3.51 21.14
CA LEU A 169 14.53 3.49 21.95
C LEU A 169 15.37 4.73 21.72
N ILE A 170 15.31 5.31 20.52
CA ILE A 170 16.10 6.48 20.20
C ILE A 170 15.46 7.75 20.76
N GLU A 171 14.15 7.91 20.56
CA GLU A 171 13.45 9.13 20.96
C GLU A 171 12.96 9.06 22.40
N LYS A 172 12.14 8.05 22.72
CA LYS A 172 11.57 7.96 24.07
C LYS A 172 12.61 7.51 25.08
N THR A 173 13.19 6.32 24.88
CA THR A 173 14.16 5.80 25.83
C THR A 173 15.43 6.66 25.84
N GLY A 174 15.86 7.10 24.66
CA GLY A 174 17.03 7.96 24.56
C GLY A 174 18.35 7.25 24.36
N LEU A 175 18.33 6.01 23.88
CA LEU A 175 19.56 5.26 23.68
C LEU A 175 20.42 5.95 22.62
N PRO A 176 21.74 5.89 22.77
CA PRO A 176 22.64 6.53 21.79
C PRO A 176 22.73 5.76 20.48
N LEU A 177 21.60 5.70 19.77
CA LEU A 177 21.50 4.95 18.53
C LEU A 177 20.84 5.81 17.46
N GLN A 178 21.08 5.44 16.20
CA GLN A 178 20.52 6.16 15.07
C GLN A 178 20.14 5.17 13.98
N LEU A 179 19.12 5.53 13.20
CA LEU A 179 18.66 4.67 12.11
C LEU A 179 19.66 4.71 10.96
N ALA A 180 20.02 3.54 10.44
CA ALA A 180 21.00 3.43 9.36
C ALA A 180 20.24 3.25 8.04
N GLY A 181 19.98 4.38 7.37
CA GLY A 181 19.31 4.34 6.09
C GLY A 181 17.82 4.10 6.20
N SER A 182 17.25 3.63 5.09
CA SER A 182 15.83 3.32 4.93
C SER A 182 15.58 1.82 5.07
N PRO A 183 14.40 1.44 5.56
CA PRO A 183 14.10 0.00 5.67
C PRO A 183 14.19 -0.69 4.31
N PHE A 184 14.80 -1.87 4.32
CA PHE A 184 15.11 -2.60 3.10
C PHE A 184 14.09 -3.71 2.80
N GLU A 185 13.13 -3.95 3.69
CA GLU A 185 12.19 -5.05 3.50
C GLU A 185 10.96 -4.79 4.36
N THR A 186 9.79 -4.76 3.72
CA THR A 186 8.54 -4.62 4.46
C THR A 186 8.24 -5.90 5.22
N ILE A 187 7.68 -5.74 6.42
CA ILE A 187 7.33 -6.87 7.27
C ILE A 187 5.86 -6.75 7.68
N GLU A 188 5.09 -7.82 7.48
CA GLU A 188 3.71 -7.90 7.91
C GLU A 188 3.65 -8.86 9.11
N ASN A 189 3.18 -8.35 10.24
CA ASN A 189 3.21 -9.09 11.49
C ASN A 189 1.80 -9.55 11.85
N ALA A 190 1.65 -10.85 12.10
CA ALA A 190 0.38 -11.45 12.49
C ALA A 190 0.64 -12.51 13.54
N TRP A 191 -0.44 -13.00 14.16
CA TRP A 191 -0.34 -14.00 15.21
C TRP A 191 -0.30 -15.39 14.60
N PRO A 192 0.72 -16.20 14.88
CA PRO A 192 0.75 -17.56 14.33
C PRO A 192 -0.12 -18.52 15.13
N PHE A 193 -0.59 -19.55 14.43
CA PHE A 193 -1.42 -20.58 15.04
C PHE A 193 -0.99 -21.94 14.54
N VAL A 194 -1.21 -22.96 15.37
CA VAL A 194 -0.98 -24.34 14.97
C VAL A 194 -2.15 -24.79 14.10
N ASN A 195 -1.84 -25.53 13.03
CA ASN A 195 -2.86 -25.94 12.07
C ASN A 195 -3.63 -27.15 12.61
N ASN A 196 -4.45 -26.89 13.62
CA ASN A 196 -5.31 -27.92 14.21
C ASN A 196 -6.67 -27.30 14.48
N GLU A 197 -7.54 -28.06 15.15
CA GLU A 197 -8.90 -27.59 15.40
C GLU A 197 -8.91 -26.28 16.18
N LYS A 198 -8.20 -26.23 17.30
CA LYS A 198 -8.17 -25.02 18.12
C LYS A 198 -7.48 -23.88 17.39
N GLY A 199 -6.43 -24.19 16.61
CA GLY A 199 -5.75 -23.14 15.87
C GLY A 199 -6.64 -22.51 14.81
N GLN A 200 -7.35 -23.34 14.05
CA GLN A 200 -8.33 -22.83 13.09
C GLN A 200 -9.46 -22.10 13.81
N GLN A 201 -9.86 -22.61 14.97
CA GLN A 201 -10.91 -21.97 15.75
C GLN A 201 -10.46 -20.61 16.26
N LEU A 202 -9.24 -20.52 16.79
CA LEU A 202 -8.71 -19.25 17.26
C LEU A 202 -8.49 -18.27 16.11
N GLN A 203 -8.03 -18.78 14.96
CA GLN A 203 -7.69 -17.90 13.84
C GLN A 203 -8.92 -17.13 13.36
N GLY A 204 -10.01 -17.86 13.08
CA GLY A 204 -11.21 -17.21 12.59
C GLY A 204 -11.84 -16.27 13.60
N GLU A 205 -11.76 -16.62 14.89
CA GLU A 205 -12.32 -15.77 15.94
C GLU A 205 -11.44 -14.58 16.26
N VAL A 206 -10.13 -14.67 15.98
CA VAL A 206 -9.23 -13.55 16.20
C VAL A 206 -9.33 -12.55 15.06
N ASN A 207 -9.50 -13.04 13.83
CA ASN A 207 -9.70 -12.15 12.70
C ASN A 207 -11.00 -11.36 12.83
N LYS A 208 -12.02 -11.96 13.44
CA LYS A 208 -13.27 -11.23 13.66
C LYS A 208 -13.11 -10.18 14.75
N ALA A 209 -12.28 -10.44 15.75
CA ALA A 209 -12.01 -9.45 16.79
C ALA A 209 -11.06 -8.38 16.28
N LEU A 210 -10.01 -8.78 15.56
CA LEU A 210 -9.07 -7.81 15.00
C LEU A 210 -9.77 -6.84 14.05
N ALA A 211 -10.65 -7.36 13.19
CA ALA A 211 -11.41 -6.49 12.30
C ALA A 211 -12.37 -5.61 13.09
N ALA A 212 -12.92 -6.13 14.19
CA ALA A 212 -13.83 -5.33 15.01
C ALA A 212 -13.08 -4.25 15.78
N MET A 213 -11.82 -4.49 16.12
CA MET A 213 -11.05 -3.48 16.84
C MET A 213 -10.61 -2.36 15.92
N ARG A 214 -10.28 -2.67 14.67
CA ARG A 214 -9.94 -1.63 13.70
C ARG A 214 -11.13 -0.73 13.40
N ALA A 215 -12.35 -1.25 13.53
CA ALA A 215 -13.53 -0.47 13.16
C ALA A 215 -13.82 0.60 14.21
N ASP A 216 -13.90 0.22 15.48
CA ASP A 216 -14.24 1.15 16.55
C ASP A 216 -13.03 1.91 17.08
N GLY A 217 -11.86 1.73 16.47
CA GLY A 217 -10.69 2.50 16.84
C GLY A 217 -9.97 2.02 18.09
N THR A 218 -10.34 0.87 18.65
CA THR A 218 -9.68 0.38 19.84
C THR A 218 -8.24 -0.01 19.56
N LEU A 219 -7.99 -0.64 18.41
CA LEU A 219 -6.61 -0.98 18.04
C LEU A 219 -5.76 0.27 17.88
N SER A 220 -6.34 1.35 17.32
CA SER A 220 -5.60 2.59 17.18
C SER A 220 -5.31 3.22 18.53
N GLN A 221 -6.24 3.11 19.47
CA GLN A 221 -6.02 3.63 20.81
C GLN A 221 -4.82 2.96 21.47
N ILE A 222 -4.71 1.63 21.30
CA ILE A 222 -3.58 0.91 21.88
C ILE A 222 -2.28 1.33 21.19
N ALA A 223 -2.30 1.45 19.86
CA ALA A 223 -1.09 1.80 19.14
C ALA A 223 -0.64 3.22 19.48
N LEU A 224 -1.59 4.14 19.67
CA LEU A 224 -1.22 5.50 20.03
C LEU A 224 -0.64 5.59 21.43
N LYS A 225 -1.08 4.70 22.34
CA LYS A 225 -0.58 4.73 23.70
C LYS A 225 0.88 4.31 23.76
N TRP A 226 1.27 3.33 22.94
CA TRP A 226 2.59 2.72 23.02
C TRP A 226 3.58 3.29 22.02
N PHE A 227 3.16 4.19 21.14
CA PHE A 227 4.06 4.72 20.12
C PHE A 227 3.84 6.19 19.79
N GLY A 228 2.76 6.82 20.25
CA GLY A 228 2.42 8.15 19.81
C GLY A 228 1.92 8.24 18.39
N THR A 229 2.08 7.20 17.60
CA THR A 229 1.60 7.15 16.22
C THR A 229 0.77 5.88 16.04
N ASP A 230 -0.31 6.00 15.27
CA ASP A 230 -1.12 4.83 14.95
C ASP A 230 -0.36 3.88 14.04
N ILE A 231 0.40 2.95 14.63
CA ILE A 231 1.18 2.01 13.83
C ILE A 231 0.32 0.95 13.15
N SER A 232 -0.99 0.95 13.39
CA SER A 232 -1.86 0.02 12.69
C SER A 232 -2.16 0.48 11.28
N GLN A 233 -2.15 1.80 11.05
CA GLN A 233 -2.38 2.36 9.73
C GLN A 233 -1.21 2.04 8.80
N ALA B 7 -39.47 3.11 -3.13
CA ALA B 7 -38.01 3.07 -3.12
C ALA B 7 -37.46 3.01 -4.54
N THR B 8 -36.25 3.52 -4.71
CA THR B 8 -35.60 3.52 -6.03
C THR B 8 -35.08 2.13 -6.35
N GLU B 9 -35.34 1.66 -7.57
CA GLU B 9 -34.95 0.33 -8.00
C GLU B 9 -33.51 0.35 -8.50
N VAL B 10 -32.73 -0.64 -8.06
CA VAL B 10 -31.32 -0.78 -8.44
C VAL B 10 -31.12 -2.21 -8.93
N LYS B 11 -30.86 -2.36 -10.22
CA LYS B 11 -30.64 -3.67 -10.83
C LYS B 11 -29.13 -3.93 -10.90
N VAL B 12 -28.68 -4.95 -10.16
CA VAL B 12 -27.26 -5.26 -10.03
C VAL B 12 -26.99 -6.56 -10.77
N GLY B 13 -26.00 -6.55 -11.67
CA GLY B 13 -25.67 -7.71 -12.46
C GLY B 13 -24.54 -8.51 -11.84
N MET B 14 -24.66 -9.83 -11.91
CA MET B 14 -23.64 -10.73 -11.39
C MET B 14 -23.76 -12.07 -12.12
N SER B 15 -22.65 -12.82 -12.12
CA SER B 15 -22.63 -14.07 -12.87
C SER B 15 -23.38 -15.18 -12.15
N GLY B 16 -23.31 -15.22 -10.82
CA GLY B 16 -23.86 -16.34 -10.09
C GLY B 16 -23.05 -17.61 -10.21
N ARG B 17 -21.84 -17.53 -10.75
CA ARG B 17 -20.96 -18.67 -10.91
C ARG B 17 -19.52 -18.26 -10.60
N TYR B 18 -19.33 -17.65 -9.42
CA TYR B 18 -18.04 -17.07 -9.02
C TYR B 18 -17.92 -17.26 -7.51
N PHE B 19 -17.58 -18.48 -7.11
CA PHE B 19 -17.50 -18.80 -5.69
C PHE B 19 -16.25 -18.15 -5.09
N PRO B 20 -16.36 -17.54 -3.90
CA PRO B 20 -17.57 -17.36 -3.08
C PRO B 20 -18.17 -15.96 -3.24
N PHE B 21 -17.85 -15.27 -4.32
CA PHE B 21 -18.41 -13.94 -4.55
C PHE B 21 -19.87 -14.02 -4.96
N THR B 22 -20.16 -14.76 -6.03
CA THR B 22 -21.53 -14.95 -6.50
C THR B 22 -21.68 -16.40 -6.94
N PHE B 23 -22.55 -17.13 -6.25
CA PHE B 23 -22.75 -18.54 -6.56
C PHE B 23 -24.11 -18.97 -6.04
N VAL B 24 -24.49 -20.20 -6.40
CA VAL B 24 -25.78 -20.77 -6.05
C VAL B 24 -25.56 -21.97 -5.14
N LYS B 25 -26.43 -22.11 -4.14
CA LYS B 25 -26.39 -23.24 -3.22
C LYS B 25 -27.76 -23.34 -2.55
N GLN B 26 -28.40 -24.51 -2.68
CA GLN B 26 -29.80 -24.70 -2.27
C GLN B 26 -30.72 -23.81 -3.11
N ASP B 27 -30.39 -23.68 -4.40
CA ASP B 27 -31.10 -22.80 -5.33
C ASP B 27 -31.11 -21.34 -4.87
N GLU B 28 -30.23 -20.97 -3.94
CA GLU B 28 -30.22 -19.64 -3.34
C GLU B 28 -28.99 -18.88 -3.83
N LEU B 29 -29.23 -17.74 -4.47
CA LEU B 29 -28.13 -16.86 -4.88
C LEU B 29 -27.54 -16.20 -3.64
N GLN B 30 -26.22 -16.27 -3.50
CA GLN B 30 -25.57 -15.81 -2.29
C GLN B 30 -24.11 -15.50 -2.59
N GLY B 31 -23.43 -14.97 -1.59
CA GLY B 31 -22.00 -14.70 -1.67
C GLY B 31 -21.66 -13.32 -1.17
N PHE B 32 -20.36 -13.01 -1.27
CA PHE B 32 -19.85 -11.71 -0.81
C PHE B 32 -20.56 -10.56 -1.52
N GLU B 33 -20.69 -10.65 -2.84
CA GLU B 33 -21.32 -9.57 -3.60
C GLU B 33 -22.80 -9.43 -3.26
N VAL B 34 -23.44 -10.52 -2.83
CA VAL B 34 -24.86 -10.45 -2.50
C VAL B 34 -25.06 -9.79 -1.15
N ASP B 35 -24.19 -10.09 -0.18
CA ASP B 35 -24.34 -9.52 1.16
C ASP B 35 -24.00 -8.03 1.17
N VAL B 36 -22.97 -7.65 0.41
CA VAL B 36 -22.53 -6.26 0.43
C VAL B 36 -23.61 -5.34 -0.13
N TRP B 37 -24.20 -5.72 -1.26
CA TRP B 37 -25.23 -4.88 -1.86
C TRP B 37 -26.54 -4.96 -1.09
N ASN B 38 -26.85 -6.11 -0.48
CA ASN B 38 -27.97 -6.15 0.44
C ASN B 38 -27.76 -5.24 1.64
N GLU B 39 -26.50 -4.90 1.96
CA GLU B 39 -26.21 -3.91 2.97
C GLU B 39 -26.28 -2.50 2.40
N ILE B 40 -25.67 -2.29 1.23
CA ILE B 40 -25.72 -0.98 0.58
C ILE B 40 -27.16 -0.55 0.37
N GLY B 41 -28.02 -1.49 -0.04
CA GLY B 41 -29.41 -1.15 -0.29
C GLY B 41 -30.16 -0.73 0.95
N LYS B 42 -29.90 -1.38 2.09
CA LYS B 42 -30.57 -1.01 3.33
C LYS B 42 -30.20 0.39 3.75
N ARG B 43 -28.92 0.75 3.65
CA ARG B 43 -28.47 2.07 4.07
C ARG B 43 -28.95 3.18 3.14
N ASN B 44 -29.30 2.85 1.91
CA ASN B 44 -29.80 3.82 0.94
C ASN B 44 -31.26 3.59 0.60
N ASP B 45 -31.93 2.67 1.29
CA ASP B 45 -33.32 2.30 1.02
C ASP B 45 -33.53 1.97 -0.46
N TYR B 46 -32.62 1.18 -1.01
CA TYR B 46 -32.75 0.70 -2.37
C TYR B 46 -33.70 -0.48 -2.44
N LYS B 47 -34.31 -0.67 -3.60
CA LYS B 47 -34.98 -1.93 -3.94
C LYS B 47 -33.98 -2.72 -4.77
N VAL B 48 -33.08 -3.42 -4.08
CA VAL B 48 -31.99 -4.10 -4.76
C VAL B 48 -32.53 -5.32 -5.49
N GLU B 49 -32.29 -5.38 -6.79
CA GLU B 49 -32.75 -6.48 -7.63
C GLU B 49 -31.54 -7.07 -8.35
N PHE B 50 -31.33 -8.38 -8.18
CA PHE B 50 -30.17 -9.04 -8.74
C PHE B 50 -30.50 -9.64 -10.09
N VAL B 51 -29.60 -9.46 -11.06
CA VAL B 51 -29.75 -9.99 -12.41
C VAL B 51 -28.56 -10.89 -12.70
N THR B 52 -28.84 -12.15 -12.99
CA THR B 52 -27.80 -13.13 -13.26
C THR B 52 -27.63 -13.31 -14.77
N ALA B 53 -26.38 -13.27 -15.21
CA ALA B 53 -26.04 -13.48 -16.61
C ALA B 53 -24.56 -13.80 -16.69
N ASN B 54 -24.20 -14.61 -17.68
CA ASN B 54 -22.80 -14.97 -17.90
C ASN B 54 -21.95 -13.71 -18.00
N PHE B 55 -20.74 -13.78 -17.43
CA PHE B 55 -19.93 -12.58 -17.22
C PHE B 55 -19.57 -11.88 -18.53
N SER B 56 -19.43 -12.63 -19.62
CA SER B 56 -18.94 -12.06 -20.87
C SER B 56 -19.86 -10.99 -21.43
N GLY B 57 -21.09 -10.88 -20.94
CA GLY B 57 -22.01 -9.88 -21.44
C GLY B 57 -22.55 -8.96 -20.37
N LEU B 58 -21.93 -8.97 -19.19
CA LEU B 58 -22.41 -8.13 -18.09
C LEU B 58 -22.19 -6.65 -18.39
N LEU B 59 -21.08 -6.31 -19.04
CA LEU B 59 -20.86 -4.92 -19.41
C LEU B 59 -21.87 -4.46 -20.45
N GLY B 60 -22.25 -5.36 -21.36
CA GLY B 60 -23.27 -5.04 -22.34
C GLY B 60 -24.60 -4.68 -21.68
N LEU B 61 -25.01 -5.45 -20.67
CA LEU B 61 -26.24 -5.11 -19.96
C LEU B 61 -26.11 -3.79 -19.22
N LEU B 62 -24.90 -3.44 -18.80
CA LEU B 62 -24.67 -2.14 -18.21
C LEU B 62 -24.66 -1.04 -19.27
N GLU B 63 -24.06 -1.32 -20.42
CA GLU B 63 -24.09 -0.38 -21.54
C GLU B 63 -25.52 -0.11 -21.99
N THR B 64 -26.33 -1.16 -22.10
CA THR B 64 -27.69 -1.01 -22.61
C THR B 64 -28.65 -0.49 -21.55
N GLY B 65 -28.27 -0.53 -20.28
CA GLY B 65 -29.09 0.04 -19.24
C GLY B 65 -30.03 -0.91 -18.53
N ARG B 66 -29.96 -2.21 -18.82
CA ARG B 66 -30.84 -3.15 -18.12
C ARG B 66 -30.42 -3.33 -16.67
N ILE B 67 -29.13 -3.28 -16.38
CA ILE B 67 -28.63 -3.31 -15.01
C ILE B 67 -28.02 -1.96 -14.70
N ASP B 68 -28.14 -1.55 -13.43
CA ASP B 68 -27.59 -0.27 -13.01
C ASP B 68 -26.12 -0.37 -12.65
N THR B 69 -25.66 -1.54 -12.24
CA THR B 69 -24.27 -1.74 -11.86
C THR B 69 -23.95 -3.23 -11.92
N ILE B 70 -22.67 -3.54 -11.73
CA ILE B 70 -22.18 -4.91 -11.76
C ILE B 70 -21.43 -5.17 -10.47
N SER B 71 -21.84 -6.21 -9.74
CA SER B 71 -21.16 -6.63 -8.51
C SER B 71 -20.57 -8.01 -8.77
N ASN B 72 -19.41 -8.02 -9.43
CA ASN B 72 -18.77 -9.27 -9.81
C ASN B 72 -17.26 -9.08 -9.90
N GLN B 73 -16.70 -8.31 -8.95
CA GLN B 73 -15.26 -8.05 -8.87
C GLN B 73 -14.74 -7.47 -10.18
N ILE B 74 -15.34 -6.36 -10.58
CA ILE B 74 -14.96 -5.69 -11.81
C ILE B 74 -13.67 -4.91 -11.57
N THR B 75 -12.63 -5.23 -12.33
CA THR B 75 -11.33 -4.62 -12.15
C THR B 75 -11.27 -3.28 -12.88
N ILE B 76 -10.84 -2.24 -12.17
CA ILE B 76 -10.67 -0.92 -12.76
C ILE B 76 -9.45 -0.96 -13.68
N THR B 77 -9.69 -0.78 -14.98
CA THR B 77 -8.62 -0.72 -15.97
C THR B 77 -8.76 0.57 -16.77
N ASP B 78 -7.67 0.95 -17.44
CA ASP B 78 -7.70 2.16 -18.27
C ASP B 78 -8.74 2.04 -19.37
N ALA B 79 -8.87 0.85 -19.96
CA ALA B 79 -9.87 0.64 -21.01
C ALA B 79 -11.29 0.77 -20.45
N ARG B 80 -11.49 0.40 -19.19
CA ARG B 80 -12.80 0.51 -18.56
C ARG B 80 -12.99 1.81 -17.78
N LYS B 81 -11.89 2.51 -17.46
CA LYS B 81 -11.99 3.78 -16.75
C LYS B 81 -12.43 4.91 -17.66
N ALA B 82 -12.33 4.73 -18.98
CA ALA B 82 -12.67 5.78 -19.93
C ALA B 82 -14.10 5.71 -20.43
N LYS B 83 -14.77 4.56 -20.28
CA LYS B 83 -16.11 4.38 -20.81
C LYS B 83 -17.19 4.24 -19.74
N TYR B 84 -16.81 4.07 -18.48
CA TYR B 84 -17.78 3.90 -17.41
C TYR B 84 -17.35 4.71 -16.19
N LEU B 85 -18.32 5.02 -15.34
CA LEU B 85 -18.03 5.53 -14.01
C LEU B 85 -17.66 4.36 -13.10
N PHE B 86 -17.00 4.69 -11.99
CA PHE B 86 -16.54 3.68 -11.05
C PHE B 86 -16.67 4.19 -9.63
N SER B 87 -16.84 3.26 -8.70
CA SER B 87 -16.88 3.59 -7.28
C SER B 87 -15.46 3.47 -6.70
N ASP B 88 -15.33 3.79 -5.42
CA ASP B 88 -14.08 3.52 -4.74
C ASP B 88 -13.88 2.01 -4.63
N PRO B 89 -12.66 1.52 -4.84
CA PRO B 89 -12.43 0.07 -4.77
C PRO B 89 -12.79 -0.48 -3.40
N TYR B 90 -13.64 -1.51 -3.39
CA TYR B 90 -14.03 -2.16 -2.14
C TYR B 90 -13.20 -3.39 -1.83
N VAL B 91 -12.55 -3.98 -2.83
CA VAL B 91 -11.59 -5.07 -2.63
C VAL B 91 -10.44 -4.86 -3.59
N ILE B 92 -9.21 -4.92 -3.06
CA ILE B 92 -8.00 -4.87 -3.86
C ILE B 92 -7.34 -6.23 -3.78
N ASP B 93 -7.07 -6.83 -4.94
CA ASP B 93 -6.52 -8.18 -5.00
C ASP B 93 -5.49 -8.21 -6.12
N GLY B 94 -5.19 -9.40 -6.62
CA GLY B 94 -4.23 -9.55 -7.69
C GLY B 94 -4.57 -10.73 -8.58
N ALA B 95 -4.06 -10.67 -9.81
CA ALA B 95 -4.26 -11.74 -10.78
C ALA B 95 -3.31 -12.89 -10.45
N GLN B 96 -3.87 -14.08 -10.24
CA GLN B 96 -3.09 -15.23 -9.80
C GLN B 96 -3.30 -16.39 -10.75
N ILE B 97 -2.22 -16.93 -11.30
CA ILE B 97 -2.29 -18.11 -12.15
C ILE B 97 -2.42 -19.35 -11.28
N THR B 98 -3.34 -20.23 -11.64
CA THR B 98 -3.60 -21.45 -10.90
C THR B 98 -3.52 -22.65 -11.84
N VAL B 99 -2.86 -23.71 -11.38
CA VAL B 99 -2.66 -24.91 -12.19
C VAL B 99 -3.26 -26.11 -11.47
N ARG B 100 -3.04 -27.30 -12.01
CA ARG B 100 -3.48 -28.53 -11.35
C ARG B 100 -2.51 -28.89 -10.23
N LYS B 101 -3.06 -29.34 -9.11
CA LYS B 101 -2.25 -29.76 -7.96
C LYS B 101 -1.26 -30.84 -8.37
N GLY B 102 0.03 -30.52 -8.34
CA GLY B 102 1.06 -31.44 -8.77
C GLY B 102 1.60 -31.11 -10.14
N ASN B 103 1.90 -29.83 -10.36
CA ASN B 103 2.43 -29.36 -11.64
C ASN B 103 3.51 -28.33 -11.34
N GLU B 104 4.77 -28.74 -11.49
CA GLU B 104 5.90 -27.83 -11.31
C GLU B 104 6.47 -27.33 -12.63
N ALA B 105 5.89 -27.72 -13.76
CA ALA B 105 6.32 -27.19 -15.04
C ALA B 105 5.89 -25.73 -15.22
N ILE B 106 4.94 -25.25 -14.43
CA ILE B 106 4.47 -23.87 -14.50
C ILE B 106 4.67 -23.23 -13.14
N LYS B 107 5.40 -22.12 -13.11
CA LYS B 107 5.63 -21.41 -11.85
C LYS B 107 5.53 -19.89 -12.00
N GLY B 108 4.80 -19.40 -13.00
CA GLY B 108 4.68 -17.98 -13.20
C GLY B 108 4.11 -17.68 -14.58
N ILE B 109 4.07 -16.39 -14.89
CA ILE B 109 3.52 -15.95 -16.17
C ILE B 109 4.48 -16.30 -17.30
N ASP B 110 5.78 -16.40 -17.02
CA ASP B 110 6.74 -16.72 -18.06
C ASP B 110 6.67 -18.19 -18.46
N ASP B 111 6.35 -19.07 -17.51
CA ASP B 111 6.30 -20.50 -17.77
C ASP B 111 5.05 -20.94 -18.52
N LEU B 112 4.15 -20.01 -18.86
CA LEU B 112 2.99 -20.35 -19.66
C LEU B 112 3.33 -20.59 -21.13
N ALA B 113 4.57 -20.30 -21.54
CA ALA B 113 4.98 -20.51 -22.92
C ALA B 113 4.83 -21.98 -23.29
N GLY B 114 4.02 -22.25 -24.31
CA GLY B 114 3.76 -23.61 -24.72
C GLY B 114 2.73 -24.32 -23.87
N LYS B 115 1.67 -23.61 -23.48
CA LYS B 115 0.61 -24.16 -22.65
C LYS B 115 -0.73 -23.63 -23.11
N THR B 116 -1.78 -24.39 -22.81
CA THR B 116 -3.16 -23.99 -23.10
C THR B 116 -3.74 -23.39 -21.83
N VAL B 117 -3.87 -22.06 -21.80
CA VAL B 117 -4.27 -21.33 -20.60
C VAL B 117 -5.68 -20.78 -20.81
N ALA B 118 -6.58 -21.09 -19.88
CA ALA B 118 -7.98 -20.69 -19.96
C ALA B 118 -8.21 -19.43 -19.13
N VAL B 119 -9.21 -18.65 -19.55
CA VAL B 119 -9.61 -17.43 -18.85
C VAL B 119 -11.09 -17.17 -19.12
N ASN B 120 -11.68 -16.27 -18.34
CA ASN B 120 -13.06 -15.86 -18.56
C ASN B 120 -13.14 -14.87 -19.72
N LEU B 121 -14.11 -15.09 -20.61
CA LEU B 121 -14.28 -14.21 -21.76
C LEU B 121 -14.72 -12.83 -21.29
N GLY B 122 -14.06 -11.80 -21.84
CA GLY B 122 -14.37 -10.43 -21.47
C GLY B 122 -13.81 -9.96 -20.16
N SER B 123 -12.95 -10.74 -19.52
CA SER B 123 -12.37 -10.38 -18.25
C SER B 123 -11.10 -9.57 -18.44
N ASN B 124 -10.69 -8.88 -17.37
CA ASN B 124 -9.40 -8.19 -17.39
C ASN B 124 -8.26 -9.19 -17.50
N PHE B 125 -8.45 -10.41 -16.96
CA PHE B 125 -7.39 -11.40 -16.98
C PHE B 125 -7.06 -11.84 -18.39
N GLU B 126 -8.04 -11.84 -19.29
CA GLU B 126 -7.75 -12.16 -20.69
C GLU B 126 -6.78 -11.17 -21.30
N GLN B 127 -6.97 -9.88 -21.03
CA GLN B 127 -6.04 -8.88 -21.53
C GLN B 127 -4.69 -8.98 -20.85
N LEU B 128 -4.69 -9.25 -19.54
CA LEU B 128 -3.43 -9.46 -18.83
C LEU B 128 -2.60 -10.55 -19.48
N LEU B 129 -3.25 -11.63 -19.92
CA LEU B 129 -2.55 -12.67 -20.66
C LEU B 129 -2.12 -12.17 -22.04
N ARG B 130 -3.07 -11.59 -22.80
CA ARG B 130 -2.77 -11.14 -24.15
C ARG B 130 -1.68 -10.07 -24.16
N ASN B 131 -1.63 -9.24 -23.12
CA ASN B 131 -0.54 -8.27 -23.02
C ASN B 131 0.80 -8.96 -22.80
N HIS B 132 0.86 -9.87 -21.83
CA HIS B 132 2.08 -10.62 -21.58
C HIS B 132 2.40 -11.60 -22.69
N ASP B 133 1.42 -11.96 -23.51
CA ASP B 133 1.63 -12.86 -24.65
C ASP B 133 1.56 -12.02 -25.92
N LYS B 134 2.63 -11.28 -26.19
CA LYS B 134 2.76 -10.51 -27.41
C LYS B 134 3.55 -11.24 -28.49
N ASP B 135 3.96 -12.49 -28.22
CA ASP B 135 4.66 -13.31 -29.19
C ASP B 135 3.83 -14.47 -29.71
N GLY B 136 2.64 -14.69 -29.16
CA GLY B 136 1.78 -15.76 -29.64
C GLY B 136 2.19 -17.15 -29.20
N LYS B 137 3.11 -17.26 -28.24
CA LYS B 137 3.58 -18.58 -27.82
C LYS B 137 2.62 -19.24 -26.85
N ILE B 138 1.93 -18.45 -26.01
CA ILE B 138 0.98 -18.99 -25.05
C ILE B 138 -0.37 -19.13 -25.74
N ASN B 139 -0.90 -20.35 -25.75
CA ASN B 139 -2.22 -20.61 -26.31
C ASN B 139 -3.27 -20.19 -25.29
N ILE B 140 -4.06 -19.18 -25.63
CA ILE B 140 -5.07 -18.62 -24.72
C ILE B 140 -6.44 -18.98 -25.28
N LYS B 141 -7.21 -19.74 -24.50
CA LYS B 141 -8.55 -20.15 -24.89
C LYS B 141 -9.56 -19.51 -23.94
N THR B 142 -10.62 -18.92 -24.50
CA THR B 142 -11.62 -18.23 -23.71
C THR B 142 -12.70 -19.20 -23.26
N TYR B 143 -13.34 -18.87 -22.14
CA TYR B 143 -14.39 -19.72 -21.58
C TYR B 143 -15.41 -18.85 -20.87
N ASP B 144 -16.62 -19.38 -20.75
CA ASP B 144 -17.67 -18.78 -19.91
C ASP B 144 -17.79 -19.45 -18.56
N THR B 145 -17.75 -20.78 -18.51
CA THR B 145 -17.81 -21.54 -17.26
C THR B 145 -16.84 -22.70 -17.33
N GLY B 146 -16.65 -23.35 -16.20
CA GLY B 146 -15.82 -24.54 -16.14
C GLY B 146 -14.35 -24.31 -16.36
N ILE B 147 -13.86 -23.10 -16.09
CA ILE B 147 -12.43 -22.84 -16.28
C ILE B 147 -11.62 -23.51 -15.18
N GLU B 148 -12.21 -23.71 -14.00
CA GLU B 148 -11.50 -24.36 -12.90
C GLU B 148 -11.62 -25.87 -12.99
N HIS B 149 -12.69 -26.37 -13.60
CA HIS B 149 -12.87 -27.82 -13.73
C HIS B 149 -12.00 -28.38 -14.86
N ASP B 150 -11.83 -27.62 -15.94
CA ASP B 150 -11.02 -28.10 -17.06
C ASP B 150 -9.54 -28.26 -16.66
N VAL B 151 -9.08 -27.43 -15.72
CA VAL B 151 -7.69 -27.53 -15.29
C VAL B 151 -7.48 -28.77 -14.42
N ALA B 152 -8.48 -29.14 -13.63
CA ALA B 152 -8.38 -30.37 -12.85
C ALA B 152 -8.39 -31.59 -13.76
N LEU B 153 -9.18 -31.55 -14.83
CA LEU B 153 -9.24 -32.65 -15.78
C LEU B 153 -8.09 -32.63 -16.78
N GLY B 154 -7.12 -31.72 -16.63
CA GLY B 154 -6.00 -31.63 -17.54
C GLY B 154 -6.32 -31.05 -18.89
N ARG B 155 -7.57 -30.65 -19.14
CA ARG B 155 -7.93 -30.08 -20.44
C ARG B 155 -7.21 -28.76 -20.67
N ALA B 156 -6.98 -27.98 -19.62
CA ALA B 156 -6.17 -26.78 -19.67
C ALA B 156 -5.05 -26.90 -18.64
N ASP B 157 -3.85 -26.47 -19.02
CA ASP B 157 -2.70 -26.58 -18.12
C ASP B 157 -2.81 -25.59 -16.96
N ALA B 158 -3.41 -24.43 -17.19
CA ALA B 158 -3.52 -23.41 -16.15
C ALA B 158 -4.70 -22.49 -16.48
N PHE B 159 -5.09 -21.69 -15.49
CA PHE B 159 -6.06 -20.64 -15.69
C PHE B 159 -5.66 -19.45 -14.84
N VAL B 160 -6.19 -18.27 -15.20
CA VAL B 160 -5.83 -17.01 -14.55
C VAL B 160 -7.09 -16.38 -13.99
N MET B 161 -7.04 -15.98 -12.72
CA MET B 161 -8.13 -15.24 -12.10
C MET B 161 -7.58 -14.52 -10.88
N ASP B 162 -8.42 -14.32 -9.86
CA ASP B 162 -7.98 -13.65 -8.64
C ASP B 162 -7.42 -14.67 -7.65
N ARG B 163 -6.67 -14.16 -6.67
CA ARG B 163 -6.08 -15.04 -5.67
C ARG B 163 -7.13 -15.54 -4.68
N LEU B 164 -8.07 -14.69 -4.31
CA LEU B 164 -9.05 -15.03 -3.27
C LEU B 164 -9.86 -16.25 -3.66
N SER B 165 -10.53 -16.20 -4.81
CA SER B 165 -11.39 -17.30 -5.23
C SER B 165 -10.58 -18.57 -5.49
N ALA B 166 -9.32 -18.44 -5.89
CA ALA B 166 -8.50 -19.62 -6.12
C ALA B 166 -8.21 -20.34 -4.81
N LEU B 167 -7.76 -19.60 -3.79
CA LEU B 167 -7.47 -20.22 -2.50
C LEU B 167 -8.74 -20.72 -1.82
N GLU B 168 -9.87 -20.04 -2.04
CA GLU B 168 -11.13 -20.50 -1.47
C GLU B 168 -11.60 -21.81 -2.11
N LEU B 169 -11.19 -22.06 -3.36
CA LEU B 169 -11.50 -23.32 -4.02
C LEU B 169 -10.58 -24.44 -3.56
N ILE B 170 -9.40 -24.11 -3.04
CA ILE B 170 -8.45 -25.15 -2.64
C ILE B 170 -8.71 -25.60 -1.20
N GLU B 171 -8.91 -24.64 -0.29
CA GLU B 171 -8.95 -24.93 1.13
C GLU B 171 -10.35 -25.27 1.64
N LYS B 172 -11.37 -24.55 1.18
CA LYS B 172 -12.72 -24.78 1.67
C LYS B 172 -13.51 -25.78 0.82
N THR B 173 -13.27 -25.79 -0.49
CA THR B 173 -13.96 -26.76 -1.35
C THR B 173 -13.14 -28.02 -1.55
N GLY B 174 -11.85 -27.87 -1.84
CA GLY B 174 -10.97 -29.01 -1.98
C GLY B 174 -10.72 -29.42 -3.42
N LEU B 175 -10.53 -28.45 -4.30
CA LEU B 175 -10.29 -28.77 -5.69
C LEU B 175 -8.82 -29.13 -5.91
N PRO B 176 -8.54 -30.14 -6.74
CA PRO B 176 -7.15 -30.53 -6.98
C PRO B 176 -6.39 -29.49 -7.78
N LEU B 177 -6.23 -28.29 -7.20
CA LEU B 177 -5.54 -27.19 -7.84
C LEU B 177 -4.56 -26.58 -6.86
N GLN B 178 -3.60 -25.81 -7.39
CA GLN B 178 -2.61 -25.15 -6.56
C GLN B 178 -2.14 -23.88 -7.25
N LEU B 179 -1.63 -22.95 -6.45
CA LEU B 179 -1.14 -21.69 -6.97
C LEU B 179 0.19 -21.88 -7.67
N ALA B 180 0.40 -21.12 -8.75
CA ALA B 180 1.63 -21.16 -9.53
C ALA B 180 2.24 -19.75 -9.53
N GLY B 181 3.18 -19.52 -8.62
CA GLY B 181 3.85 -18.23 -8.54
C GLY B 181 3.04 -17.19 -7.79
N SER B 182 3.66 -16.02 -7.66
CA SER B 182 3.04 -14.88 -6.99
C SER B 182 2.07 -14.19 -7.93
N PRO B 183 1.20 -13.33 -7.40
CA PRO B 183 0.37 -12.50 -8.27
C PRO B 183 1.22 -11.61 -9.17
N PHE B 184 0.88 -11.58 -10.45
CA PHE B 184 1.67 -10.86 -11.45
C PHE B 184 1.07 -9.50 -11.79
N GLU B 185 0.01 -9.08 -11.10
CA GLU B 185 -0.61 -7.78 -11.34
C GLU B 185 -1.64 -7.54 -10.25
N THR B 186 -1.66 -6.31 -9.73
CA THR B 186 -2.67 -5.90 -8.77
C THR B 186 -3.95 -5.49 -9.47
N ILE B 187 -5.09 -5.75 -8.84
CA ILE B 187 -6.39 -5.37 -9.40
C ILE B 187 -7.17 -4.62 -8.33
N GLU B 188 -7.74 -3.48 -8.71
CA GLU B 188 -8.66 -2.72 -7.87
C GLU B 188 -10.08 -3.01 -8.34
N ASN B 189 -10.86 -3.69 -7.51
CA ASN B 189 -12.20 -4.12 -7.87
C ASN B 189 -13.22 -3.14 -7.31
N ALA B 190 -14.00 -2.52 -8.19
CA ALA B 190 -15.03 -1.57 -7.79
C ALA B 190 -16.36 -1.91 -8.46
N TRP B 191 -17.30 -0.98 -8.43
CA TRP B 191 -18.60 -1.16 -9.07
C TRP B 191 -18.75 -0.16 -10.21
N PRO B 192 -19.03 -0.59 -11.44
CA PRO B 192 -19.16 0.34 -12.55
C PRO B 192 -20.56 0.92 -12.67
N PHE B 193 -20.62 2.10 -13.29
CA PHE B 193 -21.87 2.72 -13.68
C PHE B 193 -21.66 3.43 -15.01
N VAL B 194 -22.76 3.78 -15.65
CA VAL B 194 -22.72 4.55 -16.89
C VAL B 194 -22.68 6.03 -16.57
N ASN B 195 -21.99 6.79 -17.40
CA ASN B 195 -21.82 8.23 -17.17
C ASN B 195 -23.09 8.95 -17.63
N ASN B 196 -24.09 8.94 -16.75
CA ASN B 196 -25.32 9.71 -16.93
C ASN B 196 -25.80 10.15 -15.55
N GLU B 197 -26.96 10.82 -15.54
CA GLU B 197 -27.48 11.38 -14.30
C GLU B 197 -27.63 10.31 -13.22
N LYS B 198 -28.20 9.16 -13.58
CA LYS B 198 -28.40 8.10 -12.60
C LYS B 198 -27.08 7.47 -12.17
N GLY B 199 -26.16 7.28 -13.12
CA GLY B 199 -24.87 6.69 -12.79
C GLY B 199 -24.04 7.58 -11.90
N GLN B 200 -24.11 8.90 -12.11
CA GLN B 200 -23.42 9.84 -11.24
C GLN B 200 -24.04 9.84 -9.84
N GLN B 201 -25.37 9.73 -9.76
CA GLN B 201 -26.03 9.71 -8.46
C GLN B 201 -25.69 8.45 -7.69
N LEU B 202 -25.60 7.31 -8.37
CA LEU B 202 -25.29 6.06 -7.69
C LEU B 202 -23.84 6.03 -7.20
N GLN B 203 -22.92 6.63 -7.96
CA GLN B 203 -21.51 6.60 -7.58
C GLN B 203 -21.29 7.27 -6.23
N GLY B 204 -21.86 8.45 -6.03
CA GLY B 204 -21.72 9.12 -4.75
C GLY B 204 -22.46 8.42 -3.63
N GLU B 205 -23.63 7.85 -3.94
CA GLU B 205 -24.39 7.12 -2.93
C GLU B 205 -23.65 5.86 -2.49
N VAL B 206 -23.12 5.10 -3.45
CA VAL B 206 -22.43 3.87 -3.12
C VAL B 206 -21.14 4.16 -2.36
N ASN B 207 -20.43 5.22 -2.75
CA ASN B 207 -19.21 5.59 -2.05
C ASN B 207 -19.47 5.96 -0.60
N LYS B 208 -20.62 6.57 -0.32
CA LYS B 208 -20.96 6.90 1.07
C LYS B 208 -21.23 5.63 1.87
N ALA B 209 -22.06 4.74 1.33
CA ALA B 209 -22.36 3.50 2.03
C ALA B 209 -21.11 2.65 2.23
N LEU B 210 -20.22 2.65 1.24
CA LEU B 210 -18.99 1.89 1.35
C LEU B 210 -18.12 2.39 2.50
N ALA B 211 -17.90 3.70 2.57
CA ALA B 211 -17.09 4.26 3.64
C ALA B 211 -17.76 4.06 5.00
N ALA B 212 -19.10 4.08 5.04
CA ALA B 212 -19.79 3.82 6.29
C ALA B 212 -19.69 2.35 6.68
N MET B 213 -19.77 1.45 5.70
CA MET B 213 -19.59 0.03 5.98
C MET B 213 -18.16 -0.28 6.42
N ARG B 214 -17.19 0.47 5.93
CA ARG B 214 -15.81 0.29 6.39
C ARG B 214 -15.65 0.75 7.83
N ALA B 215 -16.23 1.90 8.18
CA ALA B 215 -15.99 2.49 9.48
C ALA B 215 -16.61 1.66 10.61
N ASP B 216 -17.82 1.15 10.39
CA ASP B 216 -18.51 0.40 11.44
C ASP B 216 -18.17 -1.08 11.45
N GLY B 217 -17.31 -1.54 10.54
CA GLY B 217 -16.89 -2.92 10.51
C GLY B 217 -17.82 -3.89 9.83
N THR B 218 -18.91 -3.41 9.23
CA THR B 218 -19.84 -4.30 8.53
C THR B 218 -19.17 -4.94 7.32
N LEU B 219 -18.43 -4.16 6.53
CA LEU B 219 -17.74 -4.70 5.38
C LEU B 219 -16.72 -5.75 5.78
N SER B 220 -16.10 -5.59 6.95
CA SER B 220 -15.18 -6.61 7.44
C SER B 220 -15.92 -7.89 7.82
N GLN B 221 -17.03 -7.74 8.55
CA GLN B 221 -17.85 -8.89 8.94
C GLN B 221 -18.27 -9.70 7.73
N ILE B 222 -18.62 -9.02 6.63
CA ILE B 222 -19.04 -9.71 5.42
C ILE B 222 -17.86 -10.45 4.79
N ALA B 223 -16.67 -9.84 4.82
CA ALA B 223 -15.51 -10.49 4.23
C ALA B 223 -15.09 -11.71 5.03
N LEU B 224 -15.09 -11.61 6.36
CA LEU B 224 -14.75 -12.76 7.19
C LEU B 224 -15.81 -13.85 7.11
N LYS B 225 -17.05 -13.47 6.78
CA LYS B 225 -18.12 -14.45 6.67
C LYS B 225 -17.93 -15.36 5.47
N TRP B 226 -17.26 -14.88 4.42
CA TRP B 226 -17.10 -15.64 3.20
C TRP B 226 -15.67 -16.04 2.90
N PHE B 227 -14.68 -15.43 3.56
CA PHE B 227 -13.28 -15.74 3.30
C PHE B 227 -12.46 -16.07 4.53
N GLY B 228 -13.01 -15.90 5.73
CA GLY B 228 -12.23 -16.09 6.93
C GLY B 228 -11.08 -15.13 7.11
N THR B 229 -10.95 -14.14 6.23
CA THR B 229 -9.90 -13.13 6.33
C THR B 229 -10.44 -11.82 5.76
N ASP B 230 -9.97 -10.71 6.30
CA ASP B 230 -10.47 -9.41 5.87
C ASP B 230 -9.92 -9.05 4.51
N ILE B 231 -10.64 -9.41 3.44
CA ILE B 231 -10.17 -9.11 2.09
C ILE B 231 -10.31 -7.64 1.75
N SER B 232 -11.12 -6.90 2.50
CA SER B 232 -11.30 -5.48 2.24
C SER B 232 -10.11 -4.67 2.73
N GLN B 233 -9.29 -5.22 3.62
CA GLN B 233 -8.09 -4.52 4.09
C GLN B 233 -6.90 -4.82 3.18
N ALA C 7 -12.71 -50.89 -46.39
CA ALA C 7 -12.49 -49.70 -45.57
C ALA C 7 -13.82 -49.03 -45.20
N THR C 8 -14.64 -49.74 -44.43
CA THR C 8 -15.91 -49.20 -43.99
C THR C 8 -15.69 -48.00 -43.09
N GLU C 9 -16.31 -46.87 -43.43
CA GLU C 9 -16.25 -45.68 -42.59
C GLU C 9 -17.26 -45.80 -41.47
N VAL C 10 -16.80 -45.71 -40.23
CA VAL C 10 -17.65 -45.77 -39.06
C VAL C 10 -17.48 -44.48 -38.27
N LYS C 11 -18.59 -43.82 -37.97
CA LYS C 11 -18.59 -42.59 -37.19
C LYS C 11 -19.00 -42.93 -35.77
N VAL C 12 -18.06 -42.78 -34.83
CA VAL C 12 -18.26 -43.16 -33.45
C VAL C 12 -18.60 -41.91 -32.64
N GLY C 13 -19.74 -41.93 -31.97
CA GLY C 13 -20.22 -40.78 -31.22
C GLY C 13 -19.83 -40.89 -29.75
N MET C 14 -19.38 -39.77 -29.19
CA MET C 14 -18.97 -39.70 -27.80
C MET C 14 -18.99 -38.26 -27.35
N SER C 15 -19.31 -38.04 -26.08
CA SER C 15 -19.42 -36.68 -25.57
C SER C 15 -18.06 -36.00 -25.47
N GLY C 16 -17.00 -36.77 -25.21
CA GLY C 16 -15.68 -36.17 -25.03
C GLY C 16 -15.50 -35.43 -23.74
N ARG C 17 -16.44 -35.56 -22.79
CA ARG C 17 -16.36 -34.90 -21.49
C ARG C 17 -16.78 -35.89 -20.41
N TYR C 18 -16.10 -37.04 -20.37
CA TYR C 18 -16.50 -38.16 -19.51
C TYR C 18 -15.24 -38.94 -19.13
N PHE C 19 -14.42 -38.35 -18.26
CA PHE C 19 -13.21 -39.00 -17.81
C PHE C 19 -13.53 -40.24 -16.98
N PRO C 20 -12.79 -41.34 -17.17
CA PRO C 20 -11.70 -41.55 -18.11
C PRO C 20 -12.15 -42.24 -19.39
N PHE C 21 -13.46 -42.29 -19.64
CA PHE C 21 -13.97 -42.98 -20.82
C PHE C 21 -13.73 -42.16 -22.08
N THR C 22 -14.18 -40.91 -22.08
CA THR C 22 -14.01 -40.01 -23.22
C THR C 22 -13.69 -38.63 -22.67
N PHE C 23 -12.48 -38.14 -22.93
CA PHE C 23 -12.07 -36.85 -22.40
C PHE C 23 -10.98 -36.27 -23.28
N VAL C 24 -10.87 -34.95 -23.27
CA VAL C 24 -9.85 -34.23 -24.01
C VAL C 24 -8.76 -33.81 -23.05
N LYS C 25 -7.50 -33.97 -23.46
CA LYS C 25 -6.36 -33.59 -22.64
C LYS C 25 -5.17 -33.36 -23.55
N GLN C 26 -4.53 -32.20 -23.41
CA GLN C 26 -3.41 -31.79 -24.28
C GLN C 26 -3.84 -31.81 -25.75
N ASP C 27 -5.06 -31.34 -26.00
CA ASP C 27 -5.60 -31.14 -27.35
C ASP C 27 -5.60 -32.44 -28.15
N GLU C 28 -6.34 -33.42 -27.64
CA GLU C 28 -6.59 -34.67 -28.33
C GLU C 28 -7.70 -35.43 -27.64
N LEU C 29 -8.61 -36.00 -28.41
CA LEU C 29 -9.68 -36.83 -27.87
C LEU C 29 -9.12 -38.22 -27.56
N GLN C 30 -9.32 -38.67 -26.32
CA GLN C 30 -8.73 -39.92 -25.85
C GLN C 30 -9.67 -40.56 -24.84
N GLY C 31 -9.30 -41.75 -24.37
CA GLY C 31 -10.08 -42.43 -23.36
C GLY C 31 -10.27 -43.92 -23.62
N PHE C 32 -10.98 -44.58 -22.69
CA PHE C 32 -11.22 -46.01 -22.83
C PHE C 32 -12.04 -46.33 -24.07
N GLU C 33 -12.99 -45.45 -24.42
CA GLU C 33 -13.82 -45.67 -25.59
C GLU C 33 -13.01 -45.48 -26.88
N VAL C 34 -12.02 -44.59 -26.85
CA VAL C 34 -11.23 -44.33 -28.06
C VAL C 34 -10.30 -45.50 -28.34
N ASP C 35 -9.63 -46.01 -27.31
CA ASP C 35 -8.67 -47.09 -27.51
C ASP C 35 -9.36 -48.37 -27.96
N VAL C 36 -10.59 -48.60 -27.50
CA VAL C 36 -11.32 -49.80 -27.90
C VAL C 36 -11.71 -49.73 -29.37
N TRP C 37 -12.32 -48.61 -29.78
CA TRP C 37 -12.78 -48.48 -31.15
C TRP C 37 -11.64 -48.23 -32.13
N ASN C 38 -10.49 -47.75 -31.66
CA ASN C 38 -9.31 -47.76 -32.53
C ASN C 38 -8.76 -49.17 -32.67
N GLU C 39 -9.08 -50.07 -31.74
CA GLU C 39 -8.66 -51.45 -31.88
C GLU C 39 -9.68 -52.25 -32.69
N ILE C 40 -10.98 -51.99 -32.46
CA ILE C 40 -12.02 -52.59 -33.30
C ILE C 40 -11.81 -52.20 -34.76
N GLY C 41 -11.48 -50.93 -35.01
CA GLY C 41 -11.26 -50.49 -36.38
C GLY C 41 -10.05 -51.13 -37.02
N LYS C 42 -9.09 -51.60 -36.21
CA LYS C 42 -7.92 -52.27 -36.77
C LYS C 42 -8.27 -53.70 -37.21
N ARG C 43 -8.97 -54.44 -36.36
CA ARG C 43 -9.24 -55.84 -36.66
C ARG C 43 -10.22 -56.00 -37.82
N ASN C 44 -11.20 -55.10 -37.91
CA ASN C 44 -12.21 -55.15 -38.95
C ASN C 44 -11.93 -54.20 -40.11
N ASP C 45 -10.83 -53.44 -40.04
CA ASP C 45 -10.42 -52.50 -41.07
C ASP C 45 -11.51 -51.45 -41.32
N TYR C 46 -11.73 -50.64 -40.28
CA TYR C 46 -12.69 -49.55 -40.32
C TYR C 46 -11.98 -48.22 -40.52
N LYS C 47 -12.65 -47.31 -41.22
CA LYS C 47 -12.24 -45.91 -41.28
C LYS C 47 -12.97 -45.22 -40.13
N VAL C 48 -12.37 -45.25 -38.95
CA VAL C 48 -13.04 -44.81 -37.72
C VAL C 48 -12.95 -43.31 -37.62
N GLU C 49 -14.08 -42.67 -37.28
CA GLU C 49 -14.16 -41.24 -37.02
C GLU C 49 -14.82 -41.02 -35.68
N PHE C 50 -14.31 -40.07 -34.92
CA PHE C 50 -14.87 -39.71 -33.62
C PHE C 50 -15.59 -38.37 -33.73
N VAL C 51 -16.89 -38.37 -33.50
CA VAL C 51 -17.73 -37.18 -33.61
C VAL C 51 -18.24 -36.85 -32.22
N THR C 52 -17.96 -35.64 -31.75
CA THR C 52 -18.32 -35.22 -30.42
C THR C 52 -19.58 -34.35 -30.44
N ALA C 53 -20.34 -34.45 -29.35
CA ALA C 53 -21.55 -33.67 -29.15
C ALA C 53 -22.03 -33.93 -27.73
N ASN C 54 -22.88 -33.04 -27.22
CA ASN C 54 -23.47 -33.23 -25.90
C ASN C 54 -24.16 -34.58 -25.83
N PHE C 55 -24.10 -35.21 -24.66
CA PHE C 55 -24.59 -36.58 -24.52
C PHE C 55 -26.09 -36.66 -24.81
N SER C 56 -26.85 -35.63 -24.44
CA SER C 56 -28.30 -35.67 -24.61
C SER C 56 -28.72 -35.75 -26.08
N GLY C 57 -27.82 -35.41 -27.00
CA GLY C 57 -28.12 -35.42 -28.41
C GLY C 57 -27.47 -36.52 -29.20
N LEU C 58 -26.80 -37.46 -28.54
CA LEU C 58 -26.08 -38.52 -29.24
C LEU C 58 -27.05 -39.53 -29.84
N LEU C 59 -28.09 -39.90 -29.10
CA LEU C 59 -29.06 -40.87 -29.62
C LEU C 59 -29.84 -40.29 -30.80
N GLY C 60 -30.13 -38.99 -30.76
CA GLY C 60 -30.79 -38.36 -31.89
C GLY C 60 -29.92 -38.35 -33.15
N LEU C 61 -28.62 -38.14 -32.97
CA LEU C 61 -27.70 -38.23 -34.10
C LEU C 61 -27.58 -39.68 -34.58
N LEU C 62 -27.84 -40.64 -33.70
CA LEU C 62 -27.81 -42.04 -34.11
C LEU C 62 -29.04 -42.41 -34.93
N GLU C 63 -30.22 -41.98 -34.48
CA GLU C 63 -31.44 -42.29 -35.21
C GLU C 63 -31.43 -41.62 -36.59
N THR C 64 -31.03 -40.36 -36.65
CA THR C 64 -31.03 -39.63 -37.91
C THR C 64 -29.93 -40.06 -38.87
N GLY C 65 -29.14 -41.06 -38.51
CA GLY C 65 -28.10 -41.56 -39.40
C GLY C 65 -26.86 -40.72 -39.50
N ARG C 66 -26.74 -39.65 -38.69
CA ARG C 66 -25.53 -38.84 -38.72
C ARG C 66 -24.33 -39.61 -38.21
N ILE C 67 -24.53 -40.45 -37.20
CA ILE C 67 -23.47 -41.34 -36.70
C ILE C 67 -23.98 -42.78 -36.79
N ASP C 68 -23.04 -43.71 -36.77
CA ASP C 68 -23.37 -45.12 -36.88
C ASP C 68 -23.52 -45.80 -35.52
N THR C 69 -22.78 -45.34 -34.52
CA THR C 69 -22.81 -45.96 -33.20
C THR C 69 -22.41 -44.91 -32.16
N ILE C 70 -22.47 -45.31 -30.90
CA ILE C 70 -22.12 -44.43 -29.78
C ILE C 70 -21.25 -45.21 -28.81
N SER C 71 -20.00 -44.78 -28.63
CA SER C 71 -19.12 -45.38 -27.63
C SER C 71 -19.05 -44.44 -26.44
N ASN C 72 -20.05 -44.57 -25.56
CA ASN C 72 -20.19 -43.66 -24.43
C ASN C 72 -20.86 -44.38 -23.27
N GLN C 73 -20.54 -45.66 -23.07
CA GLN C 73 -21.08 -46.46 -21.97
C GLN C 73 -22.61 -46.49 -22.00
N ILE C 74 -23.18 -46.67 -23.19
CA ILE C 74 -24.63 -46.64 -23.37
C ILE C 74 -25.22 -47.87 -22.68
N THR C 75 -25.96 -47.64 -21.60
CA THR C 75 -26.56 -48.73 -20.84
C THR C 75 -27.77 -49.29 -21.59
N ILE C 76 -27.81 -50.61 -21.73
CA ILE C 76 -28.91 -51.28 -22.41
C ILE C 76 -30.15 -51.23 -21.52
N THR C 77 -31.23 -50.65 -22.04
CA THR C 77 -32.49 -50.57 -21.34
C THR C 77 -33.61 -51.09 -22.24
N ASP C 78 -34.78 -51.31 -21.63
CA ASP C 78 -35.92 -51.86 -22.37
C ASP C 78 -36.39 -50.91 -23.45
N ALA C 79 -36.34 -49.60 -23.20
CA ALA C 79 -36.77 -48.64 -24.20
C ALA C 79 -35.76 -48.52 -25.34
N ARG C 80 -34.47 -48.50 -25.00
CA ARG C 80 -33.43 -48.43 -26.02
C ARG C 80 -33.33 -49.73 -26.82
N LYS C 81 -33.61 -50.87 -26.18
CA LYS C 81 -33.57 -52.15 -26.89
C LYS C 81 -34.60 -52.19 -28.01
N ALA C 82 -35.81 -51.68 -27.75
CA ALA C 82 -36.86 -51.70 -28.77
C ALA C 82 -36.54 -50.77 -29.93
N LYS C 83 -35.80 -49.69 -29.67
CA LYS C 83 -35.48 -48.74 -30.73
C LYS C 83 -34.25 -49.18 -31.51
N TYR C 84 -33.15 -49.44 -30.82
CA TYR C 84 -31.86 -49.66 -31.46
C TYR C 84 -31.44 -51.12 -31.37
N LEU C 85 -30.39 -51.45 -32.12
CA LEU C 85 -29.72 -52.74 -32.01
C LEU C 85 -28.47 -52.57 -31.15
N PHE C 86 -28.26 -53.50 -30.22
CA PHE C 86 -27.15 -53.42 -29.29
C PHE C 86 -26.17 -54.56 -29.53
N SER C 87 -24.91 -54.29 -29.23
CA SER C 87 -23.87 -55.31 -29.25
C SER C 87 -23.86 -56.05 -27.91
N ASP C 88 -22.88 -56.92 -27.73
CA ASP C 88 -22.73 -57.55 -26.43
C ASP C 88 -22.08 -56.57 -25.45
N PRO C 89 -22.47 -56.59 -24.19
CA PRO C 89 -21.92 -55.61 -23.23
C PRO C 89 -20.42 -55.78 -23.08
N TYR C 90 -19.70 -54.66 -23.16
CA TYR C 90 -18.26 -54.65 -23.02
C TYR C 90 -17.80 -54.16 -21.66
N VAL C 91 -18.70 -53.59 -20.86
CA VAL C 91 -18.42 -53.16 -19.48
C VAL C 91 -19.69 -53.38 -18.66
N ILE C 92 -19.57 -54.13 -17.57
CA ILE C 92 -20.63 -54.26 -16.59
C ILE C 92 -20.30 -53.33 -15.43
N ASP C 93 -21.30 -52.58 -14.97
CA ASP C 93 -21.07 -51.55 -13.96
C ASP C 93 -22.34 -51.40 -13.13
N GLY C 94 -22.32 -50.44 -12.22
CA GLY C 94 -23.44 -50.20 -11.34
C GLY C 94 -23.71 -48.73 -11.12
N ALA C 95 -25.00 -48.38 -11.00
CA ALA C 95 -25.38 -46.99 -10.81
C ALA C 95 -25.00 -46.54 -9.40
N GLN C 96 -24.35 -45.38 -9.31
CA GLN C 96 -23.77 -44.91 -8.06
C GLN C 96 -24.24 -43.49 -7.76
N ILE C 97 -24.52 -43.22 -6.50
CA ILE C 97 -24.78 -41.88 -6.00
C ILE C 97 -23.49 -41.33 -5.41
N THR C 98 -23.13 -40.12 -5.79
CA THR C 98 -21.90 -39.48 -5.33
C THR C 98 -22.23 -38.11 -4.75
N VAL C 99 -21.60 -37.78 -3.62
CA VAL C 99 -21.84 -36.54 -2.91
C VAL C 99 -20.52 -35.83 -2.69
N ARG C 100 -20.61 -34.62 -2.13
CA ARG C 100 -19.41 -33.88 -1.76
C ARG C 100 -18.74 -34.55 -0.57
N LYS C 101 -17.41 -34.54 -0.56
CA LYS C 101 -16.66 -35.20 0.49
C LYS C 101 -16.97 -34.56 1.85
N GLY C 102 -16.96 -35.40 2.88
CA GLY C 102 -17.31 -34.94 4.21
C GLY C 102 -18.80 -34.85 4.45
N ASN C 103 -19.58 -35.75 3.85
CA ASN C 103 -21.04 -35.73 3.98
C ASN C 103 -21.51 -37.16 4.21
N GLU C 104 -22.09 -37.42 5.38
CA GLU C 104 -22.75 -38.68 5.65
C GLU C 104 -24.26 -38.52 5.83
N ALA C 105 -24.81 -37.35 5.44
CA ALA C 105 -26.24 -37.16 5.49
C ALA C 105 -26.98 -37.98 4.45
N ILE C 106 -26.27 -38.50 3.46
CA ILE C 106 -26.86 -39.28 2.37
C ILE C 106 -26.20 -40.65 2.42
N LYS C 107 -26.90 -41.63 2.99
CA LYS C 107 -26.38 -42.99 3.01
C LYS C 107 -26.60 -43.71 1.69
N GLY C 108 -27.60 -43.28 0.93
CA GLY C 108 -27.85 -43.90 -0.36
C GLY C 108 -28.93 -43.16 -1.13
N ILE C 109 -29.52 -43.89 -2.08
CA ILE C 109 -30.58 -43.32 -2.92
C ILE C 109 -31.79 -42.94 -2.09
N ASP C 110 -32.06 -43.67 -1.01
CA ASP C 110 -33.21 -43.39 -0.16
C ASP C 110 -33.04 -42.12 0.66
N ASP C 111 -31.85 -41.54 0.72
CA ASP C 111 -31.63 -40.28 1.42
C ASP C 111 -31.64 -39.08 0.49
N LEU C 112 -31.94 -39.27 -0.79
CA LEU C 112 -32.05 -38.15 -1.72
C LEU C 112 -33.40 -37.45 -1.64
N ALA C 113 -34.27 -37.85 -0.70
CA ALA C 113 -35.57 -37.22 -0.54
C ALA C 113 -35.41 -35.75 -0.17
N GLY C 114 -36.02 -34.88 -0.97
CA GLY C 114 -35.92 -33.45 -0.76
C GLY C 114 -34.62 -32.81 -1.22
N LYS C 115 -33.64 -33.59 -1.63
CA LYS C 115 -32.35 -33.06 -2.02
C LYS C 115 -32.38 -32.61 -3.48
N THR C 116 -31.30 -31.98 -3.90
CA THR C 116 -31.09 -31.55 -5.28
C THR C 116 -30.04 -32.46 -5.91
N VAL C 117 -30.47 -33.30 -6.84
CA VAL C 117 -29.60 -34.32 -7.45
C VAL C 117 -29.38 -33.96 -8.91
N ALA C 118 -28.13 -34.04 -9.35
CA ALA C 118 -27.77 -33.76 -10.74
C ALA C 118 -27.69 -35.06 -11.54
N VAL C 119 -28.06 -34.97 -12.81
CA VAL C 119 -28.05 -36.11 -13.72
C VAL C 119 -27.77 -35.60 -15.14
N ASN C 120 -27.52 -36.53 -16.05
CA ASN C 120 -27.35 -36.22 -17.46
C ASN C 120 -28.69 -36.34 -18.17
N LEU C 121 -29.04 -35.32 -18.94
CA LEU C 121 -30.27 -35.34 -19.71
C LEU C 121 -30.23 -36.47 -20.74
N GLY C 122 -31.27 -37.31 -20.73
CA GLY C 122 -31.35 -38.40 -21.68
C GLY C 122 -30.55 -39.63 -21.34
N SER C 123 -29.98 -39.70 -20.14
CA SER C 123 -29.21 -40.86 -19.73
C SER C 123 -30.10 -41.86 -19.02
N ASN C 124 -29.54 -43.05 -18.78
CA ASN C 124 -30.28 -44.07 -18.02
C ASN C 124 -30.41 -43.66 -16.56
N PHE C 125 -29.41 -42.94 -16.03
CA PHE C 125 -29.44 -42.56 -14.62
C PHE C 125 -30.57 -41.59 -14.32
N GLU C 126 -30.94 -40.75 -15.29
CA GLU C 126 -32.10 -39.87 -15.10
C GLU C 126 -33.39 -40.69 -14.99
N GLN C 127 -33.54 -41.69 -15.86
CA GLN C 127 -34.71 -42.55 -15.80
C GLN C 127 -34.70 -43.41 -14.54
N LEU C 128 -33.53 -43.92 -14.16
CA LEU C 128 -33.43 -44.69 -12.92
C LEU C 128 -33.84 -43.84 -11.71
N LEU C 129 -33.52 -42.55 -11.74
CA LEU C 129 -33.90 -41.67 -10.64
C LEU C 129 -35.42 -41.58 -10.50
N ARG C 130 -36.11 -41.27 -11.60
CA ARG C 130 -37.55 -41.14 -11.56
C ARG C 130 -38.24 -42.45 -11.23
N ASN C 131 -37.58 -43.59 -11.46
CA ASN C 131 -38.12 -44.87 -11.00
C ASN C 131 -38.12 -44.93 -9.48
N HIS C 132 -36.99 -44.58 -8.86
CA HIS C 132 -36.92 -44.55 -7.40
C HIS C 132 -37.63 -43.33 -6.83
N ASP C 133 -37.83 -42.29 -7.63
CA ASP C 133 -38.58 -41.11 -7.21
C ASP C 133 -40.04 -41.21 -7.66
N LYS C 134 -40.71 -42.26 -7.15
CA LYS C 134 -42.11 -42.46 -7.47
C LYS C 134 -42.98 -41.42 -6.77
N ASP C 135 -42.49 -40.84 -5.67
CA ASP C 135 -43.29 -39.89 -4.91
C ASP C 135 -43.22 -38.48 -5.51
N GLY C 136 -42.06 -38.08 -6.02
CA GLY C 136 -41.90 -36.75 -6.55
C GLY C 136 -41.34 -35.76 -5.55
N LYS C 137 -40.48 -36.22 -4.65
CA LYS C 137 -39.90 -35.40 -3.60
C LYS C 137 -38.51 -34.89 -3.94
N ILE C 138 -37.94 -35.31 -5.08
CA ILE C 138 -36.56 -34.99 -5.44
C ILE C 138 -36.57 -33.95 -6.54
N ASN C 139 -35.78 -32.88 -6.35
CA ASN C 139 -35.62 -31.85 -7.36
C ASN C 139 -34.55 -32.31 -8.35
N ILE C 140 -34.96 -33.25 -9.21
CA ILE C 140 -34.06 -33.85 -10.19
C ILE C 140 -33.60 -32.77 -11.18
N LYS C 141 -32.30 -32.52 -11.23
CA LYS C 141 -31.72 -31.45 -12.02
C LYS C 141 -30.91 -32.04 -13.15
N THR C 142 -31.39 -31.89 -14.38
CA THR C 142 -30.73 -32.47 -15.54
C THR C 142 -29.72 -31.49 -16.12
N TYR C 143 -28.62 -32.05 -16.65
CA TYR C 143 -27.55 -31.26 -17.23
C TYR C 143 -27.00 -31.97 -18.45
N ASP C 144 -26.18 -31.24 -19.21
CA ASP C 144 -25.32 -31.83 -20.23
C ASP C 144 -23.86 -31.83 -19.84
N THR C 145 -23.43 -30.91 -18.98
CA THR C 145 -22.05 -30.84 -18.52
C THR C 145 -22.04 -30.35 -17.08
N GLY C 146 -20.94 -30.63 -16.40
CA GLY C 146 -20.67 -30.05 -15.09
C GLY C 146 -21.48 -30.64 -13.95
N ILE C 147 -21.91 -31.89 -14.07
CA ILE C 147 -22.68 -32.50 -12.99
C ILE C 147 -21.79 -32.81 -11.79
N GLU C 148 -20.52 -33.11 -12.03
CA GLU C 148 -19.60 -33.44 -10.95
C GLU C 148 -19.09 -32.20 -10.23
N HIS C 149 -18.94 -31.09 -10.96
CA HIS C 149 -18.47 -29.86 -10.33
C HIS C 149 -19.60 -29.12 -9.63
N ASP C 150 -20.83 -29.27 -10.11
CA ASP C 150 -21.99 -28.69 -9.41
C ASP C 150 -22.10 -29.23 -8.00
N VAL C 151 -21.92 -30.54 -7.83
CA VAL C 151 -21.99 -31.14 -6.50
C VAL C 151 -20.73 -30.83 -5.70
N ALA C 152 -19.57 -30.79 -6.37
CA ALA C 152 -18.31 -30.55 -5.69
C ALA C 152 -18.28 -29.18 -5.03
N LEU C 153 -18.92 -28.18 -5.63
CA LEU C 153 -19.01 -26.85 -5.05
C LEU C 153 -20.27 -26.66 -4.20
N GLY C 154 -21.11 -27.68 -4.07
CA GLY C 154 -22.27 -27.61 -3.21
C GLY C 154 -23.54 -27.10 -3.85
N ARG C 155 -23.51 -26.76 -5.14
CA ARG C 155 -24.73 -26.27 -5.79
C ARG C 155 -25.81 -27.35 -5.86
N ALA C 156 -25.41 -28.59 -6.09
CA ALA C 156 -26.31 -29.74 -6.07
C ALA C 156 -25.88 -30.68 -4.95
N ASP C 157 -26.86 -31.31 -4.28
CA ASP C 157 -26.56 -32.17 -3.15
C ASP C 157 -25.78 -33.41 -3.58
N ALA C 158 -26.23 -34.06 -4.64
CA ALA C 158 -25.59 -35.29 -5.11
C ALA C 158 -25.78 -35.40 -6.62
N PHE C 159 -25.20 -36.45 -7.20
CA PHE C 159 -25.45 -36.78 -8.59
C PHE C 159 -25.41 -38.29 -8.75
N VAL C 160 -25.94 -38.77 -9.88
CA VAL C 160 -26.03 -40.19 -10.17
C VAL C 160 -25.28 -40.47 -11.45
N MET C 161 -24.22 -41.28 -11.36
CA MET C 161 -23.51 -41.80 -12.52
C MET C 161 -23.10 -43.22 -12.21
N ASP C 162 -22.11 -43.72 -12.94
CA ASP C 162 -21.57 -45.04 -12.65
C ASP C 162 -20.53 -44.95 -11.55
N ARG C 163 -20.06 -46.12 -11.09
CA ARG C 163 -19.08 -46.15 -10.01
C ARG C 163 -17.67 -45.92 -10.55
N LEU C 164 -17.38 -46.44 -11.75
CA LEU C 164 -16.01 -46.37 -12.27
C LEU C 164 -15.57 -44.93 -12.51
N SER C 165 -16.46 -44.09 -13.04
CA SER C 165 -16.09 -42.71 -13.33
C SER C 165 -15.76 -41.95 -12.06
N ALA C 166 -16.69 -41.94 -11.10
CA ALA C 166 -16.47 -41.20 -9.86
C ALA C 166 -15.25 -41.72 -9.11
N LEU C 167 -15.02 -43.02 -9.15
CA LEU C 167 -13.86 -43.60 -8.48
C LEU C 167 -12.56 -42.96 -8.97
N GLU C 168 -12.32 -43.01 -10.28
CA GLU C 168 -11.15 -42.35 -10.84
C GLU C 168 -11.24 -40.84 -10.67
N LEU C 169 -12.45 -40.28 -10.66
CA LEU C 169 -12.60 -38.85 -10.42
C LEU C 169 -12.25 -38.50 -8.97
N ILE C 170 -12.39 -39.45 -8.06
CA ILE C 170 -12.02 -39.25 -6.66
C ILE C 170 -10.60 -39.71 -6.38
N GLU C 171 -10.22 -40.87 -6.89
CA GLU C 171 -8.91 -41.45 -6.57
C GLU C 171 -7.81 -40.82 -7.42
N LYS C 172 -8.01 -40.75 -8.73
CA LYS C 172 -6.93 -40.35 -9.64
C LYS C 172 -6.82 -38.83 -9.80
N THR C 173 -7.92 -38.18 -10.18
CA THR C 173 -7.87 -36.73 -10.40
C THR C 173 -7.96 -35.95 -9.10
N GLY C 174 -8.69 -36.45 -8.11
CA GLY C 174 -8.71 -35.85 -6.79
C GLY C 174 -9.77 -34.80 -6.55
N LEU C 175 -11.00 -35.07 -7.00
CA LEU C 175 -12.08 -34.15 -6.72
C LEU C 175 -12.64 -34.39 -5.31
N PRO C 176 -13.12 -33.35 -4.64
CA PRO C 176 -13.66 -33.51 -3.27
C PRO C 176 -15.03 -34.18 -3.25
N LEU C 177 -15.10 -35.37 -3.85
CA LEU C 177 -16.32 -36.15 -3.94
C LEU C 177 -16.13 -37.48 -3.21
N GLN C 178 -17.25 -38.13 -2.88
CA GLN C 178 -17.20 -39.43 -2.23
C GLN C 178 -18.44 -40.23 -2.62
N LEU C 179 -18.25 -41.54 -2.73
CA LEU C 179 -19.37 -42.43 -3.06
C LEU C 179 -20.30 -42.55 -1.86
N ALA C 180 -21.60 -42.52 -2.13
CA ALA C 180 -22.62 -42.60 -1.08
C ALA C 180 -23.28 -43.98 -1.17
N GLY C 181 -22.76 -44.91 -0.36
CA GLY C 181 -23.32 -46.26 -0.32
C GLY C 181 -22.83 -47.14 -1.45
N SER C 182 -23.48 -48.30 -1.58
CA SER C 182 -23.26 -49.31 -2.59
C SER C 182 -24.15 -49.05 -3.81
N PRO C 183 -23.75 -49.50 -4.99
CA PRO C 183 -24.60 -49.36 -6.18
C PRO C 183 -25.99 -49.92 -5.95
N PHE C 184 -26.99 -49.27 -6.54
CA PHE C 184 -28.39 -49.65 -6.38
C PHE C 184 -28.98 -50.29 -7.62
N GLU C 185 -28.19 -50.54 -8.66
CA GLU C 185 -28.67 -51.19 -9.86
C GLU C 185 -27.47 -51.59 -10.71
N THR C 186 -27.63 -52.65 -11.48
CA THR C 186 -26.62 -53.09 -12.44
C THR C 186 -26.89 -52.47 -13.79
N ILE C 187 -25.83 -52.11 -14.51
CA ILE C 187 -25.95 -51.53 -15.84
C ILE C 187 -25.07 -52.31 -16.80
N GLU C 188 -25.62 -52.61 -17.98
CA GLU C 188 -24.88 -53.31 -19.04
C GLU C 188 -24.70 -52.34 -20.20
N ASN C 189 -23.44 -51.99 -20.48
CA ASN C 189 -23.11 -50.95 -21.46
C ASN C 189 -22.60 -51.61 -22.74
N ALA C 190 -23.32 -51.41 -23.83
CA ALA C 190 -22.94 -51.89 -25.15
C ALA C 190 -22.97 -50.73 -26.13
N TRP C 191 -22.67 -51.03 -27.39
CA TRP C 191 -22.71 -50.00 -28.42
C TRP C 191 -24.02 -50.07 -29.18
N PRO C 192 -24.75 -48.97 -29.31
CA PRO C 192 -26.03 -49.01 -30.03
C PRO C 192 -25.86 -48.87 -31.54
N PHE C 193 -26.78 -49.49 -32.27
CA PHE C 193 -26.83 -49.38 -33.71
C PHE C 193 -28.29 -49.29 -34.14
N VAL C 194 -28.51 -48.61 -35.28
CA VAL C 194 -29.84 -48.51 -35.85
C VAL C 194 -30.15 -49.78 -36.64
N ASN C 195 -31.41 -50.21 -36.59
CA ASN C 195 -31.81 -51.50 -37.15
C ASN C 195 -31.94 -51.41 -38.67
N ASN C 196 -30.81 -51.24 -39.34
CA ASN C 196 -30.79 -51.22 -40.80
C ASN C 196 -29.68 -52.11 -41.34
N GLU C 197 -29.46 -52.07 -42.66
CA GLU C 197 -28.48 -52.93 -43.29
C GLU C 197 -27.09 -52.71 -42.70
N LYS C 198 -26.66 -51.45 -42.63
CA LYS C 198 -25.35 -51.14 -42.08
C LYS C 198 -25.29 -51.42 -40.58
N GLY C 199 -26.40 -51.21 -39.87
CA GLY C 199 -26.42 -51.48 -38.44
C GLY C 199 -26.31 -52.95 -38.12
N GLN C 200 -27.09 -53.78 -38.81
CA GLN C 200 -27.02 -55.23 -38.61
C GLN C 200 -25.64 -55.76 -38.96
N GLN C 201 -25.03 -55.20 -40.01
CA GLN C 201 -23.68 -55.61 -40.39
C GLN C 201 -22.68 -55.25 -39.30
N LEU C 202 -22.75 -54.02 -38.80
CA LEU C 202 -21.82 -53.59 -37.75
C LEU C 202 -22.03 -54.39 -36.46
N GLN C 203 -23.28 -54.68 -36.13
CA GLN C 203 -23.58 -55.37 -34.88
C GLN C 203 -22.88 -56.72 -34.80
N GLY C 204 -22.93 -57.50 -35.88
CA GLY C 204 -22.25 -58.78 -35.89
C GLY C 204 -20.74 -58.65 -36.00
N GLU C 205 -20.26 -57.64 -36.72
CA GLU C 205 -18.83 -57.45 -36.89
C GLU C 205 -18.17 -56.93 -35.61
N VAL C 206 -18.89 -56.09 -34.86
CA VAL C 206 -18.34 -55.58 -33.61
C VAL C 206 -18.33 -56.66 -32.54
N ASN C 207 -19.35 -57.54 -32.55
CA ASN C 207 -19.39 -58.62 -31.56
C ASN C 207 -18.22 -59.57 -31.73
N LYS C 208 -17.85 -59.88 -32.98
CA LYS C 208 -16.70 -60.75 -33.20
C LYS C 208 -15.41 -60.06 -32.78
N ALA C 209 -15.30 -58.76 -33.03
CA ALA C 209 -14.11 -58.02 -32.60
C ALA C 209 -14.03 -57.94 -31.07
N LEU C 210 -15.18 -57.76 -30.42
CA LEU C 210 -15.19 -57.70 -28.96
C LEU C 210 -14.85 -59.05 -28.34
N ALA C 211 -15.39 -60.14 -28.90
CA ALA C 211 -15.08 -61.47 -28.39
C ALA C 211 -13.61 -61.82 -28.59
N ALA C 212 -13.01 -61.37 -29.70
CA ALA C 212 -11.59 -61.61 -29.91
C ALA C 212 -10.73 -60.73 -29.02
N MET C 213 -11.23 -59.55 -28.63
CA MET C 213 -10.50 -58.70 -27.71
C MET C 213 -10.55 -59.24 -26.29
N ARG C 214 -11.66 -59.87 -25.90
CA ARG C 214 -11.74 -60.49 -24.58
C ARG C 214 -10.84 -61.71 -24.48
N ALA C 215 -10.61 -62.41 -25.58
CA ALA C 215 -9.88 -63.67 -25.55
C ALA C 215 -8.37 -63.45 -25.54
N ASP C 216 -7.87 -62.57 -26.41
CA ASP C 216 -6.44 -62.31 -26.49
C ASP C 216 -5.96 -61.33 -25.43
N GLY C 217 -6.85 -60.77 -24.62
CA GLY C 217 -6.45 -59.88 -23.56
C GLY C 217 -6.29 -58.43 -23.94
N THR C 218 -6.66 -58.05 -25.16
CA THR C 218 -6.56 -56.65 -25.56
C THR C 218 -7.50 -55.78 -24.73
N LEU C 219 -8.75 -56.22 -24.54
CA LEU C 219 -9.71 -55.46 -23.76
C LEU C 219 -9.24 -55.29 -22.32
N SER C 220 -8.57 -56.29 -21.76
CA SER C 220 -8.08 -56.16 -20.39
C SER C 220 -6.93 -55.17 -20.30
N GLN C 221 -6.01 -55.19 -21.27
CA GLN C 221 -4.90 -54.25 -21.24
C GLN C 221 -5.39 -52.81 -21.37
N ILE C 222 -6.46 -52.60 -22.15
CA ILE C 222 -7.02 -51.26 -22.28
C ILE C 222 -7.72 -50.84 -20.98
N ALA C 223 -8.42 -51.78 -20.35
CA ALA C 223 -9.11 -51.46 -19.10
C ALA C 223 -8.12 -51.11 -18.00
N LEU C 224 -7.03 -51.86 -17.90
CA LEU C 224 -6.03 -51.58 -16.87
C LEU C 224 -5.31 -50.26 -17.11
N LYS C 225 -5.18 -49.86 -18.38
CA LYS C 225 -4.49 -48.61 -18.70
C LYS C 225 -5.27 -47.40 -18.21
N TRP C 226 -6.59 -47.44 -18.30
CA TRP C 226 -7.43 -46.29 -17.95
C TRP C 226 -8.04 -46.39 -16.57
N PHE C 227 -7.90 -47.52 -15.88
CA PHE C 227 -8.52 -47.71 -14.57
C PHE C 227 -7.62 -48.34 -13.52
N GLY C 228 -6.51 -48.96 -13.90
CA GLY C 228 -5.65 -49.65 -12.95
C GLY C 228 -6.18 -50.98 -12.47
N THR C 229 -7.47 -51.25 -12.63
CA THR C 229 -8.07 -52.54 -12.31
C THR C 229 -8.83 -53.04 -13.52
N ASP C 230 -8.89 -54.36 -13.66
CA ASP C 230 -9.55 -54.98 -14.82
C ASP C 230 -11.05 -54.87 -14.64
N ILE C 231 -11.67 -53.92 -15.34
CA ILE C 231 -13.11 -53.74 -15.28
C ILE C 231 -13.85 -54.61 -16.28
N SER C 232 -13.15 -55.23 -17.22
CA SER C 232 -13.79 -56.08 -18.21
C SER C 232 -14.34 -57.37 -17.61
N GLN C 233 -13.87 -57.76 -16.44
CA GLN C 233 -14.34 -58.97 -15.78
C GLN C 233 -15.64 -58.72 -15.04
N ALA D 7 -9.61 26.05 27.11
CA ALA D 7 -9.59 25.66 25.71
C ALA D 7 -8.31 26.16 25.03
N THR D 8 -7.56 25.22 24.43
CA THR D 8 -6.31 25.57 23.78
C THR D 8 -6.58 26.26 22.45
N GLU D 9 -5.87 27.37 22.21
CA GLU D 9 -5.98 28.10 20.95
C GLU D 9 -4.99 27.51 19.95
N VAL D 10 -5.50 27.09 18.79
CA VAL D 10 -4.68 26.49 17.74
C VAL D 10 -4.87 27.30 16.47
N LYS D 11 -3.84 28.03 16.07
CA LYS D 11 -3.84 28.78 14.82
C LYS D 11 -3.29 27.88 13.70
N VAL D 12 -4.14 27.57 12.72
CA VAL D 12 -3.78 26.68 11.63
C VAL D 12 -3.59 27.50 10.37
N GLY D 13 -2.54 27.17 9.61
CA GLY D 13 -2.19 27.91 8.42
C GLY D 13 -2.71 27.23 7.16
N MET D 14 -3.15 28.05 6.20
CA MET D 14 -3.67 27.53 4.94
C MET D 14 -3.62 28.64 3.91
N SER D 15 -3.53 28.25 2.64
CA SER D 15 -3.34 29.23 1.57
C SER D 15 -4.61 30.00 1.26
N GLY D 16 -5.77 29.34 1.36
CA GLY D 16 -7.01 29.97 0.96
C GLY D 16 -7.22 30.05 -0.54
N ARG D 17 -6.36 29.41 -1.32
CA ARG D 17 -6.41 29.46 -2.77
C ARG D 17 -6.11 28.10 -3.37
N TYR D 18 -6.61 27.02 -2.73
CA TYR D 18 -6.25 25.64 -3.08
C TYR D 18 -7.52 24.80 -3.07
N PHE D 19 -8.27 24.85 -4.17
CA PHE D 19 -9.51 24.09 -4.25
C PHE D 19 -9.21 22.61 -4.39
N PRO D 20 -9.96 21.73 -3.71
CA PRO D 20 -11.04 22.03 -2.75
C PRO D 20 -10.59 21.90 -1.31
N PHE D 21 -9.28 21.87 -1.06
CA PHE D 21 -8.78 21.76 0.30
C PHE D 21 -9.03 23.05 1.07
N THR D 22 -8.60 24.18 0.52
CA THR D 22 -8.76 25.47 1.19
C THR D 22 -8.99 26.53 0.12
N PHE D 23 -10.10 27.24 0.22
CA PHE D 23 -10.43 28.24 -0.78
C PHE D 23 -11.51 29.18 -0.21
N VAL D 24 -11.67 30.31 -0.87
CA VAL D 24 -12.70 31.28 -0.53
C VAL D 24 -13.82 31.19 -1.57
N LYS D 25 -15.06 31.19 -1.10
CA LYS D 25 -16.22 31.15 -1.99
C LYS D 25 -17.33 31.95 -1.32
N GLN D 26 -17.66 33.10 -1.91
CA GLN D 26 -18.66 34.02 -1.36
C GLN D 26 -18.23 34.52 0.01
N ASP D 27 -17.01 35.05 0.07
CA ASP D 27 -16.37 35.61 1.28
C ASP D 27 -16.20 34.61 2.40
N GLU D 28 -16.45 33.33 2.18
CA GLU D 28 -16.33 32.31 3.22
C GLU D 28 -15.13 31.43 2.94
N LEU D 29 -14.24 31.32 3.92
CA LEU D 29 -13.16 30.35 3.87
C LEU D 29 -13.71 28.97 4.20
N GLN D 30 -13.43 27.99 3.35
CA GLN D 30 -14.04 26.67 3.50
C GLN D 30 -13.14 25.66 2.81
N GLY D 31 -13.54 24.38 2.87
CA GLY D 31 -12.85 23.33 2.18
C GLY D 31 -12.62 22.12 3.08
N PHE D 32 -11.87 21.16 2.53
CA PHE D 32 -11.60 19.91 3.25
C PHE D 32 -10.79 20.16 4.50
N GLU D 33 -9.74 20.99 4.40
CA GLU D 33 -8.87 21.22 5.55
C GLU D 33 -9.59 21.96 6.67
N VAL D 34 -10.62 22.74 6.32
CA VAL D 34 -11.37 23.47 7.34
C VAL D 34 -12.28 22.53 8.11
N ASP D 35 -13.05 21.71 7.40
CA ASP D 35 -13.98 20.80 8.06
C ASP D 35 -13.25 19.77 8.89
N VAL D 36 -12.05 19.36 8.47
CA VAL D 36 -11.27 18.40 9.24
C VAL D 36 -10.79 19.04 10.54
N TRP D 37 -10.20 20.24 10.44
CA TRP D 37 -9.68 20.90 11.63
C TRP D 37 -10.78 21.49 12.50
N ASN D 38 -11.99 21.66 11.97
CA ASN D 38 -13.12 21.98 12.83
C ASN D 38 -13.48 20.78 13.71
N GLU D 39 -13.44 19.58 13.15
CA GLU D 39 -13.73 18.38 13.93
C GLU D 39 -12.63 18.11 14.95
N ILE D 40 -11.38 18.31 14.57
CA ILE D 40 -10.27 18.15 15.51
C ILE D 40 -10.46 19.07 16.71
N GLY D 41 -10.86 20.32 16.46
CA GLY D 41 -11.09 21.24 17.54
C GLY D 41 -12.31 20.90 18.37
N LYS D 42 -13.31 20.27 17.76
CA LYS D 42 -14.48 19.83 18.50
C LYS D 42 -14.20 18.63 19.37
N ARG D 43 -13.19 17.83 19.03
CA ARG D 43 -12.87 16.63 19.79
C ARG D 43 -11.80 16.86 20.85
N ASN D 44 -10.89 17.80 20.62
CA ASN D 44 -9.82 18.10 21.56
C ASN D 44 -10.08 19.39 22.35
N ASP D 45 -11.30 19.91 22.30
CA ASP D 45 -11.70 21.10 23.07
C ASP D 45 -10.89 22.33 22.67
N TYR D 46 -10.47 22.39 21.42
CA TYR D 46 -9.66 23.51 20.95
C TYR D 46 -10.56 24.68 20.52
N LYS D 47 -9.95 25.87 20.48
CA LYS D 47 -10.55 27.05 19.87
C LYS D 47 -9.76 27.33 18.60
N VAL D 48 -10.20 26.73 17.50
CA VAL D 48 -9.46 26.79 16.24
C VAL D 48 -9.67 28.16 15.61
N GLU D 49 -8.58 28.73 15.10
CA GLU D 49 -8.61 30.01 14.40
C GLU D 49 -7.72 29.90 13.17
N PHE D 50 -8.31 29.98 11.98
CA PHE D 50 -7.56 29.73 10.76
C PHE D 50 -6.86 31.01 10.31
N VAL D 51 -5.58 30.89 9.98
CA VAL D 51 -4.75 32.02 9.54
C VAL D 51 -4.36 31.79 8.09
N THR D 52 -4.77 32.71 7.22
CA THR D 52 -4.51 32.59 5.79
C THR D 52 -3.28 33.40 5.40
N ALA D 53 -2.54 32.87 4.42
CA ALA D 53 -1.37 33.52 3.85
C ALA D 53 -0.95 32.74 2.63
N ASN D 54 -0.10 33.36 1.81
CA ASN D 54 0.42 32.66 0.63
C ASN D 54 1.21 31.43 1.06
N PHE D 55 1.09 30.36 0.28
CA PHE D 55 1.67 29.08 0.66
C PHE D 55 3.19 29.17 0.80
N SER D 56 3.83 30.06 0.05
CA SER D 56 5.29 30.15 0.10
C SER D 56 5.80 30.60 1.46
N GLY D 57 4.94 31.15 2.30
CA GLY D 57 5.37 31.62 3.60
C GLY D 57 4.64 30.97 4.76
N LEU D 58 3.89 29.90 4.48
CA LEU D 58 3.17 29.20 5.54
C LEU D 58 4.15 28.47 6.46
N LEU D 59 5.23 27.92 5.92
CA LEU D 59 6.22 27.25 6.75
C LEU D 59 7.03 28.25 7.56
N GLY D 60 7.16 29.48 7.08
CA GLY D 60 7.85 30.50 7.84
C GLY D 60 7.10 30.90 9.10
N LEU D 61 5.78 31.07 8.98
CA LEU D 61 4.98 31.36 10.16
C LEU D 61 5.06 30.25 11.19
N LEU D 62 5.29 29.02 10.74
CA LEU D 62 5.40 27.90 11.65
C LEU D 62 6.71 27.96 12.44
N GLU D 63 7.80 28.35 11.78
CA GLU D 63 9.09 28.43 12.45
C GLU D 63 9.07 29.52 13.54
N THR D 64 8.49 30.67 13.23
CA THR D 64 8.50 31.81 14.14
C THR D 64 7.42 31.74 15.21
N GLY D 65 6.63 30.67 15.25
CA GLY D 65 5.61 30.52 16.28
C GLY D 65 4.38 31.37 16.09
N ARG D 66 4.24 32.05 14.94
CA ARG D 66 3.03 32.83 14.70
C ARG D 66 1.81 31.93 14.51
N ILE D 67 2.01 30.75 13.92
CA ILE D 67 0.96 29.75 13.82
C ILE D 67 1.44 28.47 14.48
N ASP D 68 0.48 27.62 14.84
CA ASP D 68 0.79 26.37 15.53
C ASP D 68 0.97 25.20 14.58
N THR D 69 0.26 25.18 13.47
CA THR D 69 0.38 24.09 12.49
C THR D 69 -0.15 24.59 11.15
N ILE D 70 -0.09 23.71 10.15
CA ILE D 70 -0.51 24.03 8.80
C ILE D 70 -1.44 22.93 8.31
N SER D 71 -2.56 23.32 7.71
CA SER D 71 -3.50 22.39 7.09
C SER D 71 -3.57 22.75 5.61
N ASN D 72 -2.56 22.34 4.86
CA ASN D 72 -2.48 22.65 3.43
C ASN D 72 -1.76 21.53 2.69
N GLN D 73 -2.07 20.28 3.03
CA GLN D 73 -1.54 19.10 2.35
C GLN D 73 0.00 19.13 2.31
N ILE D 74 0.58 19.42 3.47
CA ILE D 74 2.04 19.53 3.59
C ILE D 74 2.63 18.13 3.38
N THR D 75 3.39 17.96 2.30
CA THR D 75 3.99 16.67 2.01
C THR D 75 5.15 16.40 2.96
N ILE D 76 5.21 15.17 3.46
CA ILE D 76 6.26 14.75 4.38
C ILE D 76 7.53 14.46 3.57
N THR D 77 8.59 15.22 3.86
CA THR D 77 9.89 15.03 3.21
C THR D 77 10.96 14.89 4.27
N ASP D 78 12.11 14.35 3.84
CA ASP D 78 13.23 14.18 4.77
C ASP D 78 13.77 15.53 5.23
N ALA D 79 13.75 16.53 4.35
CA ALA D 79 14.22 17.86 4.73
C ALA D 79 13.24 18.55 5.67
N ARG D 80 11.94 18.24 5.55
CA ARG D 80 10.97 18.81 6.46
C ARG D 80 10.86 18.00 7.76
N LYS D 81 11.15 16.70 7.69
CA LYS D 81 11.13 15.87 8.89
C LYS D 81 12.15 16.35 9.91
N ALA D 82 13.34 16.76 9.44
CA ALA D 82 14.41 17.20 10.32
C ALA D 82 14.15 18.57 10.94
N LYS D 83 13.09 19.27 10.52
CA LYS D 83 12.80 20.60 11.02
C LYS D 83 11.52 20.67 11.85
N TYR D 84 10.64 19.69 11.76
CA TYR D 84 9.34 19.78 12.43
C TYR D 84 8.91 18.40 12.92
N LEU D 85 7.96 18.41 13.86
CA LEU D 85 7.23 17.22 14.21
C LEU D 85 6.09 17.02 13.22
N PHE D 86 5.85 15.77 12.83
CA PHE D 86 4.83 15.44 11.84
C PHE D 86 3.84 14.45 12.42
N SER D 87 2.56 14.74 12.24
CA SER D 87 1.50 13.83 12.64
C SER D 87 1.46 12.63 11.70
N ASP D 88 0.49 11.75 11.92
CA ASP D 88 0.24 10.68 10.97
C ASP D 88 -0.44 11.24 9.73
N PRO D 89 -0.08 10.78 8.53
CA PRO D 89 -0.68 11.33 7.32
C PRO D 89 -2.18 11.08 7.27
N TYR D 90 -2.93 12.08 6.80
CA TYR D 90 -4.38 11.98 6.68
C TYR D 90 -4.84 11.86 5.24
N VAL D 91 -3.97 12.12 4.27
CA VAL D 91 -4.28 11.94 2.85
C VAL D 91 -3.03 11.38 2.17
N ILE D 92 -3.21 10.42 1.28
CA ILE D 92 -2.13 9.85 0.50
C ILE D 92 -2.46 10.05 -0.97
N ASP D 93 -1.71 10.92 -1.64
CA ASP D 93 -1.95 11.19 -3.05
C ASP D 93 -0.63 11.04 -3.81
N GLY D 94 -0.47 11.82 -4.88
CA GLY D 94 0.75 11.74 -5.66
C GLY D 94 0.92 12.97 -6.52
N ALA D 95 2.19 13.30 -6.80
CA ALA D 95 2.49 14.42 -7.68
C ALA D 95 2.00 14.13 -9.09
N GLN D 96 1.43 15.14 -9.74
CA GLN D 96 0.77 14.96 -11.02
C GLN D 96 1.04 16.15 -11.93
N ILE D 97 1.46 15.87 -13.16
CA ILE D 97 1.66 16.89 -14.17
C ILE D 97 0.37 17.09 -14.93
N THR D 98 -0.05 18.35 -15.08
CA THR D 98 -1.29 18.69 -15.75
C THR D 98 -0.99 19.67 -16.88
N VAL D 99 -1.48 19.36 -18.07
CA VAL D 99 -1.31 20.23 -19.24
C VAL D 99 -2.69 20.74 -19.66
N ARG D 100 -2.72 21.59 -20.69
CA ARG D 100 -3.99 22.08 -21.21
C ARG D 100 -4.73 20.96 -21.92
N LYS D 101 -6.06 21.05 -21.90
CA LYS D 101 -6.89 20.04 -22.54
C LYS D 101 -6.60 19.97 -24.03
N GLY D 102 -6.31 18.78 -24.52
CA GLY D 102 -6.00 18.58 -25.92
C GLY D 102 -4.54 18.72 -26.28
N ASN D 103 -3.63 18.46 -25.34
CA ASN D 103 -2.20 18.54 -25.58
C ASN D 103 -1.62 17.14 -25.57
N GLU D 104 -0.95 16.76 -26.66
CA GLU D 104 -0.38 15.43 -26.81
C GLU D 104 1.13 15.39 -26.66
N ALA D 105 1.78 16.53 -26.42
CA ALA D 105 3.24 16.57 -26.40
C ALA D 105 3.78 15.98 -25.11
N ILE D 106 3.17 16.31 -23.98
CA ILE D 106 3.67 15.93 -22.66
C ILE D 106 2.81 14.80 -22.12
N LYS D 107 3.45 13.68 -21.77
CA LYS D 107 2.77 12.58 -21.13
C LYS D 107 3.60 12.02 -19.97
N GLY D 108 4.36 12.87 -19.31
CA GLY D 108 5.19 12.44 -18.20
C GLY D 108 6.24 13.47 -17.87
N ILE D 109 7.01 13.17 -16.83
CA ILE D 109 8.08 14.06 -16.40
C ILE D 109 9.23 14.05 -17.39
N ASP D 110 9.31 13.03 -18.24
CA ASP D 110 10.36 12.99 -19.26
C ASP D 110 10.21 14.13 -20.26
N ASP D 111 8.96 14.46 -20.59
CA ASP D 111 8.67 15.40 -21.67
C ASP D 111 8.73 16.86 -21.25
N LEU D 112 9.25 17.16 -20.07
CA LEU D 112 9.36 18.53 -19.60
C LEU D 112 10.66 19.20 -20.00
N ALA D 113 11.55 18.50 -20.70
CA ALA D 113 12.83 19.06 -21.11
C ALA D 113 12.60 20.16 -22.14
N GLY D 114 13.14 21.35 -21.86
CA GLY D 114 12.96 22.47 -22.76
C GLY D 114 11.57 23.06 -22.77
N LYS D 115 10.78 22.80 -21.74
CA LYS D 115 9.42 23.30 -21.64
C LYS D 115 9.29 24.23 -20.43
N THR D 116 8.14 24.88 -20.33
CA THR D 116 7.85 25.79 -19.23
C THR D 116 6.83 25.13 -18.31
N VAL D 117 7.19 24.95 -17.04
CA VAL D 117 6.33 24.31 -16.05
C VAL D 117 6.18 25.25 -14.86
N ALA D 118 5.03 25.19 -14.21
CA ALA D 118 4.70 26.05 -13.08
C ALA D 118 4.56 25.21 -11.82
N VAL D 119 5.20 25.67 -10.73
CA VAL D 119 5.08 25.03 -9.43
C VAL D 119 4.92 26.13 -8.38
N ASN D 120 4.40 25.73 -7.22
CA ASN D 120 4.25 26.64 -6.10
C ASN D 120 5.60 26.87 -5.43
N LEU D 121 5.89 28.13 -5.11
CA LEU D 121 7.15 28.48 -4.47
C LEU D 121 7.23 27.81 -3.10
N GLY D 122 8.33 27.09 -2.87
CA GLY D 122 8.54 26.44 -1.59
C GLY D 122 7.67 25.23 -1.35
N SER D 123 7.36 24.48 -2.41
CA SER D 123 6.52 23.30 -2.32
C SER D 123 7.35 22.06 -2.57
N ASN D 124 6.78 20.91 -2.18
CA ASN D 124 7.42 19.63 -2.46
C ASN D 124 7.49 19.37 -3.96
N PHE D 125 6.48 19.84 -4.71
CA PHE D 125 6.47 19.62 -6.15
C PHE D 125 7.59 20.39 -6.84
N GLU D 126 7.89 21.59 -6.33
CA GLU D 126 9.01 22.36 -6.88
C GLU D 126 10.32 21.65 -6.64
N GLN D 127 10.52 21.14 -5.43
CA GLN D 127 11.75 20.41 -5.11
C GLN D 127 11.88 19.15 -5.97
N LEU D 128 10.77 18.45 -6.18
CA LEU D 128 10.79 17.27 -7.05
C LEU D 128 11.14 17.65 -8.48
N LEU D 129 10.55 18.75 -8.98
CA LEU D 129 10.81 19.16 -10.36
C LEU D 129 12.28 19.45 -10.59
N ARG D 130 12.95 20.07 -9.61
CA ARG D 130 14.37 20.35 -9.77
C ARG D 130 15.19 19.07 -9.69
N ASN D 131 14.77 18.12 -8.86
CA ASN D 131 15.48 16.85 -8.77
C ASN D 131 15.31 16.03 -10.03
N HIS D 132 14.08 15.95 -10.55
CA HIS D 132 13.86 15.29 -11.83
C HIS D 132 14.42 16.09 -13.00
N ASP D 133 14.79 17.34 -12.77
CA ASP D 133 15.54 18.13 -13.76
C ASP D 133 17.04 17.98 -13.49
N LYS D 134 17.52 16.75 -13.68
CA LYS D 134 18.92 16.45 -13.42
C LYS D 134 19.85 17.31 -14.25
N ASP D 135 19.58 17.40 -15.57
CA ASP D 135 20.48 18.11 -16.45
C ASP D 135 20.35 19.62 -16.32
N GLY D 136 19.22 20.11 -15.81
CA GLY D 136 19.00 21.55 -15.73
C GLY D 136 18.49 22.17 -17.01
N LYS D 137 17.66 21.44 -17.76
CA LYS D 137 17.13 21.95 -19.02
C LYS D 137 15.69 22.44 -18.92
N ILE D 138 14.98 22.04 -17.88
CA ILE D 138 13.58 22.45 -17.71
C ILE D 138 13.53 23.90 -17.27
N ASN D 139 12.69 24.69 -17.93
CA ASN D 139 12.49 26.10 -17.59
C ASN D 139 11.40 26.16 -16.53
N ILE D 140 11.82 26.10 -15.26
CA ILE D 140 10.91 26.04 -14.13
C ILE D 140 10.55 27.45 -13.70
N LYS D 141 9.27 27.68 -13.43
CA LYS D 141 8.78 28.95 -12.89
C LYS D 141 8.07 28.70 -11.57
N THR D 142 8.30 29.59 -10.61
CA THR D 142 7.71 29.49 -9.28
C THR D 142 6.54 30.47 -9.16
N TYR D 143 5.45 30.00 -8.59
CA TYR D 143 4.23 30.78 -8.47
C TYR D 143 3.72 30.76 -7.03
N ASP D 144 2.99 31.81 -6.67
CA ASP D 144 2.16 31.82 -5.48
C ASP D 144 0.67 31.90 -5.81
N THR D 145 0.33 32.31 -7.03
CA THR D 145 -1.05 32.56 -7.43
C THR D 145 -1.27 32.02 -8.83
N GLY D 146 -2.45 31.43 -9.04
CA GLY D 146 -2.92 31.00 -10.34
C GLY D 146 -1.90 30.29 -11.23
N ILE D 147 -1.41 29.14 -10.78
CA ILE D 147 -0.47 28.40 -11.62
C ILE D 147 -1.23 27.53 -12.62
N GLU D 148 -2.45 27.11 -12.28
CA GLU D 148 -3.28 26.38 -13.22
C GLU D 148 -3.96 27.29 -14.24
N HIS D 149 -3.99 28.60 -13.97
CA HIS D 149 -4.57 29.54 -14.92
C HIS D 149 -3.65 29.79 -16.10
N ASP D 150 -2.35 29.99 -15.83
CA ASP D 150 -1.40 30.26 -16.90
C ASP D 150 -1.13 29.05 -17.78
N VAL D 151 -1.53 27.85 -17.34
CA VAL D 151 -1.44 26.69 -18.22
C VAL D 151 -2.59 26.67 -19.21
N ALA D 152 -3.78 27.12 -18.76
CA ALA D 152 -4.92 27.22 -19.67
C ALA D 152 -4.70 28.30 -20.71
N LEU D 153 -4.10 29.43 -20.31
CA LEU D 153 -3.79 30.53 -21.21
C LEU D 153 -2.47 30.34 -21.95
N GLY D 154 -1.81 29.19 -21.77
CA GLY D 154 -0.63 28.86 -22.54
C GLY D 154 0.65 29.55 -22.11
N ARG D 155 0.63 30.35 -21.04
CA ARG D 155 1.86 30.99 -20.60
C ARG D 155 2.86 29.98 -20.06
N ALA D 156 2.38 28.86 -19.52
CA ALA D 156 3.22 27.75 -19.12
C ALA D 156 2.70 26.48 -19.78
N ASP D 157 3.62 25.62 -20.23
CA ASP D 157 3.22 24.42 -20.96
C ASP D 157 2.49 23.43 -20.05
N ALA D 158 2.83 23.40 -18.76
CA ALA D 158 2.21 22.48 -17.82
C ALA D 158 2.41 23.02 -16.41
N PHE D 159 1.87 22.30 -15.43
CA PHE D 159 2.18 22.57 -14.03
C PHE D 159 2.20 21.25 -13.28
N VAL D 160 2.84 21.28 -12.10
CA VAL D 160 3.01 20.10 -11.27
C VAL D 160 2.31 20.35 -9.94
N MET D 161 1.35 19.49 -9.60
CA MET D 161 0.70 19.48 -8.30
C MET D 161 0.17 18.09 -7.99
N ASP D 162 -0.92 17.99 -7.23
CA ASP D 162 -1.50 16.70 -6.86
C ASP D 162 -2.65 16.36 -7.80
N ARG D 163 -2.87 15.05 -7.97
CA ARG D 163 -3.93 14.57 -8.84
C ARG D 163 -5.31 14.87 -8.27
N LEU D 164 -5.43 14.96 -6.94
CA LEU D 164 -6.73 15.17 -6.33
C LEU D 164 -7.33 16.50 -6.73
N SER D 165 -6.59 17.59 -6.54
CA SER D 165 -7.11 18.92 -6.83
C SER D 165 -7.34 19.09 -8.33
N ALA D 166 -6.38 18.68 -9.15
CA ALA D 166 -6.50 18.84 -10.60
C ALA D 166 -7.71 18.08 -11.12
N LEU D 167 -7.97 16.87 -10.59
CA LEU D 167 -9.14 16.11 -11.01
C LEU D 167 -10.42 16.86 -10.66
N GLU D 168 -10.44 17.54 -9.51
CA GLU D 168 -11.58 18.39 -9.18
C GLU D 168 -11.61 19.63 -10.05
N LEU D 169 -10.44 20.15 -10.42
CA LEU D 169 -10.37 21.33 -11.27
C LEU D 169 -10.75 21.02 -12.72
N ILE D 170 -10.86 19.75 -13.08
CA ILE D 170 -11.22 19.34 -14.43
C ILE D 170 -12.64 18.80 -14.49
N GLU D 171 -12.93 17.79 -13.67
CA GLU D 171 -14.22 17.11 -13.71
C GLU D 171 -15.32 17.87 -13.00
N LYS D 172 -14.98 18.86 -12.16
CA LYS D 172 -16.00 19.63 -11.45
C LYS D 172 -15.98 21.10 -11.85
N THR D 173 -14.86 21.80 -11.66
CA THR D 173 -14.83 23.22 -12.04
C THR D 173 -14.89 23.39 -13.54
N GLY D 174 -14.40 22.42 -14.31
CA GLY D 174 -14.50 22.48 -15.75
C GLY D 174 -13.45 23.34 -16.42
N LEU D 175 -12.24 23.39 -15.88
CA LEU D 175 -11.17 24.15 -16.52
C LEU D 175 -10.55 23.34 -17.65
N PRO D 176 -10.06 24.00 -18.70
CA PRO D 176 -9.44 23.26 -19.82
C PRO D 176 -8.10 22.65 -19.45
N LEU D 177 -8.12 21.53 -18.73
CA LEU D 177 -6.89 20.88 -18.29
C LEU D 177 -7.05 19.37 -18.43
N GLN D 178 -5.90 18.69 -18.43
CA GLN D 178 -5.87 17.23 -18.48
C GLN D 178 -4.60 16.74 -17.81
N LEU D 179 -4.71 15.59 -17.14
CA LEU D 179 -3.59 15.00 -16.41
C LEU D 179 -2.61 14.38 -17.40
N ALA D 180 -1.39 14.89 -17.44
CA ALA D 180 -0.37 14.38 -18.35
C ALA D 180 0.26 13.13 -17.74
N GLY D 181 -0.27 11.98 -18.13
CA GLY D 181 0.26 10.71 -17.67
C GLY D 181 -0.19 10.35 -16.26
N SER D 182 0.46 9.34 -15.71
CA SER D 182 0.19 8.82 -14.39
C SER D 182 1.08 9.51 -13.35
N PRO D 183 0.70 9.45 -12.07
CA PRO D 183 1.56 10.05 -11.03
C PRO D 183 2.94 9.43 -11.02
N PHE D 184 3.96 10.29 -10.97
CA PHE D 184 5.35 9.86 -10.95
C PHE D 184 5.94 9.80 -9.55
N GLU D 185 5.19 10.22 -8.53
CA GLU D 185 5.64 10.18 -7.15
C GLU D 185 4.43 10.02 -6.25
N THR D 186 4.66 9.52 -5.05
CA THR D 186 3.61 9.34 -4.05
C THR D 186 3.94 10.20 -2.84
N ILE D 187 2.98 11.03 -2.42
CA ILE D 187 3.21 12.02 -1.37
C ILE D 187 2.44 11.62 -0.12
N GLU D 188 3.07 11.85 1.03
CA GLU D 188 2.44 11.69 2.34
C GLU D 188 2.15 13.08 2.89
N ASN D 189 0.89 13.36 3.18
CA ASN D 189 0.46 14.69 3.60
C ASN D 189 -0.06 14.62 5.03
N ALA D 190 0.63 15.28 5.95
CA ALA D 190 0.27 15.26 7.36
C ALA D 190 0.25 16.71 7.85
N TRP D 191 0.29 16.89 9.17
CA TRP D 191 0.28 18.20 9.81
C TRP D 191 1.62 18.46 10.48
N PRO D 192 2.27 19.59 10.20
CA PRO D 192 3.55 19.87 10.83
C PRO D 192 3.42 20.63 12.14
N PHE D 193 4.40 20.40 13.02
CA PHE D 193 4.48 21.10 14.30
C PHE D 193 5.94 21.34 14.64
N VAL D 194 6.21 22.48 15.28
CA VAL D 194 7.54 22.72 15.81
C VAL D 194 7.82 21.74 16.93
N ASN D 195 9.10 21.44 17.15
CA ASN D 195 9.51 20.47 18.17
C ASN D 195 9.69 21.22 19.48
N ASN D 196 8.58 21.39 20.19
CA ASN D 196 8.58 21.96 21.54
C ASN D 196 7.38 21.40 22.29
N GLU D 197 7.27 21.77 23.57
CA GLU D 197 6.22 21.20 24.42
C GLU D 197 4.83 21.41 23.85
N LYS D 198 4.60 22.52 23.15
CA LYS D 198 3.28 22.75 22.57
C LYS D 198 3.06 21.89 21.33
N GLY D 199 4.06 21.80 20.46
CA GLY D 199 3.96 20.94 19.29
C GLY D 199 3.96 19.47 19.65
N GLN D 200 4.74 19.09 20.65
CA GLN D 200 4.74 17.70 21.13
C GLN D 200 3.37 17.32 21.67
N GLN D 201 2.78 18.19 22.49
CA GLN D 201 1.46 17.93 23.01
C GLN D 201 0.41 17.95 21.90
N LEU D 202 0.60 18.78 20.88
CA LEU D 202 -0.35 18.82 19.77
C LEU D 202 -0.20 17.61 18.87
N GLN D 203 1.03 17.18 18.60
CA GLN D 203 1.26 16.08 17.67
C GLN D 203 0.58 14.80 18.13
N GLY D 204 0.51 14.58 19.44
CA GLY D 204 -0.15 13.39 19.95
C GLY D 204 -1.65 13.53 20.03
N GLU D 205 -2.12 14.73 20.40
CA GLU D 205 -3.56 14.95 20.52
C GLU D 205 -4.23 15.02 19.14
N VAL D 206 -3.48 15.42 18.11
CA VAL D 206 -4.03 15.41 16.76
C VAL D 206 -4.04 13.99 16.21
N ASN D 207 -3.00 13.20 16.50
CA ASN D 207 -3.02 11.78 16.14
C ASN D 207 -4.15 11.06 16.86
N LYS D 208 -4.52 11.52 18.05
CA LYS D 208 -5.67 10.95 18.76
C LYS D 208 -6.95 11.19 17.98
N ALA D 209 -7.18 12.45 17.56
CA ALA D 209 -8.40 12.78 16.83
C ALA D 209 -8.43 12.13 15.46
N LEU D 210 -7.28 12.10 14.78
CA LEU D 210 -7.23 11.54 13.43
C LEU D 210 -7.64 10.08 13.41
N ALA D 211 -7.15 9.29 14.38
CA ALA D 211 -7.55 7.89 14.46
C ALA D 211 -9.03 7.76 14.82
N ALA D 212 -9.54 8.67 15.65
CA ALA D 212 -10.95 8.62 16.02
C ALA D 212 -11.84 9.06 14.86
N MET D 213 -11.41 10.06 14.10
CA MET D 213 -12.19 10.50 12.95
C MET D 213 -12.20 9.43 11.85
N ARG D 214 -11.08 8.73 11.67
CA ARG D 214 -11.07 7.61 10.72
C ARG D 214 -11.98 6.48 11.19
N ALA D 215 -12.03 6.25 12.51
CA ALA D 215 -12.75 5.10 13.03
C ALA D 215 -14.26 5.23 12.83
N ASP D 216 -14.82 6.37 13.22
CA ASP D 216 -16.27 6.57 13.17
C ASP D 216 -16.76 7.07 11.82
N GLY D 217 -15.91 7.05 10.79
CA GLY D 217 -16.31 7.46 9.46
C GLY D 217 -16.41 8.95 9.25
N THR D 218 -16.03 9.77 10.23
CA THR D 218 -16.13 11.21 10.08
C THR D 218 -15.22 11.73 8.98
N LEU D 219 -13.96 11.28 8.97
CA LEU D 219 -13.02 11.74 7.96
C LEU D 219 -13.43 11.30 6.57
N SER D 220 -14.05 10.12 6.46
CA SER D 220 -14.49 9.62 5.15
C SER D 220 -15.64 10.46 4.61
N GLN D 221 -16.59 10.82 5.47
CA GLN D 221 -17.71 11.66 5.03
C GLN D 221 -17.23 13.03 4.58
N ILE D 222 -16.23 13.59 5.27
CA ILE D 222 -15.70 14.89 4.89
C ILE D 222 -15.03 14.83 3.52
N ALA D 223 -14.35 13.73 3.24
CA ALA D 223 -13.68 13.58 1.95
C ALA D 223 -14.70 13.40 0.82
N LEU D 224 -15.76 12.62 1.06
CA LEU D 224 -16.77 12.42 0.04
C LEU D 224 -17.54 13.70 -0.24
N LYS D 225 -17.60 14.61 0.73
CA LYS D 225 -18.27 15.89 0.51
C LYS D 225 -17.50 16.75 -0.47
N TRP D 226 -16.19 16.89 -0.26
CA TRP D 226 -15.37 17.77 -1.05
C TRP D 226 -14.74 17.11 -2.27
N PHE D 227 -14.91 15.80 -2.44
CA PHE D 227 -14.31 15.13 -3.59
C PHE D 227 -15.23 14.15 -4.30
N GLY D 228 -16.34 13.72 -3.70
CA GLY D 228 -17.13 12.63 -4.24
C GLY D 228 -16.49 11.27 -4.10
N THR D 229 -15.20 11.20 -3.77
CA THR D 229 -14.48 9.96 -3.56
C THR D 229 -13.76 10.02 -2.23
N ASP D 230 -13.56 8.85 -1.61
CA ASP D 230 -12.98 8.76 -0.29
C ASP D 230 -11.46 8.78 -0.42
N ILE D 231 -10.86 9.95 -0.22
CA ILE D 231 -9.40 10.08 -0.31
C ILE D 231 -8.71 9.69 0.98
N SER D 232 -9.45 9.31 2.02
CA SER D 232 -8.83 8.89 3.27
C SER D 232 -8.27 7.48 3.20
N GLN D 233 -8.62 6.72 2.17
CA GLN D 233 -8.17 5.33 2.04
C GLN D 233 -6.91 5.23 1.20
N ALA E 7 58.95 -18.27 31.35
CA ALA E 7 58.14 -17.14 31.81
C ALA E 7 56.95 -17.61 32.62
N THR E 8 56.84 -17.08 33.84
CA THR E 8 55.71 -17.42 34.70
C THR E 8 54.40 -16.97 34.05
N GLU E 9 53.45 -17.89 33.95
CA GLU E 9 52.18 -17.62 33.31
C GLU E 9 51.17 -17.13 34.35
N VAL E 10 50.50 -16.03 34.04
CA VAL E 10 49.51 -15.42 34.92
C VAL E 10 48.18 -15.38 34.18
N LYS E 11 47.16 -16.03 34.74
CA LYS E 11 45.83 -16.03 34.17
C LYS E 11 44.99 -14.98 34.89
N VAL E 12 44.68 -13.89 34.21
CA VAL E 12 43.99 -12.76 34.79
C VAL E 12 42.49 -12.96 34.68
N GLY E 13 41.78 -12.87 35.79
CA GLY E 13 40.35 -13.04 35.81
C GLY E 13 39.62 -11.74 35.61
N MET E 14 38.70 -11.71 34.65
CA MET E 14 37.91 -10.52 34.36
C MET E 14 36.63 -10.94 33.67
N SER E 15 35.71 -9.99 33.55
CA SER E 15 34.40 -10.25 32.97
C SER E 15 34.30 -9.85 31.50
N GLY E 16 35.07 -8.86 31.06
CA GLY E 16 34.89 -8.34 29.72
C GLY E 16 33.58 -7.64 29.51
N ARG E 17 32.87 -7.33 30.59
CA ARG E 17 31.55 -6.69 30.56
C ARG E 17 31.53 -5.52 31.53
N TYR E 18 32.59 -4.68 31.48
CA TYR E 18 32.76 -3.61 32.46
C TYR E 18 33.47 -2.44 31.76
N PHE E 19 32.72 -1.70 30.95
CA PHE E 19 33.29 -0.55 30.25
C PHE E 19 33.55 0.57 31.25
N PRO E 20 34.73 1.21 31.20
CA PRO E 20 35.85 0.98 30.28
C PRO E 20 36.97 0.13 30.88
N PHE E 21 36.74 -0.51 32.03
CA PHE E 21 37.79 -1.30 32.66
C PHE E 21 38.11 -2.54 31.83
N THR E 22 37.09 -3.35 31.53
CA THR E 22 37.26 -4.55 30.71
C THR E 22 36.02 -4.71 29.85
N PHE E 23 36.21 -4.71 28.54
CA PHE E 23 35.08 -4.79 27.62
C PHE E 23 35.60 -5.21 26.25
N VAL E 24 34.75 -5.95 25.53
CA VAL E 24 35.08 -6.38 24.18
C VAL E 24 34.56 -5.34 23.19
N LYS E 25 35.44 -4.88 22.31
CA LYS E 25 35.08 -3.95 21.25
C LYS E 25 35.73 -4.41 19.96
N GLN E 26 34.91 -4.81 18.99
CA GLN E 26 35.39 -5.36 17.72
C GLN E 26 36.25 -6.61 17.96
N ASP E 27 35.73 -7.49 18.82
CA ASP E 27 36.33 -8.81 19.06
C ASP E 27 37.73 -8.73 19.67
N GLU E 28 38.03 -7.64 20.38
CA GLU E 28 39.33 -7.44 20.98
C GLU E 28 39.15 -7.01 22.43
N LEU E 29 39.59 -7.86 23.35
CA LEU E 29 39.48 -7.55 24.78
C LEU E 29 40.46 -6.43 25.15
N GLN E 30 39.92 -5.31 25.60
CA GLN E 30 40.72 -4.13 25.90
C GLN E 30 40.14 -3.44 27.13
N GLY E 31 40.74 -2.30 27.50
CA GLY E 31 40.25 -1.50 28.61
C GLY E 31 41.39 -1.09 29.52
N PHE E 32 41.02 -0.57 30.69
CA PHE E 32 42.01 -0.13 31.67
C PHE E 32 42.76 -1.33 32.24
N GLU E 33 42.03 -2.34 32.71
CA GLU E 33 42.67 -3.50 33.34
C GLU E 33 43.55 -4.24 32.36
N VAL E 34 43.20 -4.22 31.07
CA VAL E 34 44.00 -4.91 30.06
C VAL E 34 45.32 -4.17 29.84
N ASP E 35 45.26 -2.84 29.70
CA ASP E 35 46.48 -2.07 29.48
C ASP E 35 47.38 -2.12 30.70
N VAL E 36 46.81 -2.22 31.91
CA VAL E 36 47.61 -2.23 33.12
C VAL E 36 48.33 -3.56 33.27
N TRP E 37 47.61 -4.67 33.10
CA TRP E 37 48.21 -5.97 33.32
C TRP E 37 49.17 -6.37 32.20
N ASN E 38 48.93 -5.89 30.98
CA ASN E 38 49.93 -6.06 29.93
C ASN E 38 51.21 -5.29 30.28
N GLU E 39 51.07 -4.13 30.93
CA GLU E 39 52.25 -3.42 31.42
C GLU E 39 52.90 -4.16 32.58
N ILE E 40 52.09 -4.67 33.50
CA ILE E 40 52.64 -5.49 34.59
C ILE E 40 53.31 -6.74 34.04
N GLY E 41 52.72 -7.32 32.98
CA GLY E 41 53.29 -8.53 32.42
C GLY E 41 54.58 -8.28 31.65
N LYS E 42 54.71 -7.10 31.05
CA LYS E 42 55.95 -6.75 30.37
C LYS E 42 57.07 -6.36 31.32
N ARG E 43 56.72 -5.92 32.53
CA ARG E 43 57.70 -5.47 33.50
C ARG E 43 58.20 -6.59 34.42
N ASN E 44 57.51 -7.74 34.45
CA ASN E 44 57.88 -8.83 35.34
C ASN E 44 58.09 -10.14 34.59
N ASP E 45 58.24 -10.08 33.26
CA ASP E 45 58.41 -11.27 32.42
C ASP E 45 57.26 -12.26 32.63
N TYR E 46 56.05 -11.74 32.63
CA TYR E 46 54.86 -12.58 32.71
C TYR E 46 54.33 -12.89 31.32
N LYS E 47 53.76 -14.08 31.18
CA LYS E 47 52.99 -14.44 29.98
C LYS E 47 51.52 -14.29 30.34
N VAL E 48 50.99 -13.09 30.12
CA VAL E 48 49.64 -12.78 30.57
C VAL E 48 48.63 -13.48 29.69
N GLU E 49 47.60 -14.06 30.32
CA GLU E 49 46.52 -14.73 29.61
C GLU E 49 45.21 -14.31 30.26
N PHE E 50 44.40 -13.54 29.52
CA PHE E 50 43.14 -13.05 30.06
C PHE E 50 42.06 -14.11 29.96
N VAL E 51 41.28 -14.25 31.03
CA VAL E 51 40.21 -15.26 31.11
C VAL E 51 38.91 -14.53 31.39
N THR E 52 37.94 -14.71 30.50
CA THR E 52 36.66 -14.03 30.59
C THR E 52 35.61 -14.96 31.21
N ALA E 53 34.87 -14.44 32.18
CA ALA E 53 33.80 -15.18 32.84
C ALA E 53 32.95 -14.19 33.62
N ASN E 54 31.72 -14.60 33.91
CA ASN E 54 30.83 -13.75 34.69
C ASN E 54 31.45 -13.43 36.04
N PHE E 55 31.23 -12.20 36.52
CA PHE E 55 31.88 -11.74 37.75
C PHE E 55 31.52 -12.61 38.94
N SER E 56 30.33 -13.23 38.92
CA SER E 56 29.88 -14.02 40.07
C SER E 56 30.72 -15.26 40.30
N GLY E 57 31.59 -15.63 39.36
CA GLY E 57 32.39 -16.83 39.53
C GLY E 57 33.88 -16.58 39.53
N LEU E 58 34.28 -15.32 39.36
CA LEU E 58 35.70 -15.00 39.26
C LEU E 58 36.44 -15.34 40.56
N LEU E 59 35.87 -14.96 41.70
CA LEU E 59 36.48 -15.32 42.98
C LEU E 59 36.44 -16.82 43.23
N GLY E 60 35.38 -17.49 42.76
CA GLY E 60 35.35 -18.94 42.84
C GLY E 60 36.36 -19.59 41.91
N LEU E 61 36.60 -18.98 40.75
CA LEU E 61 37.65 -19.47 39.86
C LEU E 61 39.03 -19.25 40.46
N LEU E 62 39.19 -18.19 41.25
CA LEU E 62 40.49 -17.92 41.87
C LEU E 62 40.80 -18.95 42.95
N GLU E 63 39.80 -19.31 43.77
CA GLU E 63 40.03 -20.29 44.82
C GLU E 63 40.30 -21.68 44.24
N THR E 64 39.78 -21.97 43.06
CA THR E 64 40.06 -23.24 42.40
C THR E 64 41.41 -23.26 41.70
N GLY E 65 42.14 -22.15 41.68
CA GLY E 65 43.44 -22.12 41.05
C GLY E 65 43.43 -22.08 39.55
N ARG E 66 42.25 -22.01 38.92
CA ARG E 66 42.17 -21.97 37.47
C ARG E 66 42.47 -20.58 36.91
N ILE E 67 42.36 -19.54 37.72
CA ILE E 67 42.91 -18.23 37.39
C ILE E 67 43.83 -17.82 38.53
N ASP E 68 44.90 -17.11 38.19
CA ASP E 68 45.92 -16.76 39.16
C ASP E 68 45.62 -15.46 39.91
N THR E 69 44.81 -14.58 39.32
CA THR E 69 44.43 -13.33 39.96
C THR E 69 43.21 -12.79 39.25
N ILE E 70 42.70 -11.65 39.73
CA ILE E 70 41.53 -10.99 39.17
C ILE E 70 41.83 -9.51 38.98
N SER E 71 41.44 -8.97 37.83
CA SER E 71 41.55 -7.54 37.54
C SER E 71 40.16 -7.07 37.10
N ASN E 72 39.29 -6.82 38.08
CA ASN E 72 37.91 -6.44 37.80
C ASN E 72 37.41 -5.47 38.86
N GLN E 73 38.30 -4.56 39.29
CA GLN E 73 37.98 -3.57 40.33
C GLN E 73 37.54 -4.26 41.62
N ILE E 74 38.35 -5.23 42.07
CA ILE E 74 38.03 -6.02 43.25
C ILE E 74 38.18 -5.14 44.48
N THR E 75 37.06 -4.75 45.08
CA THR E 75 37.08 -3.90 46.27
C THR E 75 37.59 -4.69 47.47
N ILE E 76 38.47 -4.06 48.24
CA ILE E 76 39.03 -4.68 49.43
C ILE E 76 38.01 -4.61 50.55
N THR E 77 37.54 -5.77 51.00
CA THR E 77 36.64 -5.87 52.14
C THR E 77 37.24 -6.79 53.20
N ASP E 78 36.66 -6.77 54.39
CA ASP E 78 37.16 -7.62 55.47
C ASP E 78 36.92 -9.09 55.17
N ALA E 79 35.76 -9.42 54.58
CA ALA E 79 35.49 -10.81 54.23
C ALA E 79 36.45 -11.31 53.15
N ARG E 80 36.83 -10.44 52.22
CA ARG E 80 37.78 -10.82 51.17
C ARG E 80 39.22 -10.82 51.69
N LYS E 81 39.54 -9.90 52.62
CA LYS E 81 40.89 -9.88 53.18
C LYS E 81 41.20 -11.17 53.93
N ALA E 82 40.21 -11.70 54.65
CA ALA E 82 40.41 -12.94 55.40
C ALA E 82 40.48 -14.18 54.51
N LYS E 83 40.22 -14.03 53.21
CA LYS E 83 40.25 -15.14 52.27
C LYS E 83 41.46 -15.10 51.35
N TYR E 84 41.74 -13.94 50.76
CA TYR E 84 42.78 -13.82 49.75
C TYR E 84 43.81 -12.78 50.15
N LEU E 85 44.96 -12.83 49.47
CA LEU E 85 45.98 -11.80 49.60
C LEU E 85 45.70 -10.69 48.61
N PHE E 86 45.81 -9.45 49.08
CA PHE E 86 45.56 -8.28 48.25
C PHE E 86 46.84 -7.49 48.05
N SER E 87 47.13 -7.11 46.81
CA SER E 87 48.19 -6.16 46.53
C SER E 87 47.77 -4.77 47.00
N ASP E 88 48.64 -3.78 46.77
CA ASP E 88 48.27 -2.42 47.09
C ASP E 88 47.13 -1.96 46.17
N PRO E 89 46.26 -1.07 46.66
CA PRO E 89 45.21 -0.53 45.80
C PRO E 89 45.80 0.24 44.63
N TYR E 90 45.18 0.08 43.46
CA TYR E 90 45.59 0.81 42.27
C TYR E 90 44.55 1.79 41.77
N VAL E 91 43.29 1.64 42.16
CA VAL E 91 42.23 2.60 41.85
C VAL E 91 41.36 2.75 43.09
N ILE E 92 41.05 3.99 43.45
CA ILE E 92 40.18 4.29 44.59
C ILE E 92 39.03 5.15 44.09
N ASP E 93 37.80 4.65 44.27
CA ASP E 93 36.62 5.39 43.83
C ASP E 93 35.56 5.37 44.92
N GLY E 94 34.31 5.08 44.56
CA GLY E 94 33.25 5.05 45.54
C GLY E 94 31.97 4.44 45.01
N ALA E 95 31.20 3.81 45.90
CA ALA E 95 29.92 3.24 45.52
C ALA E 95 28.93 4.35 45.19
N GLN E 96 28.24 4.20 44.06
CA GLN E 96 27.39 5.26 43.53
C GLN E 96 26.09 4.69 43.02
N ILE E 97 24.97 5.29 43.42
CA ILE E 97 23.67 4.93 42.87
C ILE E 97 23.49 5.66 41.54
N THR E 98 23.05 4.93 40.52
CA THR E 98 22.76 5.51 39.23
C THR E 98 21.32 5.17 38.85
N VAL E 99 20.56 6.20 38.44
CA VAL E 99 19.17 6.01 38.04
C VAL E 99 19.04 6.38 36.57
N ARG E 100 17.80 6.44 36.08
CA ARG E 100 17.55 6.87 34.71
C ARG E 100 17.64 8.39 34.63
N LYS E 101 18.18 8.88 33.51
CA LYS E 101 18.27 10.31 33.28
C LYS E 101 16.88 10.93 33.29
N GLY E 102 16.58 11.73 34.30
CA GLY E 102 15.26 12.31 34.48
C GLY E 102 14.55 11.85 35.74
N ASN E 103 15.01 10.78 36.36
CA ASN E 103 14.42 10.30 37.60
C ASN E 103 15.01 11.10 38.77
N GLU E 104 14.14 11.84 39.47
CA GLU E 104 14.58 12.71 40.56
C GLU E 104 13.94 12.35 41.89
N ALA E 105 13.20 11.25 41.96
CA ALA E 105 12.66 10.76 43.22
C ALA E 105 13.67 9.95 44.02
N ILE E 106 14.88 9.78 43.52
CA ILE E 106 15.93 9.00 44.19
C ILE E 106 17.15 9.91 44.29
N LYS E 107 17.30 10.58 45.43
CA LYS E 107 18.45 11.44 45.66
C LYS E 107 19.63 10.73 46.31
N GLY E 108 19.50 9.43 46.58
CA GLY E 108 20.60 8.71 47.19
C GLY E 108 20.17 7.34 47.68
N ILE E 109 20.99 6.79 48.57
CA ILE E 109 20.81 5.41 49.04
C ILE E 109 19.54 5.28 49.88
N ASP E 110 19.17 6.34 50.62
CA ASP E 110 18.03 6.28 51.51
C ASP E 110 16.70 6.39 50.79
N ASP E 111 16.70 6.59 49.47
CA ASP E 111 15.48 6.69 48.69
C ASP E 111 15.16 5.42 47.93
N LEU E 112 15.61 4.27 48.43
CA LEU E 112 15.40 2.99 47.76
C LEU E 112 14.32 2.15 48.43
N ALA E 113 13.56 2.73 49.36
CA ALA E 113 12.48 2.02 50.03
C ALA E 113 11.39 1.65 49.03
N GLY E 114 11.13 0.35 48.88
CA GLY E 114 10.12 -0.11 47.95
C GLY E 114 10.50 -0.08 46.49
N LYS E 115 11.73 0.33 46.17
CA LYS E 115 12.19 0.37 44.79
C LYS E 115 12.86 -0.95 44.42
N THR E 116 13.07 -1.13 43.12
CA THR E 116 13.82 -2.26 42.60
C THR E 116 15.22 -1.78 42.22
N VAL E 117 16.24 -2.38 42.83
CA VAL E 117 17.62 -1.94 42.66
C VAL E 117 18.43 -3.11 42.13
N ALA E 118 19.12 -2.90 41.01
CA ALA E 118 19.96 -3.92 40.43
C ALA E 118 21.39 -3.78 40.90
N VAL E 119 22.12 -4.89 40.93
CA VAL E 119 23.52 -4.94 41.30
C VAL E 119 24.16 -6.15 40.63
N ASN E 120 25.48 -6.24 40.72
CA ASN E 120 26.21 -7.42 40.27
C ASN E 120 26.18 -8.48 41.36
N LEU E 121 26.09 -9.74 40.96
CA LEU E 121 26.04 -10.83 41.91
C LEU E 121 27.43 -11.07 42.50
N GLY E 122 27.49 -11.22 43.82
CA GLY E 122 28.75 -11.47 44.49
C GLY E 122 29.67 -10.28 44.59
N SER E 123 29.17 -9.07 44.36
CA SER E 123 30.01 -7.88 44.38
C SER E 123 29.97 -7.23 45.76
N ASN E 124 30.89 -6.29 45.96
CA ASN E 124 30.89 -5.52 47.20
C ASN E 124 29.64 -4.66 47.31
N PHE E 125 29.08 -4.24 46.17
CA PHE E 125 27.88 -3.40 46.19
C PHE E 125 26.66 -4.20 46.60
N GLU E 126 26.63 -5.50 46.29
CA GLU E 126 25.53 -6.35 46.74
C GLU E 126 25.49 -6.43 48.26
N GLN E 127 26.66 -6.51 48.90
CA GLN E 127 26.71 -6.56 50.36
C GLN E 127 26.41 -5.19 50.97
N LEU E 128 26.98 -4.13 50.40
CA LEU E 128 26.70 -2.78 50.88
C LEU E 128 25.21 -2.47 50.84
N LEU E 129 24.52 -2.94 49.78
CA LEU E 129 23.08 -2.73 49.69
C LEU E 129 22.35 -3.44 50.82
N ARG E 130 22.80 -4.64 51.18
CA ARG E 130 22.15 -5.38 52.26
C ARG E 130 22.49 -4.78 53.61
N ASN E 131 23.76 -4.40 53.81
CA ASN E 131 24.18 -3.84 55.08
C ASN E 131 23.64 -2.45 55.34
N HIS E 132 23.04 -1.80 54.34
CA HIS E 132 22.36 -0.54 54.53
C HIS E 132 20.85 -0.68 54.65
N ASP E 133 20.30 -1.84 54.30
CA ASP E 133 18.87 -2.09 54.34
C ASP E 133 18.59 -3.09 55.46
N LYS E 134 18.29 -2.56 56.66
CA LYS E 134 17.97 -3.42 57.79
C LYS E 134 16.51 -3.87 57.73
N ASP E 135 15.60 -2.96 57.34
CA ASP E 135 14.18 -3.29 57.33
C ASP E 135 13.86 -4.38 56.31
N GLY E 136 14.67 -4.51 55.27
CA GLY E 136 14.33 -5.40 54.18
C GLY E 136 13.32 -4.81 53.22
N LYS E 137 13.32 -3.48 53.07
CA LYS E 137 12.35 -2.77 52.25
C LYS E 137 12.80 -2.59 50.80
N ILE E 138 14.04 -2.93 50.49
CA ILE E 138 14.59 -2.75 49.14
C ILE E 138 14.46 -4.05 48.38
N ASN E 139 13.95 -3.98 47.15
CA ASN E 139 13.83 -5.14 46.28
C ASN E 139 15.17 -5.35 45.58
N ILE E 140 16.11 -5.93 46.31
CA ILE E 140 17.45 -6.16 45.79
C ILE E 140 17.40 -7.21 44.70
N LYS E 141 18.04 -6.93 43.56
CA LYS E 141 18.04 -7.83 42.43
C LYS E 141 19.45 -7.94 41.88
N THR E 142 19.93 -9.17 41.71
CA THR E 142 21.30 -9.43 41.32
C THR E 142 21.37 -9.91 39.88
N TYR E 143 22.38 -9.43 39.14
CA TYR E 143 22.59 -9.82 37.76
C TYR E 143 24.08 -10.05 37.53
N ASP E 144 24.41 -10.53 36.34
CA ASP E 144 25.77 -10.53 35.84
C ASP E 144 25.98 -9.52 34.71
N THR E 145 24.97 -9.30 33.88
CA THR E 145 24.99 -8.26 32.86
C THR E 145 23.61 -7.62 32.82
N GLY E 146 23.47 -6.60 31.97
CA GLY E 146 22.19 -5.94 31.80
C GLY E 146 21.70 -5.15 32.99
N ILE E 147 22.61 -4.68 33.84
CA ILE E 147 22.18 -3.87 34.98
C ILE E 147 21.95 -2.43 34.58
N GLU E 148 22.87 -1.86 33.79
CA GLU E 148 22.70 -0.50 33.31
C GLU E 148 21.63 -0.40 32.22
N HIS E 149 21.29 -1.52 31.59
CA HIS E 149 20.28 -1.51 30.54
C HIS E 149 18.87 -1.53 31.12
N ASP E 150 18.68 -2.25 32.23
CA ASP E 150 17.34 -2.34 32.83
C ASP E 150 16.93 -1.01 33.45
N VAL E 151 17.88 -0.24 33.98
CA VAL E 151 17.54 1.05 34.56
C VAL E 151 17.10 2.02 33.48
N ALA E 152 17.74 1.97 32.31
CA ALA E 152 17.30 2.79 31.19
C ALA E 152 15.96 2.32 30.64
N LEU E 153 15.65 1.04 30.81
CA LEU E 153 14.37 0.49 30.35
C LEU E 153 13.32 0.40 31.46
N GLY E 154 13.65 0.83 32.68
CA GLY E 154 12.68 0.81 33.74
C GLY E 154 12.40 -0.55 34.34
N ARG E 155 13.07 -1.62 33.87
CA ARG E 155 12.94 -2.91 34.53
C ARG E 155 13.48 -2.86 35.96
N ALA E 156 14.44 -1.97 36.21
CA ALA E 156 14.89 -1.65 37.56
C ALA E 156 14.93 -0.13 37.71
N ASP E 157 14.72 0.35 38.94
CA ASP E 157 14.66 1.78 39.18
C ASP E 157 16.05 2.40 39.38
N ALA E 158 17.04 1.61 39.75
CA ALA E 158 18.39 2.11 39.97
C ALA E 158 19.35 0.93 40.03
N PHE E 159 20.65 1.24 39.97
CA PHE E 159 21.69 0.24 40.20
C PHE E 159 22.84 0.89 40.95
N VAL E 160 23.65 0.04 41.57
CA VAL E 160 24.76 0.47 42.42
C VAL E 160 26.05 -0.08 41.85
N MET E 161 27.04 0.79 41.68
CA MET E 161 28.34 0.41 41.16
C MET E 161 29.31 1.57 41.44
N ASP E 162 30.45 1.57 40.77
CA ASP E 162 31.42 2.63 40.97
C ASP E 162 31.02 3.86 40.18
N ARG E 163 31.47 5.02 40.66
CA ARG E 163 31.11 6.29 40.04
C ARG E 163 31.75 6.44 38.67
N LEU E 164 32.97 5.92 38.50
CA LEU E 164 33.72 6.15 37.26
C LEU E 164 33.06 5.47 36.07
N SER E 165 32.77 4.17 36.18
CA SER E 165 32.12 3.46 35.08
C SER E 165 30.79 4.09 34.71
N ALA E 166 29.98 4.43 35.71
CA ALA E 166 28.71 5.10 35.42
C ALA E 166 28.93 6.47 34.78
N LEU E 167 29.98 7.17 35.21
CA LEU E 167 30.31 8.46 34.60
C LEU E 167 30.75 8.29 33.15
N GLU E 168 31.51 7.24 32.86
CA GLU E 168 31.88 6.99 31.47
C GLU E 168 30.71 6.48 30.66
N LEU E 169 29.72 5.85 31.31
CA LEU E 169 28.53 5.41 30.61
C LEU E 169 27.63 6.60 30.24
N ILE E 170 27.61 7.64 31.07
CA ILE E 170 26.79 8.79 30.82
C ILE E 170 27.48 9.75 29.85
N GLU E 171 28.73 10.09 30.14
CA GLU E 171 29.43 11.10 29.35
C GLU E 171 29.77 10.58 27.95
N LYS E 172 30.53 9.48 27.88
CA LYS E 172 31.07 9.05 26.59
C LYS E 172 30.05 8.30 25.75
N THR E 173 29.64 7.10 26.21
CA THR E 173 28.75 6.28 25.42
C THR E 173 27.38 6.93 25.24
N GLY E 174 26.90 7.66 26.24
CA GLY E 174 25.66 8.39 26.11
C GLY E 174 24.43 7.62 26.48
N LEU E 175 24.51 6.72 27.47
CA LEU E 175 23.33 5.98 27.90
C LEU E 175 22.44 6.89 28.74
N PRO E 176 21.11 6.80 28.58
CA PRO E 176 20.22 7.69 29.33
C PRO E 176 20.21 7.41 30.82
N LEU E 177 21.28 7.77 31.51
CA LEU E 177 21.41 7.57 32.94
C LEU E 177 21.95 8.85 33.58
N GLN E 178 21.91 8.87 34.92
CA GLN E 178 22.40 10.02 35.67
C GLN E 178 22.74 9.57 37.08
N LEU E 179 23.69 10.28 37.70
CA LEU E 179 24.09 9.97 39.06
C LEU E 179 23.01 10.39 40.05
N ALA E 180 22.79 9.58 41.07
CA ALA E 180 21.79 9.84 42.10
C ALA E 180 22.54 10.14 43.40
N GLY E 181 22.69 11.42 43.72
CA GLY E 181 23.40 11.76 44.94
C GLY E 181 24.91 11.60 44.77
N SER E 182 25.59 11.64 45.91
CA SER E 182 27.03 11.53 46.00
C SER E 182 27.43 10.12 46.42
N PRO E 183 28.70 9.74 46.24
CA PRO E 183 29.15 8.43 46.74
C PRO E 183 28.90 8.30 48.23
N PHE E 184 28.51 7.10 48.64
CA PHE E 184 28.15 6.81 50.02
C PHE E 184 29.11 5.84 50.70
N GLU E 185 30.16 5.40 50.00
CA GLU E 185 31.15 4.51 50.58
C GLU E 185 32.38 4.45 49.67
N THR E 186 33.55 4.84 50.20
CA THR E 186 34.77 4.77 49.42
C THR E 186 35.22 3.32 49.26
N ILE E 187 35.73 2.99 48.07
CA ILE E 187 36.20 1.65 47.77
C ILE E 187 37.66 1.72 47.36
N GLU E 188 38.46 0.81 47.90
CA GLU E 188 39.86 0.64 47.51
C GLU E 188 39.97 -0.64 46.70
N ASN E 189 40.40 -0.51 45.45
CA ASN E 189 40.41 -1.61 44.50
C ASN E 189 41.83 -2.12 44.30
N ALA E 190 42.03 -3.41 44.53
CA ALA E 190 43.32 -4.05 44.34
C ALA E 190 43.11 -5.39 43.63
N TRP E 191 44.20 -6.10 43.39
CA TRP E 191 44.14 -7.40 42.74
C TRP E 191 44.25 -8.51 43.77
N PRO E 192 43.34 -9.47 43.79
CA PRO E 192 43.42 -10.56 44.77
C PRO E 192 44.22 -11.75 44.28
N PHE E 193 44.84 -12.44 45.24
CA PHE E 193 45.57 -13.67 44.99
C PHE E 193 45.26 -14.64 46.11
N VAL E 194 45.13 -15.92 45.77
CA VAL E 194 44.93 -16.94 46.81
C VAL E 194 46.21 -17.10 47.60
N ASN E 195 46.05 -17.43 48.88
CA ASN E 195 47.17 -17.40 49.84
C ASN E 195 47.98 -18.68 49.71
N ASN E 196 48.90 -18.67 48.75
CA ASN E 196 49.91 -19.71 48.62
C ASN E 196 51.17 -19.08 48.03
N GLU E 197 52.25 -19.86 48.02
CA GLU E 197 53.55 -19.32 47.59
C GLU E 197 53.50 -18.76 46.18
N LYS E 198 52.67 -19.34 45.32
CA LYS E 198 52.49 -18.78 43.98
C LYS E 198 51.87 -17.40 44.06
N GLY E 199 50.82 -17.25 44.87
CA GLY E 199 50.20 -15.95 45.04
C GLY E 199 50.95 -15.05 46.00
N GLN E 200 51.73 -15.64 46.91
CA GLN E 200 52.49 -14.82 47.86
C GLN E 200 53.54 -13.98 47.16
N GLN E 201 54.16 -14.53 46.12
CA GLN E 201 55.19 -13.77 45.39
C GLN E 201 54.62 -12.95 44.26
N LEU E 202 53.53 -13.39 43.63
CA LEU E 202 52.84 -12.52 42.67
C LEU E 202 52.39 -11.22 43.33
N GLN E 203 52.05 -11.29 44.62
CA GLN E 203 51.67 -10.08 45.34
C GLN E 203 52.81 -9.08 45.39
N GLY E 204 54.00 -9.55 45.78
CA GLY E 204 55.13 -8.65 45.92
C GLY E 204 55.63 -8.12 44.59
N GLU E 205 55.62 -8.97 43.56
CA GLU E 205 56.09 -8.54 42.24
C GLU E 205 55.15 -7.51 41.64
N VAL E 206 53.84 -7.65 41.88
CA VAL E 206 52.88 -6.69 41.36
C VAL E 206 53.00 -5.36 42.12
N ASN E 207 53.19 -5.43 43.43
CA ASN E 207 53.36 -4.21 44.22
C ASN E 207 54.56 -3.42 43.76
N LYS E 208 55.66 -4.10 43.41
CA LYS E 208 56.84 -3.40 42.92
C LYS E 208 56.61 -2.86 41.52
N ALA E 209 55.81 -3.55 40.71
CA ALA E 209 55.42 -3.02 39.42
C ALA E 209 54.48 -1.83 39.59
N LEU E 210 53.47 -1.98 40.45
CA LEU E 210 52.53 -0.89 40.70
C LEU E 210 53.24 0.36 41.21
N ALA E 211 54.22 0.18 42.10
CA ALA E 211 54.99 1.32 42.59
C ALA E 211 55.83 1.93 41.49
N ALA E 212 56.35 1.10 40.57
CA ALA E 212 57.16 1.64 39.48
C ALA E 212 56.30 2.32 38.42
N MET E 213 55.11 1.76 38.15
CA MET E 213 54.22 2.37 37.16
C MET E 213 53.67 3.69 37.66
N ARG E 214 53.38 3.80 38.96
CA ARG E 214 52.97 5.09 39.52
C ARG E 214 54.08 6.12 39.40
N ALA E 215 55.34 5.69 39.48
CA ALA E 215 56.45 6.63 39.57
C ALA E 215 56.84 7.20 38.21
N ASP E 216 56.80 6.39 37.15
CA ASP E 216 57.23 6.83 35.83
C ASP E 216 56.05 7.30 34.97
N GLY E 217 54.88 7.52 35.57
CA GLY E 217 53.74 8.06 34.86
C GLY E 217 52.97 7.07 34.01
N THR E 218 53.38 5.80 33.99
CA THR E 218 52.68 4.81 33.17
C THR E 218 51.24 4.63 33.61
N LEU E 219 51.02 4.52 34.93
CA LEU E 219 49.65 4.36 35.43
C LEU E 219 48.80 5.58 35.15
N SER E 220 49.40 6.78 35.15
CA SER E 220 48.63 7.98 34.83
C SER E 220 48.26 8.02 33.35
N GLN E 221 49.18 7.62 32.47
CA GLN E 221 48.90 7.62 31.04
C GLN E 221 47.72 6.72 30.71
N ILE E 222 47.69 5.52 31.30
CA ILE E 222 46.60 4.58 31.02
C ILE E 222 45.28 5.12 31.54
N ALA E 223 45.31 5.78 32.71
CA ALA E 223 44.07 6.34 33.26
C ALA E 223 43.53 7.47 32.39
N LEU E 224 44.42 8.20 31.71
CA LEU E 224 43.98 9.29 30.84
C LEU E 224 43.44 8.78 29.51
N LYS E 225 43.95 7.64 29.03
CA LYS E 225 43.49 7.10 27.76
C LYS E 225 42.05 6.61 27.85
N TRP E 226 41.66 6.07 29.01
CA TRP E 226 40.35 5.46 29.17
C TRP E 226 39.34 6.33 29.88
N PHE E 227 39.78 7.33 30.64
CA PHE E 227 38.88 8.15 31.44
C PHE E 227 39.00 9.64 31.18
N GLY E 228 40.04 10.11 30.49
CA GLY E 228 40.19 11.52 30.22
C GLY E 228 40.71 12.28 31.42
N THR E 229 40.78 11.58 32.54
CA THR E 229 41.29 12.12 33.79
C THR E 229 42.20 11.08 34.44
N ASP E 230 43.05 11.55 35.35
CA ASP E 230 43.96 10.67 36.08
C ASP E 230 43.25 10.17 37.32
N ILE E 231 42.62 9.00 37.20
CA ILE E 231 41.91 8.43 38.34
C ILE E 231 42.88 7.80 39.34
N SER E 232 44.12 7.58 38.95
CA SER E 232 45.10 6.93 39.83
C SER E 232 45.62 7.86 40.92
N GLN E 233 45.24 9.13 40.92
CA GLN E 233 45.65 10.06 41.96
C GLN E 233 44.87 9.82 43.25
N ALA F 7 13.43 57.57 -36.81
CA ALA F 7 12.66 56.54 -36.12
C ALA F 7 12.41 56.94 -34.67
N THR F 8 11.25 57.53 -34.41
CA THR F 8 10.93 58.00 -33.06
C THR F 8 10.65 56.83 -32.14
N GLU F 9 11.23 56.87 -30.94
CA GLU F 9 10.95 55.86 -29.93
C GLU F 9 9.55 56.07 -29.37
N VAL F 10 8.73 55.02 -29.42
CA VAL F 10 7.33 55.07 -28.99
C VAL F 10 7.10 53.90 -28.04
N LYS F 11 7.12 54.18 -26.74
CA LYS F 11 6.84 53.15 -25.74
C LYS F 11 5.34 52.96 -25.60
N VAL F 12 4.89 51.71 -25.76
CA VAL F 12 3.48 51.35 -25.71
C VAL F 12 3.25 50.47 -24.50
N GLY F 13 2.30 50.87 -23.65
CA GLY F 13 2.02 50.12 -22.43
C GLY F 13 0.87 49.15 -22.60
N MET F 14 0.96 48.03 -21.89
CA MET F 14 -0.05 46.99 -21.94
C MET F 14 0.07 46.14 -20.67
N SER F 15 -0.81 45.15 -20.55
CA SER F 15 -0.84 44.29 -19.37
C SER F 15 -0.24 42.91 -19.60
N GLY F 16 -0.28 42.40 -20.82
CA GLY F 16 0.22 41.06 -21.08
C GLY F 16 -0.61 39.95 -20.47
N ARG F 17 -1.82 40.26 -20.03
CA ARG F 17 -2.74 39.30 -19.43
C ARG F 17 -4.16 39.59 -19.87
N TYR F 18 -4.35 39.85 -21.17
CA TYR F 18 -5.62 40.30 -21.72
C TYR F 18 -5.83 39.56 -23.05
N PHE F 19 -6.11 38.26 -22.96
CA PHE F 19 -6.27 37.44 -24.16
C PHE F 19 -7.54 37.83 -24.89
N PRO F 20 -7.50 37.95 -26.22
CA PRO F 20 -6.32 37.80 -27.10
C PRO F 20 -5.71 39.14 -27.49
N PHE F 21 -6.03 40.21 -26.77
CA PHE F 21 -5.53 41.54 -27.13
C PHE F 21 -4.03 41.65 -26.84
N THR F 22 -3.65 41.49 -25.57
CA THR F 22 -2.24 41.45 -25.19
C THR F 22 -2.05 40.33 -24.18
N PHE F 23 -1.14 39.41 -24.48
CA PHE F 23 -0.91 38.26 -23.63
C PHE F 23 0.42 37.64 -24.02
N VAL F 24 0.91 36.75 -23.16
CA VAL F 24 2.17 36.05 -23.37
C VAL F 24 1.90 34.57 -23.57
N LYS F 25 2.53 33.97 -24.57
CA LYS F 25 2.46 32.54 -24.80
C LYS F 25 3.78 32.07 -25.38
N GLN F 26 4.31 30.96 -24.85
CA GLN F 26 5.59 30.41 -25.27
C GLN F 26 6.71 31.44 -25.08
N ASP F 27 6.67 32.14 -23.95
CA ASP F 27 7.63 33.19 -23.62
C ASP F 27 7.69 34.25 -24.72
N GLU F 28 6.52 34.71 -25.15
CA GLU F 28 6.44 35.64 -26.26
C GLU F 28 5.18 36.50 -26.09
N LEU F 29 5.37 37.81 -25.93
CA LEU F 29 4.25 38.73 -25.86
C LEU F 29 3.64 38.91 -27.24
N GLN F 30 2.33 38.74 -27.35
CA GLN F 30 1.65 38.77 -28.64
C GLN F 30 0.21 39.19 -28.44
N GLY F 31 -0.53 39.28 -29.55
CA GLY F 31 -1.94 39.61 -29.49
C GLY F 31 -2.39 40.62 -30.52
N PHE F 32 -3.68 40.98 -30.49
CA PHE F 32 -4.22 41.95 -31.42
C PHE F 32 -3.52 43.30 -31.26
N GLU F 33 -3.33 43.75 -30.01
CA GLU F 33 -2.71 45.04 -29.77
C GLU F 33 -1.26 45.06 -30.21
N VAL F 34 -0.57 43.92 -30.11
CA VAL F 34 0.84 43.87 -30.47
C VAL F 34 1.01 43.97 -31.98
N ASP F 35 0.24 43.17 -32.73
CA ASP F 35 0.34 43.19 -34.18
C ASP F 35 -0.02 44.55 -34.74
N VAL F 36 -1.04 45.20 -34.18
CA VAL F 36 -1.50 46.48 -34.71
C VAL F 36 -0.40 47.53 -34.63
N TRP F 37 0.19 47.69 -33.45
CA TRP F 37 1.23 48.71 -33.29
C TRP F 37 2.51 48.32 -34.01
N ASN F 38 2.76 47.02 -34.19
CA ASN F 38 3.87 46.61 -35.04
C ASN F 38 3.63 47.01 -36.49
N GLU F 39 2.36 47.10 -36.91
CA GLU F 39 2.04 47.59 -38.24
C GLU F 39 2.09 49.11 -38.31
N ILE F 40 1.56 49.78 -37.29
CA ILE F 40 1.65 51.24 -37.22
C ILE F 40 3.11 51.68 -37.26
N GLY F 41 3.99 50.95 -36.57
CA GLY F 41 5.39 51.30 -36.55
C GLY F 41 6.05 51.17 -37.92
N LYS F 42 5.68 50.12 -38.66
CA LYS F 42 6.24 49.96 -40.01
C LYS F 42 5.83 51.12 -40.91
N ARG F 43 4.57 51.53 -40.85
CA ARG F 43 4.06 52.57 -41.73
C ARG F 43 4.50 53.97 -41.30
N ASN F 44 4.69 54.18 -40.00
CA ASN F 44 5.07 55.50 -39.48
C ASN F 44 6.54 55.62 -39.15
N ASP F 45 7.34 54.59 -39.45
CA ASP F 45 8.77 54.57 -39.16
C ASP F 45 9.03 54.87 -37.69
N TYR F 46 8.43 54.05 -36.83
CA TYR F 46 8.58 54.17 -35.40
C TYR F 46 9.54 53.12 -34.86
N LYS F 47 10.02 53.35 -33.65
CA LYS F 47 10.71 52.35 -32.84
C LYS F 47 9.76 52.01 -31.70
N VAL F 48 9.05 50.89 -31.83
CA VAL F 48 7.98 50.54 -30.91
C VAL F 48 8.53 49.64 -29.81
N GLU F 49 8.41 50.09 -28.57
CA GLU F 49 8.74 49.29 -27.40
C GLU F 49 7.45 48.97 -26.65
N PHE F 50 7.26 47.70 -26.33
CA PHE F 50 6.08 47.24 -25.59
C PHE F 50 6.46 47.04 -24.13
N VAL F 51 5.75 47.73 -23.24
CA VAL F 51 6.02 47.70 -21.80
C VAL F 51 4.81 47.08 -21.11
N THR F 52 5.04 45.96 -20.44
CA THR F 52 3.98 45.29 -19.70
C THR F 52 3.92 45.82 -18.27
N ALA F 53 2.70 45.96 -17.75
CA ALA F 53 2.47 46.44 -16.40
C ALA F 53 1.01 46.21 -16.05
N ASN F 54 0.71 46.23 -14.76
CA ASN F 54 -0.67 46.10 -14.31
C ASN F 54 -1.53 47.19 -14.92
N PHE F 55 -2.80 46.85 -15.21
CA PHE F 55 -3.66 47.79 -15.91
C PHE F 55 -3.96 49.03 -15.07
N SER F 56 -4.03 48.89 -13.76
CA SER F 56 -4.35 50.03 -12.90
C SER F 56 -3.28 51.11 -12.95
N GLY F 57 -2.08 50.78 -13.42
CA GLY F 57 -0.99 51.74 -13.44
C GLY F 57 -0.66 52.24 -14.83
N LEU F 58 -1.25 51.63 -15.85
CA LEU F 58 -0.98 52.05 -17.23
C LEU F 58 -1.33 53.51 -17.44
N LEU F 59 -2.45 53.97 -16.88
CA LEU F 59 -2.80 55.38 -16.99
C LEU F 59 -1.89 56.24 -16.14
N GLY F 60 -1.40 55.72 -15.02
CA GLY F 60 -0.44 56.46 -14.21
C GLY F 60 0.91 56.59 -14.91
N LEU F 61 1.38 55.49 -15.51
CA LEU F 61 2.62 55.55 -16.28
C LEU F 61 2.48 56.50 -17.47
N LEU F 62 1.28 56.62 -18.02
CA LEU F 62 1.06 57.50 -19.16
C LEU F 62 1.08 58.97 -18.74
N GLU F 63 0.40 59.29 -17.63
CA GLU F 63 0.37 60.68 -17.17
C GLU F 63 1.76 61.19 -16.85
N THR F 64 2.53 60.42 -16.08
CA THR F 64 3.88 60.85 -15.71
C THR F 64 4.82 60.86 -16.91
N GLY F 65 4.51 60.11 -17.96
CA GLY F 65 5.30 60.11 -19.17
C GLY F 65 6.23 58.94 -19.36
N ARG F 66 6.09 57.87 -18.57
CA ARG F 66 6.97 56.72 -18.75
C ARG F 66 6.59 55.89 -19.98
N ILE F 67 5.34 55.97 -20.42
CA ILE F 67 4.92 55.37 -21.68
C ILE F 67 4.24 56.45 -22.51
N ASP F 68 4.36 56.33 -23.83
CA ASP F 68 3.78 57.32 -24.73
C ASP F 68 2.29 57.10 -24.94
N THR F 69 1.84 55.84 -24.93
CA THR F 69 0.44 55.52 -25.13
C THR F 69 0.17 54.13 -24.56
N ILE F 70 -1.11 53.76 -24.55
CA ILE F 70 -1.56 52.47 -24.07
C ILE F 70 -2.33 51.79 -25.18
N SER F 71 -2.03 50.51 -25.42
CA SER F 71 -2.75 49.69 -26.39
C SER F 71 -3.39 48.54 -25.61
N ASN F 72 -4.53 48.83 -24.98
CA ASN F 72 -5.18 47.86 -24.12
C ASN F 72 -6.69 48.11 -24.08
N GLN F 73 -7.28 48.39 -25.25
CA GLN F 73 -8.71 48.62 -25.38
C GLN F 73 -9.18 49.74 -24.44
N ILE F 74 -8.49 50.87 -24.52
CA ILE F 74 -8.79 52.01 -23.66
C ILE F 74 -10.08 52.67 -24.16
N THR F 75 -11.13 52.60 -23.36
CA THR F 75 -12.43 53.13 -23.75
C THR F 75 -12.46 54.65 -23.59
N ILE F 76 -13.05 55.33 -24.57
CA ILE F 76 -13.16 56.79 -24.53
C ILE F 76 -14.35 57.18 -23.67
N THR F 77 -14.08 57.86 -22.55
CA THR F 77 -15.11 58.34 -21.65
C THR F 77 -15.02 59.86 -21.54
N ASP F 78 -16.02 60.45 -20.89
CA ASP F 78 -16.01 61.89 -20.65
C ASP F 78 -14.86 62.29 -19.73
N ALA F 79 -14.62 61.49 -18.69
CA ALA F 79 -13.55 61.81 -17.76
C ALA F 79 -12.17 61.58 -18.37
N ARG F 80 -12.07 60.64 -19.31
CA ARG F 80 -10.82 60.42 -20.03
C ARG F 80 -10.66 61.35 -21.23
N LYS F 81 -11.74 61.97 -21.70
CA LYS F 81 -11.63 62.93 -22.80
C LYS F 81 -10.91 64.20 -22.34
N ALA F 82 -11.37 64.77 -21.22
CA ALA F 82 -10.83 66.04 -20.75
C ALA F 82 -9.43 65.91 -20.15
N LYS F 83 -8.90 64.69 -20.02
CA LYS F 83 -7.59 64.50 -19.42
C LYS F 83 -6.52 64.13 -20.44
N TYR F 84 -6.84 63.28 -21.41
CA TYR F 84 -5.89 62.83 -22.41
C TYR F 84 -6.39 63.17 -23.81
N LEU F 85 -5.47 63.07 -24.76
CA LEU F 85 -5.84 63.04 -26.17
C LEU F 85 -6.37 61.66 -26.54
N PHE F 86 -6.89 61.55 -27.76
CA PHE F 86 -7.44 60.28 -28.22
C PHE F 86 -7.40 60.21 -29.74
N SER F 87 -7.05 59.03 -30.24
CA SER F 87 -7.08 58.76 -31.66
C SER F 87 -8.49 58.36 -32.09
N ASP F 88 -8.65 58.05 -33.37
CA ASP F 88 -9.88 57.44 -33.83
C ASP F 88 -10.01 56.04 -33.21
N PRO F 89 -11.18 55.66 -32.72
CA PRO F 89 -11.34 54.31 -32.17
C PRO F 89 -11.03 53.25 -33.22
N TYR F 90 -10.29 52.22 -32.79
CA TYR F 90 -9.97 51.10 -33.68
C TYR F 90 -10.85 49.89 -33.44
N VAL F 91 -11.56 49.83 -32.32
CA VAL F 91 -12.52 48.77 -32.04
C VAL F 91 -13.71 49.40 -31.32
N ILE F 92 -14.92 49.09 -31.78
CA ILE F 92 -16.15 49.56 -31.16
C ILE F 92 -16.88 48.32 -30.66
N ASP F 93 -16.84 48.08 -29.35
CA ASP F 93 -17.49 46.92 -28.75
C ASP F 93 -18.47 47.38 -27.67
N GLY F 94 -18.71 46.54 -26.67
CA GLY F 94 -19.62 46.90 -25.60
C GLY F 94 -19.28 46.18 -24.31
N ALA F 95 -19.86 46.68 -23.22
CA ALA F 95 -19.63 46.10 -21.91
C ALA F 95 -20.52 44.88 -21.70
N GLN F 96 -19.93 43.77 -21.28
CA GLN F 96 -20.62 42.49 -21.20
C GLN F 96 -20.50 41.91 -19.79
N ILE F 97 -21.61 41.45 -19.24
CA ILE F 97 -21.61 40.70 -17.99
C ILE F 97 -21.28 39.25 -18.31
N THR F 98 -20.35 38.68 -17.55
CA THR F 98 -19.93 37.29 -17.73
C THR F 98 -19.93 36.58 -16.39
N VAL F 99 -20.53 35.39 -16.35
CA VAL F 99 -20.63 34.60 -15.13
C VAL F 99 -20.11 33.20 -15.37
N ARG F 100 -20.36 32.30 -14.42
CA ARG F 100 -19.92 30.91 -14.53
C ARG F 100 -21.00 30.08 -15.22
N LYS F 101 -20.55 29.01 -15.87
CA LYS F 101 -21.48 28.14 -16.59
C LYS F 101 -22.45 27.48 -15.62
N GLY F 102 -23.73 27.53 -15.97
CA GLY F 102 -24.79 26.99 -15.13
C GLY F 102 -25.51 28.04 -14.30
N ASN F 103 -24.95 29.23 -14.16
CA ASN F 103 -25.57 30.28 -13.37
C ASN F 103 -26.65 30.97 -14.19
N GLU F 104 -27.88 30.95 -13.69
CA GLU F 104 -28.96 31.73 -14.29
C GLU F 104 -29.54 32.77 -13.34
N ALA F 105 -29.06 32.85 -12.10
CA ALA F 105 -29.51 33.91 -11.19
C ALA F 105 -29.08 35.28 -11.71
N ILE F 106 -27.98 35.35 -12.43
CA ILE F 106 -27.49 36.59 -13.02
C ILE F 106 -27.83 36.57 -14.50
N LYS F 107 -28.82 37.38 -14.90
CA LYS F 107 -29.20 37.50 -16.30
C LYS F 107 -28.52 38.70 -16.97
N GLY F 108 -28.69 39.89 -16.40
CA GLY F 108 -28.08 41.07 -16.96
C GLY F 108 -27.56 42.02 -15.91
N ILE F 109 -27.55 43.33 -16.23
CA ILE F 109 -27.07 44.33 -15.28
C ILE F 109 -28.08 44.60 -14.16
N ASP F 110 -29.29 44.07 -14.26
CA ASP F 110 -30.28 44.24 -13.20
C ASP F 110 -30.03 43.29 -12.04
N ASP F 111 -29.75 42.02 -12.34
CA ASP F 111 -29.68 40.97 -11.33
C ASP F 111 -28.30 40.84 -10.70
N LEU F 112 -27.64 41.96 -10.42
CA LEU F 112 -26.36 41.97 -9.74
C LEU F 112 -26.47 42.35 -8.27
N ALA F 113 -27.67 42.61 -7.77
CA ALA F 113 -27.86 42.96 -6.38
C ALA F 113 -27.56 41.77 -5.49
N GLY F 114 -26.83 42.02 -4.40
CA GLY F 114 -26.43 40.94 -3.50
C GLY F 114 -25.46 39.97 -4.13
N LYS F 115 -24.63 40.45 -5.06
CA LYS F 115 -23.70 39.62 -5.79
C LYS F 115 -22.30 40.24 -5.72
N THR F 116 -21.29 39.39 -5.86
CA THR F 116 -19.91 39.81 -5.90
C THR F 116 -19.48 39.92 -7.36
N VAL F 117 -19.13 41.12 -7.80
CA VAL F 117 -18.77 41.40 -9.18
C VAL F 117 -17.31 41.88 -9.21
N ALA F 118 -16.48 41.19 -9.97
CA ALA F 118 -15.07 41.56 -10.09
C ALA F 118 -14.86 42.48 -11.29
N VAL F 119 -14.05 43.52 -11.08
CA VAL F 119 -13.76 44.50 -12.13
C VAL F 119 -12.27 44.82 -12.09
N ASN F 120 -11.72 45.15 -13.26
CA ASN F 120 -10.35 45.64 -13.33
C ASN F 120 -10.25 46.99 -12.64
N LEU F 121 -9.20 47.16 -11.83
CA LEU F 121 -9.02 48.39 -11.08
C LEU F 121 -8.65 49.53 -12.02
N GLY F 122 -9.38 50.64 -11.91
CA GLY F 122 -9.14 51.81 -12.74
C GLY F 122 -9.70 51.72 -14.14
N SER F 123 -10.57 50.75 -14.41
CA SER F 123 -11.15 50.58 -15.74
C SER F 123 -12.47 51.33 -15.84
N ASN F 124 -12.89 51.56 -17.09
CA ASN F 124 -14.18 52.18 -17.33
C ASN F 124 -15.32 51.28 -16.87
N PHE F 125 -15.11 49.97 -16.88
CA PHE F 125 -16.15 49.05 -16.45
C PHE F 125 -16.47 49.22 -14.97
N GLU F 126 -15.46 49.52 -14.16
CA GLU F 126 -15.70 49.81 -12.74
C GLU F 126 -16.61 51.01 -12.59
N GLN F 127 -16.37 52.06 -13.38
CA GLN F 127 -17.23 53.25 -13.31
C GLN F 127 -18.64 52.93 -13.77
N LEU F 128 -18.78 52.06 -14.79
CA LEU F 128 -20.11 51.65 -15.21
C LEU F 128 -20.83 50.86 -14.12
N LEU F 129 -20.09 50.04 -13.37
CA LEU F 129 -20.68 49.28 -12.29
C LEU F 129 -21.10 50.20 -11.14
N ARG F 130 -20.25 51.15 -10.77
CA ARG F 130 -20.59 52.10 -9.72
C ARG F 130 -21.79 52.96 -10.10
N ASN F 131 -21.97 53.23 -11.39
CA ASN F 131 -23.14 53.97 -11.83
C ASN F 131 -24.39 53.09 -11.79
N HIS F 132 -24.29 51.86 -12.29
CA HIS F 132 -25.42 50.94 -12.27
C HIS F 132 -25.75 50.45 -10.87
N ASP F 133 -24.85 50.63 -9.90
CA ASP F 133 -25.12 50.30 -8.51
C ASP F 133 -25.58 51.57 -7.80
N LYS F 134 -26.85 51.92 -8.02
CA LYS F 134 -27.38 53.18 -7.53
C LYS F 134 -27.45 53.20 -6.01
N ASP F 135 -28.05 52.16 -5.42
CA ASP F 135 -28.28 52.10 -3.99
C ASP F 135 -27.17 51.38 -3.23
N GLY F 136 -26.06 51.06 -3.89
CA GLY F 136 -25.00 50.31 -3.24
C GLY F 136 -25.35 48.88 -2.94
N LYS F 137 -26.33 48.32 -3.65
CA LYS F 137 -26.79 46.95 -3.40
C LYS F 137 -25.90 45.90 -4.04
N ILE F 138 -24.83 46.29 -4.73
CA ILE F 138 -23.96 45.37 -5.44
C ILE F 138 -22.56 45.45 -4.82
N ASN F 139 -22.02 44.29 -4.44
CA ASN F 139 -20.67 44.25 -3.91
C ASN F 139 -19.67 44.17 -5.05
N ILE F 140 -18.67 45.04 -5.03
CA ILE F 140 -17.70 45.17 -6.11
C ILE F 140 -16.32 44.81 -5.58
N LYS F 141 -15.56 44.06 -6.37
CA LYS F 141 -14.21 43.63 -6.04
C LYS F 141 -13.26 44.08 -7.15
N THR F 142 -12.56 45.18 -6.93
CA THR F 142 -11.59 45.65 -7.91
C THR F 142 -10.40 44.70 -7.97
N TYR F 143 -9.91 44.48 -9.19
CA TYR F 143 -8.82 43.54 -9.43
C TYR F 143 -7.86 44.13 -10.46
N ASP F 144 -6.76 43.42 -10.67
CA ASP F 144 -5.82 43.65 -11.76
C ASP F 144 -5.56 42.38 -12.57
N THR F 145 -5.47 41.23 -11.91
CA THR F 145 -5.32 39.95 -12.58
C THR F 145 -6.18 38.91 -11.86
N GLY F 146 -6.46 37.81 -12.56
CA GLY F 146 -7.16 36.70 -11.97
C GLY F 146 -8.64 36.91 -11.72
N ILE F 147 -9.29 37.75 -12.51
CA ILE F 147 -10.70 38.02 -12.27
C ILE F 147 -11.59 36.99 -12.94
N GLU F 148 -11.17 36.46 -14.09
CA GLU F 148 -11.92 35.39 -14.73
C GLU F 148 -11.67 34.05 -14.06
N HIS F 149 -10.45 33.84 -13.55
CA HIS F 149 -10.16 32.64 -12.78
C HIS F 149 -11.01 32.58 -11.51
N ASP F 150 -11.35 33.74 -10.94
CA ASP F 150 -12.17 33.75 -9.72
C ASP F 150 -13.61 33.37 -10.02
N VAL F 151 -14.18 33.92 -11.09
CA VAL F 151 -15.58 33.64 -11.41
C VAL F 151 -15.75 32.17 -11.80
N ALA F 152 -14.81 31.63 -12.56
CA ALA F 152 -14.90 30.24 -12.98
C ALA F 152 -14.73 29.28 -11.80
N LEU F 153 -14.19 29.75 -10.68
CA LEU F 153 -14.00 28.91 -9.50
C LEU F 153 -15.09 29.08 -8.45
N GLY F 154 -15.72 30.25 -8.38
CA GLY F 154 -16.74 30.52 -7.39
C GLY F 154 -16.43 31.63 -6.42
N ARG F 155 -15.26 32.26 -6.48
CA ARG F 155 -14.96 33.37 -5.58
C ARG F 155 -15.90 34.53 -5.85
N ALA F 156 -15.81 35.09 -7.06
CA ALA F 156 -16.72 36.14 -7.49
C ALA F 156 -17.88 35.54 -8.27
N ASP F 157 -19.03 36.21 -8.22
CA ASP F 157 -20.23 35.77 -8.90
C ASP F 157 -20.27 36.19 -10.36
N ALA F 158 -19.61 37.29 -10.72
CA ALA F 158 -19.60 37.78 -12.08
C ALA F 158 -18.39 38.68 -12.27
N PHE F 159 -18.08 38.95 -13.54
CA PHE F 159 -17.08 39.96 -13.88
C PHE F 159 -17.52 40.69 -15.14
N VAL F 160 -17.17 41.97 -15.20
CA VAL F 160 -17.57 42.84 -16.29
C VAL F 160 -16.33 43.20 -17.10
N MET F 161 -16.37 42.91 -18.40
CA MET F 161 -15.30 43.25 -19.32
C MET F 161 -15.91 43.45 -20.70
N ASP F 162 -15.08 43.35 -21.73
CA ASP F 162 -15.61 43.44 -23.09
C ASP F 162 -16.15 42.08 -23.53
N ARG F 163 -17.07 42.12 -24.48
CA ARG F 163 -17.67 40.89 -24.99
C ARG F 163 -16.70 40.10 -25.86
N LEU F 164 -15.77 40.78 -26.52
CA LEU F 164 -14.86 40.10 -27.44
C LEU F 164 -13.89 39.19 -26.69
N SER F 165 -13.29 39.69 -25.61
CA SER F 165 -12.34 38.89 -24.84
C SER F 165 -13.04 37.72 -24.16
N ALA F 166 -14.19 37.98 -23.53
CA ALA F 166 -14.91 36.93 -22.83
C ALA F 166 -15.35 35.82 -23.79
N LEU F 167 -15.77 36.19 -24.99
CA LEU F 167 -16.15 35.18 -25.98
C LEU F 167 -14.96 34.30 -26.35
N GLU F 168 -13.80 34.92 -26.61
CA GLU F 168 -12.61 34.14 -26.95
C GLU F 168 -12.12 33.31 -25.78
N LEU F 169 -12.44 33.70 -24.54
CA LEU F 169 -12.14 32.84 -23.40
C LEU F 169 -13.09 31.65 -23.36
N ILE F 170 -14.33 31.84 -23.78
CA ILE F 170 -15.31 30.76 -23.79
C ILE F 170 -15.09 29.85 -24.99
N GLU F 171 -15.08 30.44 -26.19
CA GLU F 171 -15.11 29.62 -27.40
C GLU F 171 -13.75 28.99 -27.71
N LYS F 172 -12.65 29.65 -27.36
CA LYS F 172 -11.33 29.21 -27.77
C LYS F 172 -10.52 28.59 -26.64
N THR F 173 -10.36 29.28 -25.51
CA THR F 173 -9.52 28.75 -24.45
C THR F 173 -10.18 27.60 -23.70
N GLY F 174 -11.51 27.63 -23.57
CA GLY F 174 -12.22 26.59 -22.88
C GLY F 174 -12.58 26.88 -21.43
N LEU F 175 -12.52 28.14 -21.01
CA LEU F 175 -12.82 28.47 -19.63
C LEU F 175 -14.31 28.29 -19.34
N PRO F 176 -14.67 27.71 -18.19
CA PRO F 176 -16.09 27.48 -17.89
C PRO F 176 -16.84 28.77 -17.57
N LEU F 177 -17.12 29.57 -18.60
CA LEU F 177 -17.81 30.84 -18.45
C LEU F 177 -18.94 30.92 -19.46
N GLN F 178 -19.83 31.90 -19.26
CA GLN F 178 -20.91 32.15 -20.20
C GLN F 178 -21.32 33.60 -20.11
N LEU F 179 -21.78 34.15 -21.23
CA LEU F 179 -22.19 35.55 -21.29
C LEU F 179 -23.56 35.71 -20.66
N ALA F 180 -23.65 36.58 -19.66
CA ALA F 180 -24.93 36.87 -19.00
C ALA F 180 -25.66 37.93 -19.82
N GLY F 181 -26.39 37.48 -20.84
CA GLY F 181 -27.19 38.39 -21.63
C GLY F 181 -26.37 39.13 -22.68
N SER F 182 -26.86 40.31 -23.06
CA SER F 182 -26.30 41.13 -24.11
C SER F 182 -25.62 42.37 -23.53
N PRO F 183 -24.74 43.02 -24.29
CA PRO F 183 -24.10 44.24 -23.79
C PRO F 183 -25.10 45.32 -23.43
N PHE F 184 -24.76 46.11 -22.41
CA PHE F 184 -25.64 47.14 -21.89
C PHE F 184 -25.15 48.55 -22.16
N GLU F 185 -24.01 48.71 -22.84
CA GLU F 185 -23.56 50.01 -23.30
C GLU F 185 -22.40 49.82 -24.27
N THR F 186 -22.39 50.61 -25.33
CA THR F 186 -21.33 50.54 -26.34
C THR F 186 -20.07 51.22 -25.83
N ILE F 187 -18.92 50.66 -26.20
CA ILE F 187 -17.63 51.22 -25.84
C ILE F 187 -16.83 51.48 -27.11
N GLU F 188 -16.11 52.60 -27.12
CA GLU F 188 -15.24 52.98 -28.23
C GLU F 188 -13.81 53.01 -27.73
N ASN F 189 -12.96 52.14 -28.27
CA ASN F 189 -11.61 51.93 -27.78
C ASN F 189 -10.61 52.55 -28.74
N ALA F 190 -9.86 53.53 -28.27
CA ALA F 190 -8.83 54.20 -29.05
C ALA F 190 -7.52 54.14 -28.29
N TRP F 191 -6.57 55.00 -28.68
CA TRP F 191 -5.27 55.07 -28.02
C TRP F 191 -5.12 56.40 -27.31
N PRO F 192 -4.83 56.41 -26.02
CA PRO F 192 -4.67 57.68 -25.30
C PRO F 192 -3.28 58.25 -25.47
N PHE F 193 -3.21 59.58 -25.56
CA PHE F 193 -1.94 60.30 -25.60
C PHE F 193 -2.04 61.50 -24.66
N VAL F 194 -0.89 61.92 -24.15
CA VAL F 194 -0.84 63.09 -23.29
C VAL F 194 -0.81 64.33 -24.15
N ASN F 195 -1.56 65.35 -23.73
CA ASN F 195 -1.68 66.57 -24.52
C ASN F 195 -0.39 67.37 -24.52
N ASN F 196 0.51 67.06 -25.44
CA ASN F 196 1.76 67.81 -25.61
C ASN F 196 2.28 67.56 -27.02
N GLU F 197 3.48 68.08 -27.30
CA GLU F 197 4.02 67.99 -28.64
C GLU F 197 4.25 66.55 -29.07
N LYS F 198 4.60 65.68 -28.13
CA LYS F 198 4.77 64.26 -28.45
C LYS F 198 3.42 63.60 -28.70
N GLY F 199 2.45 63.84 -27.82
CA GLY F 199 1.14 63.22 -27.98
C GLY F 199 0.34 63.78 -29.15
N GLN F 200 0.54 65.06 -29.47
CA GLN F 200 -0.18 65.66 -30.58
C GLN F 200 0.35 65.16 -31.92
N GLN F 201 1.67 65.06 -32.05
CA GLN F 201 2.24 64.52 -33.29
C GLN F 201 1.96 63.03 -33.42
N LEU F 202 1.87 62.31 -32.30
CA LEU F 202 1.49 60.90 -32.35
C LEU F 202 0.02 60.74 -32.75
N GLN F 203 -0.87 61.53 -32.11
CA GLN F 203 -2.29 61.44 -32.43
C GLN F 203 -2.56 61.70 -33.90
N GLY F 204 -1.77 62.56 -34.54
CA GLY F 204 -1.97 62.84 -35.94
C GLY F 204 -1.52 61.69 -36.83
N GLU F 205 -0.36 61.09 -36.53
CA GLU F 205 0.17 60.05 -37.39
C GLU F 205 -0.41 58.67 -37.09
N VAL F 206 -0.95 58.47 -35.88
CA VAL F 206 -1.63 57.21 -35.59
C VAL F 206 -2.99 57.18 -36.30
N ASN F 207 -3.62 58.33 -36.48
CA ASN F 207 -4.88 58.40 -37.22
C ASN F 207 -4.65 58.11 -38.70
N LYS F 208 -3.63 58.74 -39.30
CA LYS F 208 -3.35 58.50 -40.71
C LYS F 208 -2.98 57.05 -40.97
N ALA F 209 -2.36 56.38 -39.99
CA ALA F 209 -2.05 54.97 -40.14
C ALA F 209 -3.30 54.11 -40.01
N LEU F 210 -4.17 54.44 -39.05
CA LEU F 210 -5.37 53.63 -38.82
C LEU F 210 -6.27 53.65 -40.04
N ALA F 211 -6.41 54.81 -40.69
CA ALA F 211 -7.22 54.90 -41.90
C ALA F 211 -6.65 54.04 -43.02
N ALA F 212 -5.33 54.16 -43.27
CA ALA F 212 -4.72 53.37 -44.32
C ALA F 212 -4.75 51.88 -43.98
N MET F 213 -4.59 51.53 -42.70
CA MET F 213 -4.72 50.14 -42.28
C MET F 213 -6.13 49.63 -42.49
N ARG F 214 -7.14 50.49 -42.36
CA ARG F 214 -8.50 50.11 -42.70
C ARG F 214 -8.64 49.90 -44.21
N ALA F 215 -8.03 50.78 -45.00
CA ALA F 215 -8.28 50.77 -46.44
C ALA F 215 -7.68 49.54 -47.11
N ASP F 216 -6.39 49.27 -46.86
CA ASP F 216 -5.74 48.13 -47.49
C ASP F 216 -6.10 46.80 -46.85
N GLY F 217 -7.02 46.79 -45.89
CA GLY F 217 -7.48 45.56 -45.28
C GLY F 217 -6.55 44.95 -44.25
N THR F 218 -5.41 45.57 -43.98
CA THR F 218 -4.47 45.01 -43.02
C THR F 218 -5.09 44.90 -41.63
N LEU F 219 -5.91 45.89 -41.25
CA LEU F 219 -6.59 45.83 -39.95
C LEU F 219 -7.51 44.62 -39.86
N SER F 220 -8.28 44.37 -40.92
CA SER F 220 -9.18 43.22 -40.92
C SER F 220 -8.42 41.90 -40.97
N GLN F 221 -7.19 41.90 -41.50
CA GLN F 221 -6.37 40.70 -41.45
C GLN F 221 -5.93 40.41 -40.02
N ILE F 222 -5.54 41.45 -39.28
CA ILE F 222 -5.14 41.26 -37.89
C ILE F 222 -6.33 40.86 -37.03
N ALA F 223 -7.53 41.32 -37.38
CA ALA F 223 -8.70 41.02 -36.56
C ALA F 223 -9.17 39.58 -36.76
N LEU F 224 -9.06 39.06 -37.98
CA LEU F 224 -9.45 37.67 -38.24
C LEU F 224 -8.43 36.69 -37.69
N LYS F 225 -7.17 37.07 -37.60
CA LYS F 225 -6.14 36.17 -37.09
C LYS F 225 -6.38 35.84 -35.62
N TRP F 226 -6.90 36.79 -34.85
CA TRP F 226 -7.05 36.61 -33.42
C TRP F 226 -8.49 36.34 -32.98
N PHE F 227 -9.49 36.63 -33.84
CA PHE F 227 -10.88 36.49 -33.47
C PHE F 227 -11.69 35.62 -34.42
N GLY F 228 -11.21 35.38 -35.64
CA GLY F 228 -11.99 34.67 -36.64
C GLY F 228 -13.16 35.43 -37.20
N THR F 229 -13.51 36.57 -36.61
CA THR F 229 -14.58 37.43 -37.11
C THR F 229 -14.04 38.85 -37.20
N ASP F 230 -14.44 39.56 -38.25
CA ASP F 230 -13.89 40.88 -38.55
C ASP F 230 -14.49 41.87 -37.54
N ILE F 231 -13.83 41.98 -36.40
CA ILE F 231 -14.27 42.90 -35.35
C ILE F 231 -13.95 44.35 -35.68
N SER F 232 -13.09 44.59 -36.67
CA SER F 232 -12.73 45.95 -37.01
C SER F 232 -13.89 46.73 -37.60
N GLN F 233 -14.90 46.03 -38.12
CA GLN F 233 -16.07 46.69 -38.70
C GLN F 233 -17.06 47.08 -37.60
N ALA G 7 27.37 -42.81 1.83
CA ALA G 7 27.41 -41.62 2.67
C ALA G 7 26.03 -41.34 3.29
N THR G 8 25.62 -42.21 4.20
CA THR G 8 24.30 -42.10 4.82
C THR G 8 24.22 -40.83 5.67
N GLU G 9 23.14 -40.09 5.50
CA GLU G 9 22.90 -38.86 6.26
C GLU G 9 22.00 -39.16 7.45
N VAL G 10 22.43 -38.72 8.63
CA VAL G 10 21.67 -38.90 9.87
C VAL G 10 21.63 -37.57 10.61
N LYS G 11 20.42 -37.05 10.83
CA LYS G 11 20.25 -35.79 11.53
C LYS G 11 20.10 -36.05 13.02
N VAL G 12 21.02 -35.52 13.81
CA VAL G 12 21.02 -35.68 15.26
C VAL G 12 20.55 -34.39 15.90
N GLY G 13 19.64 -34.48 16.85
CA GLY G 13 19.11 -33.32 17.55
C GLY G 13 19.81 -33.12 18.88
N MET G 14 20.09 -31.86 19.20
CA MET G 14 20.69 -31.51 20.48
C MET G 14 20.36 -30.06 20.78
N SER G 15 20.50 -29.70 22.06
CA SER G 15 20.11 -28.35 22.49
C SER G 15 21.20 -27.33 22.20
N GLY G 16 22.47 -27.71 22.33
CA GLY G 16 23.54 -26.74 22.26
C GLY G 16 23.60 -25.81 23.45
N ARG G 17 22.79 -26.06 24.49
CA ARG G 17 22.75 -25.27 25.70
C ARG G 17 22.92 -26.16 26.92
N TYR G 18 23.80 -27.17 26.82
CA TYR G 18 23.92 -28.23 27.82
C TYR G 18 25.41 -28.51 28.02
N PHE G 19 26.06 -27.69 28.86
CA PHE G 19 27.48 -27.90 29.10
C PHE G 19 27.68 -29.04 30.10
N PRO G 20 28.68 -29.91 29.87
CA PRO G 20 29.55 -29.98 28.70
C PRO G 20 29.10 -31.02 27.69
N PHE G 21 27.82 -31.40 27.73
CA PHE G 21 27.29 -32.38 26.78
C PHE G 21 27.15 -31.76 25.39
N THR G 22 26.33 -30.71 25.28
CA THR G 22 26.12 -30.02 24.01
C THR G 22 26.14 -28.53 24.28
N PHE G 23 27.15 -27.84 23.75
CA PHE G 23 27.28 -26.40 23.97
C PHE G 23 28.03 -25.81 22.79
N VAL G 24 28.02 -24.47 22.73
CA VAL G 24 28.66 -23.72 21.66
C VAL G 24 29.66 -22.75 22.29
N LYS G 25 30.95 -22.95 21.99
CA LYS G 25 32.01 -22.06 22.43
C LYS G 25 32.70 -21.47 21.20
N GLN G 26 32.79 -20.14 21.15
CA GLN G 26 33.41 -19.43 20.03
C GLN G 26 32.72 -19.77 18.72
N ASP G 27 31.39 -19.89 18.77
CA ASP G 27 30.56 -20.17 17.60
C ASP G 27 30.99 -21.45 16.89
N GLU G 28 31.31 -22.49 17.66
CA GLU G 28 31.63 -23.80 17.11
C GLU G 28 31.05 -24.85 18.04
N LEU G 29 30.17 -25.70 17.51
CA LEU G 29 29.46 -26.67 18.33
C LEU G 29 30.42 -27.77 18.80
N GLN G 30 30.36 -28.10 20.09
CA GLN G 30 31.24 -29.11 20.66
C GLN G 30 30.58 -29.70 21.91
N GLY G 31 31.21 -30.73 22.45
CA GLY G 31 30.70 -31.36 23.64
C GLY G 31 30.80 -32.88 23.64
N PHE G 32 30.38 -33.51 24.75
CA PHE G 32 30.45 -34.96 24.86
C PHE G 32 29.62 -35.64 23.79
N GLU G 33 28.37 -35.21 23.62
CA GLU G 33 27.47 -35.84 22.67
C GLU G 33 27.99 -35.69 21.25
N VAL G 34 28.71 -34.60 20.95
CA VAL G 34 29.24 -34.39 19.62
C VAL G 34 30.37 -35.37 19.34
N ASP G 35 31.32 -35.50 20.29
CA ASP G 35 32.44 -36.40 20.09
C ASP G 35 32.00 -37.86 20.05
N VAL G 36 30.93 -38.19 20.78
CA VAL G 36 30.43 -39.57 20.76
C VAL G 36 29.85 -39.88 19.38
N TRP G 37 28.94 -39.04 18.89
CA TRP G 37 28.33 -39.29 17.58
C TRP G 37 29.31 -39.04 16.44
N ASN G 38 30.36 -38.25 16.66
CA ASN G 38 31.44 -38.20 15.68
C ASN G 38 32.11 -39.57 15.55
N GLU G 39 32.26 -40.27 16.67
CA GLU G 39 32.83 -41.62 16.62
C GLU G 39 31.86 -42.60 16.00
N ILE G 40 30.56 -42.47 16.30
CA ILE G 40 29.55 -43.36 15.74
C ILE G 40 29.54 -43.27 14.22
N GLY G 41 29.61 -42.04 13.69
CA GLY G 41 29.58 -41.87 12.25
C GLY G 41 30.79 -42.48 11.56
N LYS G 42 31.96 -42.41 12.20
CA LYS G 42 33.16 -42.99 11.61
C LYS G 42 33.05 -44.50 11.51
N ARG G 43 32.52 -45.15 12.56
CA ARG G 43 32.43 -46.60 12.56
C ARG G 43 31.30 -47.10 11.66
N ASN G 44 30.25 -46.31 11.49
CA ASN G 44 29.09 -46.72 10.71
C ASN G 44 28.98 -45.99 9.37
N ASP G 45 29.98 -45.19 9.01
CA ASP G 45 30.05 -44.51 7.72
C ASP G 45 28.82 -43.61 7.51
N TYR G 46 28.64 -42.67 8.43
CA TYR G 46 27.54 -41.73 8.39
C TYR G 46 28.00 -40.36 7.92
N LYS G 47 27.10 -39.64 7.26
CA LYS G 47 27.27 -38.21 6.99
C LYS G 47 26.40 -37.50 8.03
N VAL G 48 26.98 -37.26 9.21
CA VAL G 48 26.22 -36.81 10.37
C VAL G 48 25.89 -35.33 10.22
N GLU G 49 24.74 -34.95 10.77
CA GLU G 49 24.28 -33.56 10.79
C GLU G 49 23.67 -33.28 12.15
N PHE G 50 24.19 -32.27 12.84
CA PHE G 50 23.69 -31.88 14.15
C PHE G 50 22.72 -30.73 14.00
N VAL G 51 21.51 -30.89 14.55
CA VAL G 51 20.46 -29.90 14.48
C VAL G 51 20.22 -29.35 15.88
N THR G 52 20.41 -28.05 16.05
CA THR G 52 20.30 -27.41 17.35
C THR G 52 18.91 -26.81 17.54
N ALA G 53 18.33 -27.05 18.71
CA ALA G 53 17.02 -26.53 19.09
C ALA G 53 16.81 -26.82 20.57
N ASN G 54 16.02 -25.97 21.22
CA ASN G 54 15.74 -26.15 22.63
C ASN G 54 15.09 -27.51 22.87
N PHE G 55 15.35 -28.07 24.06
CA PHE G 55 14.94 -29.45 24.34
C PHE G 55 13.44 -29.64 24.19
N SER G 56 12.64 -28.67 24.66
CA SER G 56 11.19 -28.83 24.71
C SER G 56 10.58 -29.20 23.36
N GLY G 57 11.27 -28.92 22.26
CA GLY G 57 10.78 -29.28 20.95
C GLY G 57 11.58 -30.37 20.26
N LEU G 58 12.56 -30.98 20.93
CA LEU G 58 13.38 -31.99 20.29
C LEU G 58 12.62 -33.29 20.06
N LEU G 59 11.80 -33.71 21.03
CA LEU G 59 10.99 -34.90 20.83
C LEU G 59 9.91 -34.68 19.77
N GLY G 60 9.46 -33.44 19.60
CA GLY G 60 8.54 -33.14 18.52
C GLY G 60 9.22 -33.17 17.17
N LEU G 61 10.49 -32.75 17.13
CA LEU G 61 11.25 -32.82 15.88
C LEU G 61 11.53 -34.26 15.47
N LEU G 62 11.78 -35.13 16.46
CA LEU G 62 12.00 -36.54 16.15
C LEU G 62 10.72 -37.20 15.65
N GLU G 63 9.59 -36.87 16.27
CA GLU G 63 8.32 -37.52 15.90
C GLU G 63 7.88 -37.09 14.50
N THR G 64 8.11 -35.84 14.14
CA THR G 64 7.76 -35.35 12.81
C THR G 64 8.77 -35.73 11.75
N GLY G 65 9.86 -36.40 12.12
CA GLY G 65 10.82 -36.89 11.17
C GLY G 65 11.86 -35.89 10.69
N ARG G 66 11.85 -34.67 11.21
CA ARG G 66 12.83 -33.68 10.77
C ARG G 66 14.23 -33.94 11.33
N ILE G 67 14.34 -34.78 12.36
CA ILE G 67 15.62 -35.28 12.83
C ILE G 67 15.49 -36.79 13.02
N ASP G 68 16.62 -37.49 12.90
CA ASP G 68 16.60 -38.94 12.99
C ASP G 68 16.77 -39.45 14.42
N THR G 69 17.41 -38.67 15.29
CA THR G 69 17.58 -39.06 16.69
C THR G 69 17.89 -37.81 17.50
N ILE G 70 18.07 -38.01 18.81
CA ILE G 70 18.43 -36.95 19.73
C ILE G 70 19.60 -37.43 20.57
N SER G 71 20.57 -36.55 20.81
CA SER G 71 21.72 -36.85 21.66
C SER G 71 21.85 -35.72 22.70
N ASN G 72 20.93 -35.68 23.65
CA ASN G 72 20.94 -34.70 24.71
C ASN G 72 20.50 -35.34 26.03
N GLN G 73 21.14 -36.46 26.36
CA GLN G 73 20.92 -37.17 27.63
C GLN G 73 19.45 -37.55 27.80
N ILE G 74 18.89 -38.20 26.78
CA ILE G 74 17.50 -38.63 26.82
C ILE G 74 17.36 -39.79 27.79
N THR G 75 16.78 -39.52 28.96
CA THR G 75 16.59 -40.55 29.97
C THR G 75 15.44 -41.49 29.57
N ILE G 76 15.71 -42.79 29.61
CA ILE G 76 14.69 -43.78 29.32
C ILE G 76 13.72 -43.86 30.49
N THR G 77 12.45 -43.58 30.23
CA THR G 77 11.39 -43.70 31.22
C THR G 77 10.43 -44.81 30.80
N ASP G 78 9.34 -44.95 31.55
CA ASP G 78 8.31 -45.91 31.15
C ASP G 78 7.42 -45.35 30.04
N ALA G 79 7.14 -44.04 30.08
CA ALA G 79 6.32 -43.43 29.06
C ALA G 79 7.04 -43.39 27.71
N ARG G 80 8.29 -42.92 27.70
CA ARG G 80 9.05 -42.85 26.46
C ARG G 80 9.32 -44.23 25.89
N LYS G 81 9.37 -45.25 26.75
CA LYS G 81 9.64 -46.62 26.31
C LYS G 81 8.59 -47.08 25.31
N ALA G 82 7.31 -46.87 25.63
CA ALA G 82 6.25 -47.39 24.77
C ALA G 82 6.05 -46.53 23.53
N LYS G 83 6.51 -45.28 23.54
CA LYS G 83 6.29 -44.41 22.39
C LYS G 83 7.35 -44.62 21.32
N TYR G 84 8.61 -44.37 21.64
CA TYR G 84 9.70 -44.40 20.68
C TYR G 84 10.53 -45.68 20.86
N LEU G 85 11.49 -45.86 19.96
CA LEU G 85 12.55 -46.83 20.12
C LEU G 85 13.72 -46.19 20.85
N PHE G 86 14.56 -47.03 21.44
CA PHE G 86 15.69 -46.55 22.23
C PHE G 86 16.91 -47.40 21.94
N SER G 87 18.08 -46.76 21.93
CA SER G 87 19.34 -47.47 21.84
C SER G 87 19.69 -48.06 23.20
N ASP G 88 20.85 -48.70 23.28
CA ASP G 88 21.34 -49.17 24.56
C ASP G 88 21.85 -47.99 25.40
N PRO G 89 21.76 -48.09 26.72
CA PRO G 89 22.22 -46.98 27.57
C PRO G 89 23.71 -46.72 27.40
N TYR G 90 24.06 -45.48 27.06
CA TYR G 90 25.44 -45.07 26.97
C TYR G 90 25.87 -44.16 28.11
N VAL G 91 24.93 -43.77 28.98
CA VAL G 91 25.22 -42.93 30.14
C VAL G 91 24.29 -43.35 31.27
N ILE G 92 24.86 -43.57 32.46
CA ILE G 92 24.09 -43.81 33.67
C ILE G 92 24.54 -42.79 34.71
N ASP G 93 23.59 -42.07 35.29
CA ASP G 93 23.89 -41.05 36.28
C ASP G 93 22.68 -40.92 37.20
N GLY G 94 22.56 -39.78 37.87
CA GLY G 94 21.48 -39.58 38.84
C GLY G 94 20.97 -38.16 38.82
N ALA G 95 19.70 -38.01 39.17
CA ALA G 95 19.06 -36.70 39.20
C ALA G 95 19.45 -35.96 40.48
N GLN G 96 19.95 -34.75 40.32
CA GLN G 96 20.52 -33.98 41.43
C GLN G 96 19.76 -32.68 41.63
N ILE G 97 19.63 -32.28 42.90
CA ILE G 97 19.10 -30.97 43.27
C ILE G 97 20.26 -30.06 43.61
N THR G 98 20.32 -28.90 42.97
CA THR G 98 21.40 -27.95 43.16
C THR G 98 20.82 -26.63 43.66
N VAL G 99 21.42 -26.09 44.71
CA VAL G 99 20.97 -24.83 45.30
C VAL G 99 22.08 -23.79 45.21
N ARG G 100 21.80 -22.58 45.70
CA ARG G 100 22.78 -21.51 45.68
C ARG G 100 23.91 -21.80 46.66
N LYS G 101 25.11 -21.30 46.34
CA LYS G 101 26.28 -21.49 47.17
C LYS G 101 26.07 -20.89 48.56
N GLY G 102 26.01 -21.73 49.58
CA GLY G 102 25.83 -21.26 50.93
C GLY G 102 24.40 -21.35 51.43
N ASN G 103 23.74 -22.47 51.13
CA ASN G 103 22.37 -22.69 51.55
C ASN G 103 22.27 -24.09 52.15
N GLU G 104 21.94 -24.16 53.43
CA GLU G 104 21.75 -25.43 54.12
C GLU G 104 20.29 -25.72 54.44
N ALA G 105 19.36 -24.86 54.02
CA ALA G 105 17.95 -25.07 54.35
C ALA G 105 17.34 -26.17 53.49
N ILE G 106 17.90 -26.42 52.31
CA ILE G 106 17.38 -27.42 51.38
C ILE G 106 18.35 -28.58 51.35
N LYS G 107 17.93 -29.72 51.93
CA LYS G 107 18.76 -30.91 51.97
C LYS G 107 18.33 -31.99 51.00
N GLY G 108 17.13 -31.91 50.46
CA GLY G 108 16.67 -32.92 49.54
C GLY G 108 15.37 -32.52 48.87
N ILE G 109 14.77 -33.49 48.18
CA ILE G 109 13.51 -33.24 47.48
C ILE G 109 12.33 -33.17 48.45
N ASP G 110 12.48 -33.69 49.67
CA ASP G 110 11.45 -33.53 50.67
C ASP G 110 11.47 -32.14 51.31
N ASP G 111 12.55 -31.39 51.11
CA ASP G 111 12.72 -30.06 51.70
C ASP G 111 12.40 -28.95 50.71
N LEU G 112 11.65 -29.25 49.66
CA LEU G 112 11.25 -28.27 48.67
C LEU G 112 9.85 -27.73 48.90
N ALA G 113 9.19 -28.13 49.97
CA ALA G 113 7.83 -27.69 50.28
C ALA G 113 7.78 -26.19 50.48
N GLY G 114 7.10 -25.49 49.57
CA GLY G 114 6.99 -24.05 49.65
C GLY G 114 8.11 -23.29 48.97
N LYS G 115 8.88 -23.94 48.10
CA LYS G 115 9.99 -23.31 47.41
C LYS G 115 9.68 -23.17 45.93
N THR G 116 10.52 -22.39 45.25
CA THR G 116 10.42 -22.20 43.80
C THR G 116 11.54 -23.00 43.14
N VAL G 117 11.17 -24.04 42.41
CA VAL G 117 12.12 -24.96 41.80
C VAL G 117 12.04 -24.82 40.28
N ALA G 118 13.19 -24.90 39.63
CA ALA G 118 13.29 -24.77 38.19
C ALA G 118 13.68 -26.10 37.55
N VAL G 119 13.14 -26.34 36.36
CA VAL G 119 13.45 -27.55 35.58
C VAL G 119 13.30 -27.22 34.11
N ASN G 120 14.02 -27.97 33.28
CA ASN G 120 13.83 -27.89 31.84
C ASN G 120 12.45 -28.41 31.46
N LEU G 121 11.80 -27.74 30.52
CA LEU G 121 10.46 -28.13 30.10
C LEU G 121 10.51 -29.46 29.35
N GLY G 122 9.54 -30.32 29.63
CA GLY G 122 9.43 -31.60 28.97
C GLY G 122 10.48 -32.62 29.34
N SER G 123 11.39 -32.30 30.25
CA SER G 123 12.44 -33.21 30.66
C SER G 123 11.87 -34.28 31.58
N ASN G 124 12.66 -35.34 31.76
CA ASN G 124 12.27 -36.38 32.72
C ASN G 124 12.31 -35.86 34.14
N PHE G 125 13.17 -34.87 34.41
CA PHE G 125 13.23 -34.28 35.74
C PHE G 125 11.95 -33.52 36.08
N GLU G 126 11.29 -32.93 35.08
CA GLU G 126 10.02 -32.25 35.32
C GLU G 126 8.96 -33.24 35.80
N GLN G 127 8.92 -34.43 35.21
CA GLN G 127 7.99 -35.45 35.67
C GLN G 127 8.39 -35.97 37.05
N LEU G 128 9.69 -36.09 37.32
CA LEU G 128 10.15 -36.55 38.63
C LEU G 128 9.69 -35.59 39.73
N LEU G 129 9.70 -34.28 39.45
CA LEU G 129 9.22 -33.32 40.43
C LEU G 129 7.71 -33.44 40.62
N ARG G 130 6.96 -33.57 39.53
CA ARG G 130 5.52 -33.72 39.65
C ARG G 130 5.12 -35.04 40.30
N ASN G 131 6.00 -36.05 40.24
CA ASN G 131 5.75 -37.27 40.98
C ASN G 131 5.92 -37.05 42.48
N HIS G 132 6.90 -36.22 42.86
CA HIS G 132 7.15 -35.92 44.26
C HIS G 132 6.28 -34.79 44.79
N ASP G 133 5.58 -34.06 43.93
CA ASP G 133 4.70 -32.97 44.32
C ASP G 133 3.29 -33.31 43.86
N LYS G 134 2.54 -33.99 44.72
CA LYS G 134 1.16 -34.37 44.41
C LYS G 134 0.14 -33.48 45.10
N ASP G 135 0.43 -32.98 46.30
CA ASP G 135 -0.49 -32.11 47.00
C ASP G 135 -0.39 -30.65 46.56
N GLY G 136 0.50 -30.35 45.61
CA GLY G 136 0.57 -29.01 45.05
C GLY G 136 1.01 -27.93 46.01
N LYS G 137 2.24 -28.03 46.51
CA LYS G 137 2.82 -27.00 47.36
C LYS G 137 4.11 -26.43 46.80
N ILE G 138 4.95 -27.27 46.19
CA ILE G 138 6.20 -26.81 45.61
C ILE G 138 5.91 -26.02 44.34
N ASN G 139 6.48 -24.83 44.24
CA ASN G 139 6.29 -23.98 43.06
C ASN G 139 7.26 -24.43 41.98
N ILE G 140 6.72 -24.97 40.88
CA ILE G 140 7.52 -25.48 39.78
C ILE G 140 7.44 -24.49 38.62
N LYS G 141 8.59 -24.24 38.00
CA LYS G 141 8.70 -23.34 36.85
C LYS G 141 9.55 -24.01 35.79
N THR G 142 8.97 -24.21 34.61
CA THR G 142 9.65 -24.88 33.51
C THR G 142 10.31 -23.86 32.58
N TYR G 143 11.50 -24.19 32.10
CA TYR G 143 12.29 -23.28 31.28
C TYR G 143 12.93 -24.04 30.13
N ASP G 144 13.54 -23.28 29.21
CA ASP G 144 14.33 -23.85 28.14
C ASP G 144 15.82 -23.60 28.29
N THR G 145 16.22 -22.50 28.92
CA THR G 145 17.63 -22.17 29.07
C THR G 145 17.83 -21.37 30.35
N GLY G 146 19.07 -21.38 30.83
CA GLY G 146 19.48 -20.49 31.90
C GLY G 146 18.93 -20.81 33.27
N ILE G 147 18.64 -22.07 33.55
CA ILE G 147 18.14 -22.41 34.88
C ILE G 147 19.27 -22.40 35.90
N GLU G 148 20.48 -22.77 35.48
CA GLU G 148 21.62 -22.73 36.39
C GLU G 148 22.02 -21.30 36.73
N HIS G 149 21.98 -20.42 35.74
CA HIS G 149 22.28 -19.01 35.99
C HIS G 149 21.17 -18.35 36.81
N ASP G 150 19.93 -18.80 36.64
CA ASP G 150 18.82 -18.14 37.32
C ASP G 150 18.77 -18.49 38.80
N VAL G 151 19.12 -19.73 39.15
CA VAL G 151 19.20 -20.11 40.56
C VAL G 151 20.33 -19.34 41.24
N ALA G 152 21.48 -19.21 40.58
CA ALA G 152 22.57 -18.44 41.15
C ALA G 152 22.20 -16.98 41.33
N LEU G 153 21.40 -16.44 40.41
CA LEU G 153 20.99 -15.04 40.50
C LEU G 153 19.91 -14.82 41.54
N GLY G 154 19.20 -15.86 41.96
CA GLY G 154 18.24 -15.76 43.04
C GLY G 154 16.79 -15.86 42.63
N ARG G 155 16.47 -15.83 41.34
CA ARG G 155 15.07 -15.96 40.91
C ARG G 155 14.52 -17.36 41.10
N ALA G 156 15.35 -18.33 41.49
CA ALA G 156 14.90 -19.67 41.79
C ALA G 156 15.69 -20.20 42.97
N ASP G 157 15.05 -21.05 43.77
CA ASP G 157 15.68 -21.60 44.97
C ASP G 157 16.53 -22.83 44.69
N ALA G 158 16.12 -23.66 43.74
CA ALA G 158 16.88 -24.85 43.37
C ALA G 158 16.42 -25.32 41.99
N PHE G 159 17.33 -25.98 41.28
CA PHE G 159 16.99 -26.60 40.01
C PHE G 159 17.31 -28.09 40.05
N VAL G 160 16.78 -28.83 39.09
CA VAL G 160 16.90 -30.28 39.03
C VAL G 160 17.35 -30.69 37.65
N MET G 161 18.49 -31.38 37.58
CA MET G 161 18.95 -32.05 36.37
C MET G 161 19.96 -33.12 36.80
N ASP G 162 20.84 -33.51 35.90
CA ASP G 162 21.85 -34.51 36.23
C ASP G 162 22.95 -33.90 37.10
N ARG G 163 23.61 -34.77 37.87
CA ARG G 163 24.68 -34.33 38.75
C ARG G 163 25.93 -33.93 37.97
N LEU G 164 26.20 -34.60 36.85
CA LEU G 164 27.42 -34.35 36.10
C LEU G 164 27.46 -32.92 35.55
N SER G 165 26.35 -32.47 34.96
CA SER G 165 26.33 -31.13 34.36
C SER G 165 26.57 -30.05 35.41
N ALA G 166 25.96 -30.19 36.59
CA ALA G 166 26.18 -29.21 37.64
C ALA G 166 27.62 -29.23 38.12
N LEU G 167 28.17 -30.44 38.31
CA LEU G 167 29.55 -30.56 38.77
C LEU G 167 30.52 -29.87 37.81
N GLU G 168 30.38 -30.14 36.52
CA GLU G 168 31.28 -29.54 35.54
C GLU G 168 31.07 -28.04 35.42
N LEU G 169 29.82 -27.59 35.52
CA LEU G 169 29.54 -26.16 35.33
C LEU G 169 30.11 -25.33 36.48
N ILE G 170 29.98 -25.82 37.72
CA ILE G 170 30.51 -25.07 38.85
C ILE G 170 32.02 -24.99 38.79
N GLU G 171 32.67 -26.05 38.31
CA GLU G 171 34.13 -26.04 38.19
C GLU G 171 34.58 -25.11 37.07
N LYS G 172 33.86 -25.10 35.94
CA LYS G 172 34.28 -24.28 34.81
C LYS G 172 33.95 -22.81 35.02
N THR G 173 32.75 -22.51 35.51
CA THR G 173 32.27 -21.14 35.61
C THR G 173 32.50 -20.52 36.98
N GLY G 174 32.53 -21.31 38.05
CA GLY G 174 32.58 -20.78 39.39
C GLY G 174 31.28 -20.17 39.86
N LEU G 175 30.17 -20.44 39.18
CA LEU G 175 28.89 -19.85 39.56
C LEU G 175 28.52 -20.26 40.98
N PRO G 176 27.94 -19.34 41.77
CA PRO G 176 27.57 -19.69 43.15
C PRO G 176 26.45 -20.71 43.21
N LEU G 177 26.81 -21.99 43.08
CA LEU G 177 25.87 -23.09 43.19
C LEU G 177 26.50 -24.20 44.01
N GLN G 178 25.69 -25.19 44.39
CA GLN G 178 26.19 -26.33 45.16
C GLN G 178 25.13 -27.42 45.13
N LEU G 179 25.60 -28.67 45.14
CA LEU G 179 24.71 -29.82 45.11
C LEU G 179 24.01 -29.96 46.45
N ALA G 180 22.68 -29.99 46.45
CA ALA G 180 21.90 -30.16 47.66
C ALA G 180 21.60 -31.63 47.86
N GLY G 181 22.14 -32.21 48.93
CA GLY G 181 21.93 -33.62 49.20
C GLY G 181 22.58 -34.51 48.17
N SER G 182 22.03 -35.70 48.02
CA SER G 182 22.51 -36.73 47.12
C SER G 182 21.51 -36.99 46.01
N PRO G 183 21.92 -37.69 44.95
CA PRO G 183 20.96 -38.07 43.91
C PRO G 183 19.80 -38.86 44.49
N PHE G 184 18.60 -38.55 44.01
CA PHE G 184 17.38 -39.21 44.46
C PHE G 184 16.79 -40.17 43.44
N GLU G 185 17.23 -40.10 42.18
CA GLU G 185 16.76 -41.00 41.14
C GLU G 185 17.90 -41.28 40.18
N THR G 186 18.16 -42.57 39.92
CA THR G 186 19.17 -42.96 38.95
C THR G 186 18.57 -42.91 37.55
N ILE G 187 19.34 -42.38 36.60
CA ILE G 187 18.86 -42.13 35.25
C ILE G 187 19.66 -42.99 34.27
N GLU G 188 18.99 -43.46 33.23
CA GLU G 188 19.59 -44.26 32.16
C GLU G 188 19.33 -43.54 30.85
N ASN G 189 20.39 -43.04 30.21
CA ASN G 189 20.27 -42.18 29.04
C ASN G 189 20.68 -42.95 27.78
N ALA G 190 19.85 -42.84 26.74
CA ALA G 190 20.11 -43.48 25.46
C ALA G 190 19.55 -42.61 24.34
N TRP G 191 19.85 -43.00 23.11
CA TRP G 191 19.39 -42.25 21.94
C TRP G 191 18.03 -42.76 21.48
N PRO G 192 17.08 -41.88 21.23
CA PRO G 192 15.74 -42.31 20.80
C PRO G 192 15.57 -42.32 19.29
N PHE G 193 14.68 -43.20 18.86
CA PHE G 193 14.31 -43.33 17.45
C PHE G 193 12.82 -43.61 17.37
N VAL G 194 12.23 -43.26 16.23
CA VAL G 194 10.83 -43.60 15.95
C VAL G 194 10.77 -45.02 15.40
N ASN G 195 9.68 -45.72 15.70
CA ASN G 195 9.53 -47.13 15.35
C ASN G 195 9.12 -47.23 13.88
N ASN G 196 10.11 -47.39 13.01
CA ASN G 196 9.88 -47.59 11.58
C ASN G 196 11.16 -48.14 10.96
N GLU G 197 11.11 -48.34 9.64
CA GLU G 197 12.26 -48.88 8.91
C GLU G 197 13.53 -48.09 9.19
N LYS G 198 13.43 -46.75 9.17
CA LYS G 198 14.58 -45.91 9.45
C LYS G 198 15.04 -46.07 10.90
N GLY G 199 14.11 -45.94 11.85
CA GLY G 199 14.48 -46.02 13.25
C GLY G 199 14.97 -47.39 13.67
N GLN G 200 14.35 -48.44 13.13
CA GLN G 200 14.77 -49.81 13.45
C GLN G 200 16.17 -50.06 12.95
N GLN G 201 16.43 -49.75 11.67
CA GLN G 201 17.76 -49.99 11.10
C GLN G 201 18.82 -49.16 11.83
N LEU G 202 18.48 -47.92 12.17
CA LEU G 202 19.44 -47.06 12.88
C LEU G 202 19.70 -47.56 14.30
N GLN G 203 18.68 -48.14 14.94
CA GLN G 203 18.86 -48.62 16.32
C GLN G 203 19.92 -49.71 16.39
N GLY G 204 19.90 -50.64 15.42
CA GLY G 204 20.87 -51.72 15.45
C GLY G 204 22.27 -51.27 15.11
N GLU G 205 22.40 -50.34 14.15
CA GLU G 205 23.71 -49.86 13.76
C GLU G 205 24.36 -49.03 14.87
N VAL G 206 23.55 -48.25 15.58
CA VAL G 206 24.08 -47.43 16.67
C VAL G 206 24.46 -48.31 17.85
N ASN G 207 23.62 -49.31 18.16
CA ASN G 207 23.95 -50.26 19.22
C ASN G 207 25.24 -50.99 18.92
N LYS G 208 25.51 -51.27 17.64
CA LYS G 208 26.76 -51.94 17.27
C LYS G 208 27.96 -51.05 17.55
N ALA G 209 27.90 -49.80 17.08
CA ALA G 209 28.98 -48.86 17.33
C ALA G 209 29.14 -48.58 18.82
N LEU G 210 28.02 -48.45 19.53
CA LEU G 210 28.07 -48.21 20.97
C LEU G 210 28.73 -49.38 21.70
N ALA G 211 28.37 -50.61 21.33
CA ALA G 211 28.97 -51.77 21.96
C ALA G 211 30.45 -51.87 21.67
N ALA G 212 30.84 -51.55 20.42
CA ALA G 212 32.25 -51.59 20.07
C ALA G 212 33.04 -50.47 20.74
N MET G 213 32.42 -49.30 20.92
CA MET G 213 33.09 -48.20 21.62
C MET G 213 33.27 -48.50 23.09
N ARG G 214 32.35 -49.25 23.70
CA ARG G 214 32.47 -49.62 25.10
C ARG G 214 33.53 -50.70 25.31
N ALA G 215 33.68 -51.61 24.36
CA ALA G 215 34.62 -52.72 24.54
C ALA G 215 36.06 -52.28 24.40
N ASP G 216 36.35 -51.42 23.43
CA ASP G 216 37.73 -50.97 23.20
C ASP G 216 38.11 -49.77 24.04
N GLY G 217 37.24 -49.31 24.93
CA GLY G 217 37.55 -48.17 25.78
C GLY G 217 37.35 -46.81 25.14
N THR G 218 36.82 -46.75 23.92
CA THR G 218 36.63 -45.46 23.27
C THR G 218 35.56 -44.64 23.96
N LEU G 219 34.45 -45.29 24.35
CA LEU G 219 33.38 -44.57 25.04
C LEU G 219 33.87 -43.98 26.35
N SER G 220 34.73 -44.70 27.07
CA SER G 220 35.24 -44.20 28.35
C SER G 220 36.12 -42.98 28.14
N GLN G 221 37.00 -43.01 27.13
CA GLN G 221 37.89 -41.89 26.89
C GLN G 221 37.13 -40.61 26.59
N ILE G 222 36.05 -40.72 25.81
CA ILE G 222 35.26 -39.53 25.48
C ILE G 222 34.61 -38.97 26.74
N ALA G 223 34.18 -39.83 27.64
CA ALA G 223 33.61 -39.34 28.90
C ALA G 223 34.71 -38.81 29.82
N LEU G 224 35.87 -39.47 29.84
CA LEU G 224 36.98 -39.00 30.68
C LEU G 224 37.49 -37.65 30.21
N LYS G 225 37.52 -37.44 28.89
CA LYS G 225 38.01 -36.17 28.35
C LYS G 225 37.15 -35.00 28.82
N TRP G 226 35.84 -35.18 28.82
CA TRP G 226 34.93 -34.08 29.16
C TRP G 226 34.62 -34.01 30.64
N PHE G 227 34.54 -35.16 31.32
CA PHE G 227 34.10 -35.21 32.70
C PHE G 227 35.15 -35.71 33.68
N GLY G 228 36.26 -36.27 33.22
CA GLY G 228 37.23 -36.83 34.13
C GLY G 228 36.75 -38.09 34.83
N THR G 229 35.73 -38.75 34.30
CA THR G 229 35.19 -39.96 34.89
C THR G 229 34.37 -40.70 33.84
N ASP G 230 34.39 -42.02 33.91
CA ASP G 230 33.61 -42.86 33.00
C ASP G 230 32.16 -42.84 33.45
N ILE G 231 31.32 -42.11 32.72
CA ILE G 231 29.92 -41.91 33.10
C ILE G 231 29.01 -42.93 32.42
N SER G 232 29.57 -43.94 31.75
CA SER G 232 28.78 -44.95 31.09
C SER G 232 28.62 -46.21 31.94
N GLN G 233 29.01 -46.15 33.21
CA GLN G 233 28.99 -47.33 34.08
C GLN G 233 27.68 -47.43 34.83
N ALA H 7 38.70 33.39 0.73
CA ALA H 7 37.39 33.68 0.19
C ALA H 7 36.29 33.23 1.15
N THR H 8 36.25 33.87 2.32
CA THR H 8 35.27 33.51 3.34
C THR H 8 33.85 33.73 2.83
N GLU H 9 32.96 32.82 3.19
CA GLU H 9 31.56 32.87 2.75
C GLU H 9 30.71 33.60 3.78
N VAL H 10 29.82 34.46 3.27
CA VAL H 10 28.87 35.21 4.09
C VAL H 10 27.48 35.06 3.48
N LYS H 11 26.50 34.70 4.29
CA LYS H 11 25.13 34.47 3.83
C LYS H 11 24.25 35.63 4.28
N VAL H 12 23.60 36.29 3.33
CA VAL H 12 22.80 37.48 3.59
C VAL H 12 21.34 37.15 3.28
N GLY H 13 20.46 37.49 4.22
CA GLY H 13 19.04 37.24 4.07
C GLY H 13 18.30 38.47 3.59
N MET H 14 17.29 38.23 2.74
CA MET H 14 16.45 39.31 2.21
C MET H 14 15.16 38.70 1.69
N SER H 15 14.13 39.53 1.61
CA SER H 15 12.82 39.04 1.20
C SER H 15 12.72 38.79 -0.29
N GLY H 16 13.46 39.53 -1.11
CA GLY H 16 13.28 39.44 -2.54
C GLY H 16 11.98 40.03 -3.03
N ARG H 17 11.27 40.79 -2.18
CA ARG H 17 9.99 41.39 -2.51
C ARG H 17 9.91 42.76 -1.84
N TYR H 18 10.80 43.67 -2.25
CA TYR H 18 10.94 44.99 -1.62
C TYR H 18 11.60 45.91 -2.66
N PHE H 19 10.82 46.32 -3.65
CA PHE H 19 11.32 47.21 -4.69
C PHE H 19 11.55 48.60 -4.12
N PRO H 20 12.69 49.24 -4.40
CA PRO H 20 13.82 48.73 -5.18
C PRO H 20 14.99 48.29 -4.30
N PHE H 21 14.74 47.98 -3.03
CA PHE H 21 15.81 47.52 -2.16
C PHE H 21 16.23 46.10 -2.52
N THR H 22 15.28 45.18 -2.57
CA THR H 22 15.55 43.81 -2.98
C THR H 22 14.30 43.26 -3.66
N PHE H 23 14.43 42.87 -4.93
CA PHE H 23 13.30 42.35 -5.68
C PHE H 23 13.84 41.43 -6.78
N VAL H 24 12.91 40.84 -7.53
CA VAL H 24 13.24 39.90 -8.60
C VAL H 24 12.50 40.33 -9.86
N LYS H 25 13.26 40.64 -10.91
CA LYS H 25 12.70 40.85 -12.24
C LYS H 25 13.62 40.17 -13.24
N GLN H 26 13.02 39.59 -14.28
CA GLN H 26 13.76 38.77 -15.25
C GLN H 26 14.46 37.61 -14.55
N ASP H 27 13.81 37.08 -13.50
CA ASP H 27 14.36 36.05 -12.62
C ASP H 27 15.64 36.48 -11.92
N GLU H 28 16.00 37.76 -12.00
CA GLU H 28 17.23 38.28 -11.40
C GLU H 28 16.91 38.91 -10.05
N LEU H 29 17.49 38.38 -8.99
CA LEU H 29 17.49 39.06 -7.70
C LEU H 29 18.37 40.30 -7.81
N GLN H 30 17.81 41.46 -7.45
CA GLN H 30 18.55 42.70 -7.62
C GLN H 30 17.93 43.77 -6.72
N GLY H 31 18.58 44.91 -6.67
CA GLY H 31 18.10 46.05 -5.93
C GLY H 31 19.24 46.74 -5.21
N PHE H 32 18.87 47.71 -4.37
CA PHE H 32 19.86 48.46 -3.60
C PHE H 32 20.59 47.57 -2.60
N GLU H 33 19.90 46.56 -2.06
CA GLU H 33 20.54 45.69 -1.08
C GLU H 33 21.54 44.75 -1.74
N VAL H 34 21.29 44.37 -2.99
CA VAL H 34 22.19 43.44 -3.68
C VAL H 34 23.47 44.16 -4.09
N ASP H 35 23.34 45.38 -4.64
CA ASP H 35 24.51 46.12 -5.08
C ASP H 35 25.41 46.49 -3.91
N VAL H 36 24.81 46.83 -2.77
CA VAL H 36 25.60 47.23 -1.61
C VAL H 36 26.43 46.05 -1.11
N TRP H 37 25.80 44.90 -0.89
CA TRP H 37 26.53 43.75 -0.40
C TRP H 37 27.38 43.09 -1.48
N ASN H 38 27.14 43.39 -2.76
CA ASN H 38 28.10 43.05 -3.78
C ASN H 38 29.31 43.97 -3.76
N GLU H 39 29.17 45.16 -3.19
CA GLU H 39 30.32 46.05 -3.00
C GLU H 39 31.09 45.70 -1.74
N ILE H 40 30.37 45.29 -0.68
CA ILE H 40 31.03 44.91 0.57
C ILE H 40 31.89 43.67 0.35
N GLY H 41 31.39 42.71 -0.43
CA GLY H 41 32.13 41.49 -0.64
C GLY H 41 33.44 41.71 -1.37
N LYS H 42 33.48 42.68 -2.28
CA LYS H 42 34.71 43.00 -3.00
C LYS H 42 35.81 43.44 -2.04
N ARG H 43 35.48 44.34 -1.12
CA ARG H 43 36.51 44.96 -0.31
C ARG H 43 37.00 44.03 0.80
N ASN H 44 36.10 43.23 1.36
CA ASN H 44 36.45 42.28 2.41
C ASN H 44 36.73 40.88 1.88
N ASP H 45 36.74 40.71 0.56
CA ASP H 45 36.96 39.41 -0.09
C ASP H 45 36.02 38.35 0.47
N TYR H 46 34.74 38.69 0.53
CA TYR H 46 33.71 37.78 0.97
C TYR H 46 33.15 36.98 -0.21
N LYS H 47 32.74 35.75 0.07
CA LYS H 47 31.93 34.98 -0.87
C LYS H 47 30.47 35.23 -0.50
N VAL H 48 29.86 36.19 -1.20
CA VAL H 48 28.53 36.68 -0.82
C VAL H 48 27.47 35.72 -1.35
N GLU H 49 26.70 35.13 -0.44
CA GLU H 49 25.57 34.28 -0.79
C GLU H 49 24.29 34.96 -0.32
N PHE H 50 23.41 35.30 -1.26
CA PHE H 50 22.13 35.92 -0.93
C PHE H 50 21.10 34.83 -0.68
N VAL H 51 20.44 34.91 0.46
CA VAL H 51 19.40 33.95 0.84
C VAL H 51 18.06 34.68 0.86
N THR H 52 17.10 34.16 0.11
CA THR H 52 15.80 34.79 -0.05
C THR H 52 14.74 34.05 0.76
N ALA H 53 14.05 34.78 1.63
CA ALA H 53 12.96 34.24 2.43
C ALA H 53 12.11 35.39 2.92
N ASN H 54 10.86 35.08 3.26
CA ASN H 54 9.92 36.12 3.67
C ASN H 54 10.46 36.91 4.84
N PHE H 55 10.11 38.20 4.88
CA PHE H 55 10.66 39.11 5.89
C PHE H 55 10.26 38.70 7.30
N SER H 56 9.07 38.10 7.45
CA SER H 56 8.59 37.74 8.79
C SER H 56 9.44 36.69 9.47
N GLY H 57 10.29 35.99 8.71
CA GLY H 57 11.11 34.94 9.30
C GLY H 57 12.59 35.24 9.27
N LEU H 58 12.97 36.33 8.61
CA LEU H 58 14.39 36.66 8.47
C LEU H 58 15.06 36.84 9.82
N LEU H 59 14.40 37.56 10.73
CA LEU H 59 14.95 37.73 12.08
C LEU H 59 15.07 36.40 12.80
N GLY H 60 14.18 35.45 12.51
CA GLY H 60 14.30 34.13 13.09
C GLY H 60 15.41 33.32 12.45
N LEU H 61 15.54 33.41 11.13
CA LEU H 61 16.61 32.70 10.44
C LEU H 61 17.99 33.23 10.84
N LEU H 62 18.06 34.50 11.24
CA LEU H 62 19.32 35.04 11.74
C LEU H 62 19.66 34.45 13.11
N GLU H 63 18.66 34.30 13.97
CA GLU H 63 18.90 33.72 15.29
C GLU H 63 19.28 32.26 15.19
N THR H 64 18.61 31.51 14.30
CA THR H 64 18.90 30.09 14.17
C THR H 64 20.30 29.85 13.62
N GLY H 65 20.77 30.70 12.72
CA GLY H 65 22.11 30.61 12.19
C GLY H 65 22.22 30.19 10.74
N ARG H 66 21.10 30.01 10.04
CA ARG H 66 21.18 29.63 8.63
C ARG H 66 21.77 30.75 7.78
N ILE H 67 21.59 32.00 8.20
CA ILE H 67 22.21 33.14 7.53
C ILE H 67 23.11 33.86 8.53
N ASP H 68 23.82 34.88 8.05
CA ASP H 68 24.75 35.65 8.88
C ASP H 68 24.29 37.07 9.13
N THR H 69 23.61 37.68 8.17
CA THR H 69 23.09 39.04 8.33
C THR H 69 21.81 39.17 7.54
N ILE H 70 21.19 40.34 7.64
CA ILE H 70 19.96 40.65 6.92
C ILE H 70 20.14 42.01 6.26
N SER H 71 20.00 42.04 4.93
CA SER H 71 20.06 43.29 4.16
C SER H 71 18.65 43.57 3.65
N ASN H 72 17.81 44.10 4.55
CA ASN H 72 16.41 44.33 4.22
C ASN H 72 15.89 45.55 4.98
N GLN H 73 16.73 46.60 5.07
CA GLN H 73 16.36 47.86 5.72
C GLN H 73 15.94 47.63 7.17
N ILE H 74 16.73 46.82 7.87
CA ILE H 74 16.42 46.48 9.25
C ILE H 74 16.60 47.72 10.12
N THR H 75 15.49 48.24 10.64
CA THR H 75 15.53 49.47 11.43
C THR H 75 16.10 49.19 12.82
N ILE H 76 16.96 50.10 13.27
CA ILE H 76 17.52 50.02 14.62
C ILE H 76 16.44 50.44 15.62
N THR H 77 16.01 49.51 16.46
CA THR H 77 15.05 49.79 17.52
C THR H 77 15.64 49.39 18.86
N ASP H 78 15.07 49.94 19.93
CA ASP H 78 15.55 49.62 21.27
C ASP H 78 15.34 48.14 21.61
N ALA H 79 14.33 47.50 21.00
CA ALA H 79 14.11 46.09 21.25
C ALA H 79 15.04 45.21 20.41
N ARG H 80 15.29 45.61 19.17
CA ARG H 80 16.18 44.84 18.31
C ARG H 80 17.64 44.99 18.75
N LYS H 81 18.03 46.20 19.15
CA LYS H 81 19.43 46.46 19.48
C LYS H 81 19.89 45.65 20.69
N ALA H 82 18.96 45.08 21.46
CA ALA H 82 19.33 44.27 22.62
C ALA H 82 19.73 42.86 22.21
N LYS H 83 18.98 42.24 21.30
CA LYS H 83 19.22 40.85 20.93
C LYS H 83 20.26 40.69 19.82
N TYR H 84 20.56 41.74 19.07
CA TYR H 84 21.42 41.63 17.91
C TYR H 84 22.55 42.65 17.99
N LEU H 85 23.59 42.40 17.19
CA LEU H 85 24.64 43.36 16.94
C LEU H 85 24.35 44.06 15.62
N PHE H 86 24.19 45.38 15.67
CA PHE H 86 23.95 46.16 14.47
C PHE H 86 25.24 46.82 14.01
N SER H 87 25.37 46.98 12.70
CA SER H 87 26.50 47.70 12.13
C SER H 87 26.28 49.19 12.29
N ASP H 88 26.98 49.98 11.49
CA ASP H 88 26.64 51.39 11.44
C ASP H 88 25.48 51.59 10.46
N PRO H 89 24.62 52.58 10.70
CA PRO H 89 23.48 52.81 9.82
C PRO H 89 23.93 53.13 8.40
N TYR H 90 23.26 52.50 7.42
CA TYR H 90 23.54 52.76 6.02
C TYR H 90 22.37 53.37 5.26
N VAL H 91 21.20 53.52 5.89
CA VAL H 91 20.06 54.22 5.32
C VAL H 91 19.34 54.94 6.45
N ILE H 92 19.02 56.22 6.24
CA ILE H 92 18.22 56.98 7.20
C ILE H 92 17.01 57.53 6.45
N ASP H 93 15.83 57.09 6.85
CA ASP H 93 14.59 57.55 6.22
C ASP H 93 13.54 57.77 7.30
N GLY H 94 12.27 57.60 6.95
CA GLY H 94 11.19 57.83 7.89
C GLY H 94 9.99 56.98 7.57
N ALA H 95 9.32 56.53 8.63
CA ALA H 95 8.11 55.73 8.49
C ALA H 95 7.00 56.58 7.87
N GLN H 96 6.43 56.10 6.77
CA GLN H 96 5.49 56.86 5.96
C GLN H 96 4.19 56.10 5.78
N ILE H 97 3.08 56.83 5.80
CA ILE H 97 1.75 56.27 5.57
C ILE H 97 1.35 56.54 4.12
N THR H 98 0.84 55.51 3.46
CA THR H 98 0.42 55.60 2.05
C THR H 98 -1.01 55.10 1.92
N VAL H 99 -1.80 55.81 1.12
CA VAL H 99 -3.21 55.50 0.92
C VAL H 99 -3.47 55.35 -0.57
N ARG H 100 -4.75 55.14 -0.91
CA ARG H 100 -5.18 55.11 -2.30
C ARG H 100 -5.27 56.53 -2.82
N LYS H 101 -4.81 56.72 -4.07
CA LYS H 101 -4.68 58.07 -4.62
C LYS H 101 -6.05 58.74 -4.73
N GLY H 102 -6.15 59.93 -4.13
CA GLY H 102 -7.38 60.69 -4.12
C GLY H 102 -8.10 60.68 -2.78
N ASN H 103 -7.67 59.85 -1.84
CA ASN H 103 -8.37 59.74 -0.57
C ASN H 103 -8.09 60.97 0.29
N GLU H 104 -9.15 61.55 0.87
CA GLU H 104 -9.02 62.68 1.77
C GLU H 104 -9.33 62.34 3.22
N ALA H 105 -9.94 61.17 3.48
CA ALA H 105 -10.34 60.85 4.84
C ALA H 105 -9.15 60.58 5.73
N ILE H 106 -8.09 60.00 5.18
CA ILE H 106 -6.89 59.64 5.93
C ILE H 106 -5.82 60.68 5.65
N LYS H 107 -5.17 61.16 6.71
CA LYS H 107 -4.15 62.20 6.57
C LYS H 107 -2.92 61.98 7.44
N GLY H 108 -2.87 60.92 8.24
CA GLY H 108 -1.71 60.69 9.07
C GLY H 108 -1.96 59.58 10.06
N ILE H 109 -0.98 59.42 10.97
CA ILE H 109 -1.08 58.39 12.00
C ILE H 109 -2.20 58.70 12.99
N ASP H 110 -2.58 59.97 13.12
CA ASP H 110 -3.69 60.39 13.96
C ASP H 110 -5.01 60.41 13.21
N ASP H 111 -5.04 59.90 11.98
CA ASP H 111 -6.26 59.77 11.21
C ASP H 111 -6.70 58.33 11.00
N LEU H 112 -5.89 57.37 11.45
CA LEU H 112 -6.17 55.94 11.23
C LEU H 112 -7.19 55.38 12.21
N ALA H 113 -7.75 56.21 13.09
CA ALA H 113 -8.72 55.73 14.07
C ALA H 113 -9.95 55.17 13.37
N GLY H 114 -10.24 53.90 13.65
CA GLY H 114 -11.36 53.24 13.01
C GLY H 114 -11.12 52.77 11.60
N LYS H 115 -9.88 52.77 11.14
CA LYS H 115 -9.52 52.38 9.79
C LYS H 115 -8.74 51.07 9.80
N THR H 116 -8.63 50.45 8.64
CA THR H 116 -7.93 49.19 8.47
C THR H 116 -6.59 49.45 7.80
N VAL H 117 -5.50 49.30 8.55
CA VAL H 117 -4.15 49.54 8.06
C VAL H 117 -3.40 48.22 8.03
N ALA H 118 -2.63 48.01 6.97
CA ALA H 118 -1.86 46.78 6.79
C ALA H 118 -0.36 47.10 6.88
N VAL H 119 0.40 46.18 7.49
CA VAL H 119 1.83 46.32 7.66
C VAL H 119 2.48 44.95 7.51
N ASN H 120 3.81 44.97 7.38
CA ASN H 120 4.57 43.72 7.30
C ASN H 120 4.66 43.08 8.68
N LEU H 121 4.52 41.75 8.70
CA LEU H 121 4.55 41.02 9.96
C LEU H 121 5.96 41.08 10.57
N GLY H 122 6.02 41.49 11.84
CA GLY H 122 7.29 41.55 12.55
C GLY H 122 8.14 42.77 12.25
N SER H 123 7.64 43.70 11.45
CA SER H 123 8.41 44.89 11.09
C SER H 123 8.31 45.95 12.19
N ASN H 124 9.23 46.92 12.14
CA ASN H 124 9.16 48.04 13.06
C ASN H 124 7.90 48.86 12.84
N PHE H 125 7.37 48.87 11.62
CA PHE H 125 6.15 49.59 11.34
C PHE H 125 4.94 48.93 11.98
N GLU H 126 5.02 47.63 12.29
CA GLU H 126 3.95 46.99 13.03
C GLU H 126 3.97 47.41 14.50
N GLN H 127 5.17 47.51 15.08
CA GLN H 127 5.27 47.97 16.47
C GLN H 127 4.89 49.43 16.59
N LEU H 128 5.29 50.26 15.62
CA LEU H 128 4.93 51.67 15.65
C LEU H 128 3.43 51.86 15.56
N LEU H 129 2.75 51.03 14.78
CA LEU H 129 1.30 51.12 14.66
C LEU H 129 0.62 50.81 15.99
N ARG H 130 1.11 49.79 16.70
CA ARG H 130 0.49 49.41 17.97
C ARG H 130 0.85 50.36 19.09
N ASN H 131 2.02 51.00 19.03
CA ASN H 131 2.39 51.98 20.03
C ASN H 131 1.51 53.23 19.92
N HIS H 132 1.36 53.75 18.70
CA HIS H 132 0.55 54.96 18.51
C HIS H 132 -0.94 54.69 18.63
N ASP H 133 -1.36 53.43 18.69
CA ASP H 133 -2.77 53.10 18.84
C ASP H 133 -3.03 52.56 20.24
N LYS H 134 -2.86 53.40 21.26
CA LYS H 134 -3.00 52.95 22.63
C LYS H 134 -4.42 52.48 22.93
N ASP H 135 -5.41 52.99 22.19
CA ASP H 135 -6.79 52.61 22.40
C ASP H 135 -7.18 51.30 21.73
N GLY H 136 -6.31 50.74 20.90
CA GLY H 136 -6.68 49.58 20.11
C GLY H 136 -7.75 49.88 19.08
N LYS H 137 -7.78 51.12 18.57
CA LYS H 137 -8.85 51.56 17.70
C LYS H 137 -8.59 51.25 16.23
N ILE H 138 -7.35 50.94 15.86
CA ILE H 138 -6.99 50.62 14.49
C ILE H 138 -7.11 49.11 14.28
N ASN H 139 -7.66 48.72 13.14
CA ASN H 139 -7.78 47.31 12.77
C ASN H 139 -6.51 46.92 12.00
N ILE H 140 -5.52 46.43 12.74
CA ILE H 140 -4.22 46.11 12.18
C ILE H 140 -4.26 44.71 11.60
N LYS H 141 -3.90 44.59 10.31
CA LYS H 141 -3.85 43.32 9.61
C LYS H 141 -2.41 43.10 9.12
N THR H 142 -1.74 42.10 9.69
CA THR H 142 -0.36 41.83 9.35
C THR H 142 -0.25 41.20 7.97
N TYR H 143 0.87 41.47 7.30
CA TYR H 143 1.08 41.06 5.92
C TYR H 143 2.51 40.58 5.73
N ASP H 144 2.80 40.12 4.51
CA ASP H 144 4.14 39.77 4.08
C ASP H 144 4.39 40.08 2.61
N THR H 145 3.37 40.01 1.77
CA THR H 145 3.51 40.20 0.34
C THR H 145 2.29 40.91 -0.21
N GLY H 146 2.51 41.73 -1.24
CA GLY H 146 1.40 42.38 -1.91
C GLY H 146 0.64 43.35 -1.03
N ILE H 147 1.32 43.96 -0.06
CA ILE H 147 0.65 44.91 0.83
C ILE H 147 0.31 46.19 0.09
N GLU H 148 1.23 46.67 -0.76
CA GLU H 148 0.97 47.88 -1.53
C GLU H 148 -0.15 47.66 -2.55
N HIS H 149 -0.33 46.43 -2.99
CA HIS H 149 -1.35 46.14 -4.00
C HIS H 149 -2.75 46.22 -3.40
N ASP H 150 -2.96 45.58 -2.26
CA ASP H 150 -4.29 45.52 -1.67
C ASP H 150 -4.78 46.89 -1.21
N VAL H 151 -3.86 47.80 -0.89
CA VAL H 151 -4.27 49.16 -0.54
C VAL H 151 -4.78 49.88 -1.78
N ALA H 152 -4.16 49.64 -2.93
CA ALA H 152 -4.67 50.20 -4.18
C ALA H 152 -5.98 49.52 -4.58
N LEU H 153 -6.11 48.22 -4.30
CA LEU H 153 -7.35 47.51 -4.62
C LEU H 153 -8.49 47.92 -3.71
N GLY H 154 -8.19 48.41 -2.51
CA GLY H 154 -9.21 48.75 -1.54
C GLY H 154 -9.44 47.73 -0.45
N ARG H 155 -8.68 46.63 -0.45
CA ARG H 155 -8.80 45.65 0.63
C ARG H 155 -8.18 46.12 1.93
N ALA H 156 -7.47 47.26 1.92
CA ALA H 156 -6.98 47.90 3.11
C ALA H 156 -7.04 49.41 2.90
N ASP H 157 -7.31 50.15 3.98
CA ASP H 157 -7.45 51.59 3.85
C ASP H 157 -6.11 52.26 3.61
N ALA H 158 -5.07 51.83 4.32
CA ALA H 158 -3.74 52.41 4.18
C ALA H 158 -2.70 51.37 4.59
N PHE H 159 -1.43 51.71 4.41
CA PHE H 159 -0.35 50.88 4.89
C PHE H 159 0.81 51.76 5.36
N VAL H 160 1.65 51.18 6.21
CA VAL H 160 2.80 51.88 6.78
C VAL H 160 4.08 51.18 6.34
N MET H 161 5.07 51.99 5.95
CA MET H 161 6.39 51.48 5.56
C MET H 161 7.35 52.66 5.45
N ASP H 162 8.30 52.59 4.53
CA ASP H 162 9.21 53.71 4.30
C ASP H 162 8.70 54.58 3.15
N ARG H 163 9.17 55.82 3.13
CA ARG H 163 8.75 56.75 2.09
C ARG H 163 9.45 56.46 0.76
N LEU H 164 10.70 55.98 0.83
CA LEU H 164 11.49 55.77 -0.39
C LEU H 164 10.87 54.69 -1.27
N SER H 165 10.55 53.53 -0.69
CA SER H 165 10.05 52.42 -1.48
C SER H 165 8.71 52.77 -2.14
N ALA H 166 7.77 53.30 -1.36
CA ALA H 166 6.46 53.65 -1.91
C ALA H 166 6.59 54.68 -3.02
N LEU H 167 7.45 55.69 -2.83
CA LEU H 167 7.63 56.71 -3.85
C LEU H 167 8.19 56.11 -5.13
N GLU H 168 9.15 55.20 -5.03
CA GLU H 168 9.73 54.59 -6.22
C GLU H 168 8.79 53.57 -6.84
N LEU H 169 8.09 52.79 -6.02
CA LEU H 169 7.17 51.80 -6.56
C LEU H 169 5.98 52.47 -7.25
N ILE H 170 5.56 53.64 -6.76
CA ILE H 170 4.49 54.37 -7.43
C ILE H 170 4.95 54.84 -8.80
N GLU H 171 6.18 55.34 -8.89
CA GLU H 171 6.70 55.81 -10.17
C GLU H 171 6.88 54.67 -11.16
N LYS H 172 7.41 53.54 -10.70
CA LYS H 172 7.73 52.46 -11.63
C LYS H 172 6.48 51.71 -12.07
N THR H 173 5.54 51.47 -11.16
CA THR H 173 4.36 50.66 -11.47
C THR H 173 3.13 51.50 -11.76
N GLY H 174 3.08 52.75 -11.32
CA GLY H 174 1.92 53.59 -11.56
C GLY H 174 0.70 53.25 -10.74
N LEU H 175 0.83 52.45 -9.70
CA LEU H 175 -0.32 52.05 -8.89
C LEU H 175 -0.98 53.27 -8.28
N PRO H 176 -2.32 53.32 -8.21
CA PRO H 176 -3.00 54.51 -7.72
C PRO H 176 -2.84 54.73 -6.23
N LEU H 177 -1.64 55.13 -5.80
CA LEU H 177 -1.35 55.39 -4.40
C LEU H 177 -0.76 56.79 -4.26
N GLN H 178 -0.85 57.32 -3.05
CA GLN H 178 -0.27 58.63 -2.74
C GLN H 178 0.06 58.68 -1.26
N LEU H 179 1.05 59.51 -0.93
CA LEU H 179 1.48 59.65 0.46
C LEU H 179 0.38 60.27 1.32
N ALA H 180 0.48 60.03 2.62
CA ALA H 180 -0.46 60.59 3.60
C ALA H 180 0.35 61.31 4.66
N GLY H 181 0.50 62.62 4.50
CA GLY H 181 1.27 63.41 5.44
C GLY H 181 2.76 63.22 5.28
N SER H 182 3.49 63.76 6.22
CA SER H 182 4.94 63.66 6.28
C SER H 182 5.36 62.45 7.12
N PRO H 183 6.61 62.01 7.01
CA PRO H 183 7.08 60.93 7.87
C PRO H 183 6.91 61.28 9.35
N PHE H 184 6.30 60.35 10.09
CA PHE H 184 5.96 60.57 11.49
C PHE H 184 7.01 60.03 12.46
N GLU H 185 8.04 59.36 11.95
CA GLU H 185 9.08 58.80 12.80
C GLU H 185 10.32 58.53 11.95
N THR H 186 11.48 58.87 12.50
CA THR H 186 12.73 58.62 11.79
C THR H 186 13.19 57.19 12.02
N ILE H 187 13.85 56.62 11.01
CA ILE H 187 14.36 55.27 11.08
C ILE H 187 15.79 55.24 10.53
N GLU H 188 16.68 54.56 11.22
CA GLU H 188 18.05 54.33 10.76
C GLU H 188 18.25 52.83 10.62
N ASN H 189 18.72 52.39 9.46
CA ASN H 189 18.75 50.99 9.10
C ASN H 189 20.18 50.49 9.04
N ALA H 190 20.42 49.34 9.66
CA ALA H 190 21.74 48.71 9.70
C ALA H 190 21.58 47.21 9.53
N TRP H 191 22.72 46.52 9.40
CA TRP H 191 22.72 45.07 9.21
C TRP H 191 22.83 44.37 10.55
N PRO H 192 21.89 43.53 10.94
CA PRO H 192 21.97 42.85 12.23
C PRO H 192 22.90 41.65 12.20
N PHE H 193 23.49 41.36 13.35
CA PHE H 193 24.36 40.20 13.52
C PHE H 193 24.10 39.57 14.88
N VAL H 194 24.32 38.26 14.96
CA VAL H 194 24.19 37.55 16.22
C VAL H 194 25.43 37.83 17.08
N ASN H 195 25.22 37.98 18.38
CA ASN H 195 26.29 38.40 19.28
C ASN H 195 27.13 37.20 19.70
N ASN H 196 27.84 36.65 18.70
CA ASN H 196 28.86 35.63 18.94
C ASN H 196 30.16 36.07 18.28
N GLU H 197 31.17 35.20 18.30
CA GLU H 197 32.49 35.58 17.81
C GLU H 197 32.47 35.83 16.30
N LYS H 198 31.75 34.99 15.54
CA LYS H 198 31.65 35.19 14.11
C LYS H 198 30.86 36.46 13.78
N GLY H 199 29.82 36.74 14.55
CA GLY H 199 29.03 37.94 14.30
C GLY H 199 29.78 39.21 14.65
N GLN H 200 30.54 39.19 15.75
CA GLN H 200 31.36 40.34 16.12
C GLN H 200 32.39 40.66 15.04
N GLN H 201 32.94 39.63 14.41
CA GLN H 201 33.96 39.85 13.39
C GLN H 201 33.37 40.47 12.14
N LEU H 202 32.20 40.01 11.72
CA LEU H 202 31.55 40.57 10.53
C LEU H 202 31.21 42.05 10.74
N GLN H 203 30.63 42.37 11.90
CA GLN H 203 30.23 43.74 12.19
C GLN H 203 31.40 44.71 12.03
N GLY H 204 32.57 44.34 12.54
CA GLY H 204 33.73 45.21 12.40
C GLY H 204 34.20 45.32 10.97
N GLU H 205 34.31 44.19 10.27
CA GLU H 205 34.78 44.20 8.89
C GLU H 205 33.75 44.78 7.93
N VAL H 206 32.47 44.74 8.30
CA VAL H 206 31.44 45.39 7.48
C VAL H 206 31.48 46.90 7.69
N ASN H 207 31.60 47.34 8.95
CA ASN H 207 31.74 48.77 9.22
C ASN H 207 32.98 49.34 8.54
N LYS H 208 34.03 48.54 8.40
CA LYS H 208 35.23 49.00 7.72
C LYS H 208 34.95 49.29 6.25
N ALA H 209 34.32 48.34 5.55
CA ALA H 209 33.95 48.57 4.16
C ALA H 209 32.87 49.65 4.06
N LEU H 210 31.92 49.66 5.00
CA LEU H 210 30.87 50.67 4.99
C LEU H 210 31.45 52.07 5.14
N ALA H 211 32.40 52.23 6.07
CA ALA H 211 33.02 53.54 6.26
C ALA H 211 33.74 54.00 5.01
N ALA H 212 34.52 53.11 4.39
CA ALA H 212 35.22 53.48 3.17
C ALA H 212 34.23 53.76 2.04
N MET H 213 33.13 53.00 1.98
CA MET H 213 32.11 53.25 0.97
C MET H 213 31.45 54.62 1.17
N ARG H 214 31.27 55.02 2.43
CA ARG H 214 30.77 56.36 2.72
C ARG H 214 31.77 57.42 2.24
N ALA H 215 33.05 57.23 2.58
CA ALA H 215 34.03 58.29 2.38
C ALA H 215 34.28 58.57 0.91
N ASP H 216 34.40 57.53 0.08
CA ASP H 216 34.68 57.72 -1.33
C ASP H 216 33.42 57.94 -2.16
N GLY H 217 32.24 58.01 -1.52
CA GLY H 217 31.00 58.25 -2.22
C GLY H 217 30.40 57.06 -2.93
N THR H 218 31.02 55.88 -2.83
CA THR H 218 30.47 54.70 -3.50
C THR H 218 29.13 54.30 -2.93
N LEU H 219 28.93 54.48 -1.61
CA LEU H 219 27.63 54.21 -1.02
C LEU H 219 26.58 55.18 -1.54
N SER H 220 26.96 56.44 -1.75
CA SER H 220 26.02 57.42 -2.30
C SER H 220 25.68 57.10 -3.75
N GLN H 221 26.67 56.64 -4.52
CA GLN H 221 26.42 56.33 -5.92
C GLN H 221 25.38 55.22 -6.07
N ILE H 222 25.40 54.24 -5.17
CA ILE H 222 24.45 53.14 -5.24
C ILE H 222 23.06 53.61 -4.84
N ALA H 223 22.97 54.60 -3.95
CA ALA H 223 21.66 55.12 -3.55
C ALA H 223 21.07 55.99 -4.65
N LEU H 224 21.90 56.76 -5.35
CA LEU H 224 21.41 57.58 -6.44
C LEU H 224 20.93 56.73 -7.61
N LYS H 225 21.50 55.53 -7.76
CA LYS H 225 21.12 54.66 -8.87
C LYS H 225 19.67 54.19 -8.74
N TRP H 226 19.24 53.86 -7.53
CA TRP H 226 17.93 53.27 -7.30
C TRP H 226 16.90 54.26 -6.78
N PHE H 227 17.31 55.46 -6.38
CA PHE H 227 16.38 56.43 -5.81
C PHE H 227 16.56 57.85 -6.31
N GLY H 228 17.64 58.16 -7.02
CA GLY H 228 17.88 59.55 -7.42
C GLY H 228 18.13 60.48 -6.26
N THR H 229 18.56 59.93 -5.12
CA THR H 229 18.82 60.72 -3.92
C THR H 229 19.72 59.91 -3.00
N ASP H 230 20.57 60.62 -2.25
CA ASP H 230 21.50 59.99 -1.31
C ASP H 230 20.74 59.62 -0.04
N ILE H 231 20.07 58.46 -0.10
CA ILE H 231 19.38 57.95 1.08
C ILE H 231 20.37 57.42 2.10
N SER H 232 21.60 57.14 1.69
CA SER H 232 22.62 56.58 2.56
C SER H 232 23.18 57.58 3.55
N GLN H 233 22.69 58.81 3.56
CA GLN H 233 23.08 59.80 4.56
C GLN H 233 21.85 60.50 5.10
N ALA I 7 -9.07 -0.78 -50.03
CA ALA I 7 -10.09 -1.63 -49.41
C ALA I 7 -10.68 -0.95 -48.19
N THR I 8 -11.86 -0.35 -48.37
CA THR I 8 -12.54 0.33 -47.28
C THR I 8 -12.91 -0.65 -46.18
N GLU I 9 -12.55 -0.31 -44.94
CA GLU I 9 -12.82 -1.17 -43.81
C GLU I 9 -14.26 -1.00 -43.34
N VAL I 10 -14.89 -2.12 -42.97
CA VAL I 10 -16.27 -2.13 -42.49
C VAL I 10 -16.34 -3.09 -41.31
N LYS I 11 -16.77 -2.60 -40.15
CA LYS I 11 -16.90 -3.42 -38.96
C LYS I 11 -18.32 -3.98 -38.88
N VAL I 12 -18.42 -5.31 -38.83
CA VAL I 12 -19.71 -6.01 -38.81
C VAL I 12 -19.87 -6.68 -37.45
N GLY I 13 -21.03 -6.49 -36.83
CA GLY I 13 -21.34 -7.11 -35.56
C GLY I 13 -22.19 -8.36 -35.72
N MET I 14 -21.96 -9.32 -34.83
CA MET I 14 -22.73 -10.56 -34.83
C MET I 14 -22.64 -11.19 -33.45
N SER I 15 -23.62 -12.06 -33.15
CA SER I 15 -23.73 -12.63 -31.81
C SER I 15 -22.69 -13.71 -31.54
N GLY I 16 -22.26 -14.43 -32.56
CA GLY I 16 -21.32 -15.52 -32.38
C GLY I 16 -21.90 -16.77 -31.74
N ARG I 17 -23.17 -16.74 -31.31
CA ARG I 17 -23.83 -17.89 -30.70
C ARG I 17 -25.20 -18.09 -31.36
N TYR I 18 -25.19 -18.25 -32.70
CA TYR I 18 -26.40 -18.32 -33.49
C TYR I 18 -26.16 -19.29 -34.66
N PHE I 19 -26.06 -20.57 -34.34
CA PHE I 19 -25.86 -21.56 -35.38
C PHE I 19 -27.15 -21.73 -36.18
N PRO I 20 -27.05 -21.80 -37.52
CA PRO I 20 -25.84 -21.70 -38.35
C PRO I 20 -25.63 -20.31 -38.94
N PHE I 21 -26.24 -19.27 -38.39
CA PHE I 21 -26.05 -17.93 -38.92
C PHE I 21 -24.68 -17.38 -38.56
N THR I 22 -24.32 -17.43 -37.28
CA THR I 22 -22.99 -17.03 -36.83
C THR I 22 -22.65 -17.83 -35.58
N PHE I 23 -21.49 -18.46 -35.59
CA PHE I 23 -21.08 -19.34 -34.50
C PHE I 23 -19.60 -19.60 -34.62
N VAL I 24 -19.02 -20.19 -33.57
CA VAL I 24 -17.60 -20.51 -33.50
C VAL I 24 -17.45 -22.02 -33.45
N LYS I 25 -16.60 -22.55 -34.32
CA LYS I 25 -16.27 -23.98 -34.31
C LYS I 25 -14.87 -24.16 -34.88
N GLN I 26 -14.05 -24.93 -34.17
CA GLN I 26 -12.65 -25.14 -34.53
C GLN I 26 -11.88 -23.81 -34.52
N ASP I 27 -12.17 -22.97 -33.51
CA ASP I 27 -11.49 -21.70 -33.31
C ASP I 27 -11.65 -20.76 -34.50
N GLU I 28 -12.74 -20.90 -35.24
CA GLU I 28 -13.01 -20.06 -36.40
C GLU I 28 -14.45 -19.58 -36.35
N LEU I 29 -14.64 -18.27 -36.44
CA LEU I 29 -15.97 -17.69 -36.52
C LEU I 29 -16.51 -17.88 -37.94
N GLN I 30 -17.68 -18.50 -38.07
CA GLN I 30 -18.23 -18.82 -39.37
C GLN I 30 -19.76 -18.83 -39.28
N GLY I 31 -20.38 -18.99 -40.43
CA GLY I 31 -21.83 -19.02 -40.50
C GLY I 31 -22.32 -18.54 -41.85
N PHE I 32 -23.64 -18.52 -41.99
CA PHE I 32 -24.26 -18.14 -43.25
C PHE I 32 -23.94 -16.69 -43.61
N GLU I 33 -24.06 -15.79 -42.63
CA GLU I 33 -23.83 -14.37 -42.88
C GLU I 33 -22.36 -14.03 -42.95
N VAL I 34 -21.49 -14.83 -42.33
CA VAL I 34 -20.05 -14.63 -42.47
C VAL I 34 -19.63 -14.84 -43.92
N ASP I 35 -20.15 -15.89 -44.55
CA ASP I 35 -19.86 -16.13 -45.96
C ASP I 35 -20.58 -15.14 -46.86
N VAL I 36 -21.79 -14.72 -46.46
CA VAL I 36 -22.52 -13.72 -47.24
C VAL I 36 -21.81 -12.38 -47.21
N TRP I 37 -21.36 -11.97 -46.02
CA TRP I 37 -20.69 -10.67 -45.92
C TRP I 37 -19.30 -10.71 -46.54
N ASN I 38 -18.66 -11.88 -46.55
CA ASN I 38 -17.39 -12.00 -47.27
C ASN I 38 -17.60 -11.83 -48.76
N GLU I 39 -18.68 -12.38 -49.30
CA GLU I 39 -19.02 -12.16 -50.70
C GLU I 39 -19.29 -10.68 -50.98
N ILE I 40 -19.95 -10.00 -50.04
CA ILE I 40 -20.13 -8.56 -50.14
C ILE I 40 -18.79 -7.84 -50.11
N GLY I 41 -17.88 -8.28 -49.23
CA GLY I 41 -16.59 -7.63 -49.09
C GLY I 41 -15.67 -7.83 -50.27
N LYS I 42 -16.00 -8.77 -51.16
CA LYS I 42 -15.22 -8.99 -52.37
C LYS I 42 -15.71 -8.15 -53.54
N ARG I 43 -17.03 -8.06 -53.73
CA ARG I 43 -17.56 -7.32 -54.88
C ARG I 43 -17.41 -5.83 -54.69
N ASN I 44 -17.76 -5.31 -53.51
CA ASN I 44 -17.55 -3.91 -53.18
C ASN I 44 -16.11 -3.61 -52.77
N ASP I 45 -15.27 -4.64 -52.67
CA ASP I 45 -13.85 -4.49 -52.33
C ASP I 45 -13.68 -3.80 -50.97
N TYR I 46 -14.21 -4.46 -49.95
CA TYR I 46 -14.09 -4.03 -48.56
C TYR I 46 -12.98 -4.80 -47.86
N LYS I 47 -12.71 -4.42 -46.62
CA LYS I 47 -11.91 -5.19 -45.67
C LYS I 47 -12.80 -5.39 -44.45
N VAL I 48 -13.38 -6.58 -44.32
CA VAL I 48 -14.42 -6.84 -43.33
C VAL I 48 -13.78 -7.28 -42.02
N GLU I 49 -14.16 -6.61 -40.93
CA GLU I 49 -13.75 -7.00 -39.59
C GLU I 49 -15.00 -7.40 -38.80
N PHE I 50 -15.13 -8.68 -38.50
CA PHE I 50 -16.26 -9.17 -37.73
C PHE I 50 -16.00 -8.95 -36.24
N VAL I 51 -16.89 -8.23 -35.58
CA VAL I 51 -16.78 -7.90 -34.16
C VAL I 51 -17.95 -8.55 -33.44
N THR I 52 -17.65 -9.53 -32.60
CA THR I 52 -18.68 -10.28 -31.90
C THR I 52 -19.06 -9.61 -30.59
N ALA I 53 -20.30 -9.84 -30.17
CA ALA I 53 -20.83 -9.34 -28.91
C ALA I 53 -22.20 -9.99 -28.70
N ASN I 54 -22.63 -10.00 -27.44
CA ASN I 54 -23.97 -10.48 -27.13
C ASN I 54 -25.01 -9.67 -27.90
N PHE I 55 -26.06 -10.36 -28.36
CA PHE I 55 -27.03 -9.74 -29.25
C PHE I 55 -27.72 -8.54 -28.63
N SER I 56 -27.93 -8.55 -27.31
CA SER I 56 -28.67 -7.48 -26.66
C SER I 56 -27.98 -6.12 -26.83
N GLY I 57 -26.66 -6.12 -26.96
CA GLY I 57 -25.93 -4.86 -27.04
C GLY I 57 -25.51 -4.47 -28.44
N LEU I 58 -25.77 -5.34 -29.41
CA LEU I 58 -25.33 -5.07 -30.78
C LEU I 58 -25.99 -3.83 -31.35
N LEU I 59 -27.24 -3.54 -30.94
CA LEU I 59 -27.88 -2.31 -31.40
C LEU I 59 -27.21 -1.09 -30.81
N GLY I 60 -26.80 -1.16 -29.54
CA GLY I 60 -26.10 -0.04 -28.93
C GLY I 60 -24.75 0.22 -29.57
N LEU I 61 -24.04 -0.85 -29.94
CA LEU I 61 -22.77 -0.68 -30.64
C LEU I 61 -22.96 -0.01 -31.98
N LEU I 62 -24.05 -0.33 -32.68
CA LEU I 62 -24.35 0.33 -33.94
C LEU I 62 -24.75 1.79 -33.71
N GLU I 63 -25.62 2.04 -32.72
CA GLU I 63 -26.04 3.39 -32.42
C GLU I 63 -24.85 4.28 -32.08
N THR I 64 -23.96 3.79 -31.23
CA THR I 64 -22.79 4.56 -30.84
C THR I 64 -21.75 4.67 -31.95
N GLY I 65 -21.89 3.89 -33.01
CA GLY I 65 -20.95 3.93 -34.12
C GLY I 65 -19.77 3.00 -33.98
N ARG I 66 -19.78 2.07 -33.03
CA ARG I 66 -18.65 1.15 -32.90
C ARG I 66 -18.60 0.17 -34.05
N ILE I 67 -19.76 -0.27 -34.54
CA ILE I 67 -19.85 -1.10 -35.73
C ILE I 67 -20.67 -0.36 -36.78
N ASP I 68 -20.29 -0.56 -38.05
CA ASP I 68 -20.99 0.12 -39.13
C ASP I 68 -22.33 -0.51 -39.45
N THR I 69 -22.49 -1.80 -39.15
CA THR I 69 -23.74 -2.52 -39.43
C THR I 69 -23.78 -3.76 -38.55
N ILE I 70 -24.89 -4.49 -38.65
CA ILE I 70 -25.09 -5.73 -37.93
C ILE I 70 -25.53 -6.81 -38.90
N SER I 71 -24.99 -8.01 -38.75
CA SER I 71 -25.37 -9.17 -39.56
C SER I 71 -25.72 -10.29 -38.59
N ASN I 72 -26.95 -10.27 -38.08
CA ASN I 72 -27.39 -11.26 -37.11
C ASN I 72 -28.90 -11.45 -37.21
N GLN I 73 -29.42 -11.49 -38.44
CA GLN I 73 -30.85 -11.68 -38.71
C GLN I 73 -31.68 -10.60 -38.03
N ILE I 74 -31.34 -9.34 -38.32
CA ILE I 74 -32.05 -8.20 -37.76
C ILE I 74 -33.39 -8.06 -38.47
N THR I 75 -34.47 -8.46 -37.80
CA THR I 75 -35.80 -8.34 -38.37
C THR I 75 -36.22 -6.88 -38.45
N ILE I 76 -36.83 -6.51 -39.58
CA ILE I 76 -37.30 -5.15 -39.79
C ILE I 76 -38.60 -4.96 -39.03
N THR I 77 -38.55 -4.17 -37.96
CA THR I 77 -39.72 -3.79 -37.18
C THR I 77 -39.94 -2.29 -37.32
N ASP I 78 -41.19 -1.88 -37.06
CA ASP I 78 -41.53 -0.47 -37.17
C ASP I 78 -40.65 0.40 -36.27
N ALA I 79 -40.39 -0.07 -35.05
CA ALA I 79 -39.50 0.65 -34.15
C ALA I 79 -38.09 0.72 -34.72
N ARG I 80 -37.59 -0.40 -35.24
CA ARG I 80 -36.27 -0.40 -35.86
C ARG I 80 -36.29 0.31 -37.22
N LYS I 81 -37.44 0.32 -37.90
CA LYS I 81 -37.55 0.98 -39.18
C LYS I 81 -37.35 2.49 -39.06
N ALA I 82 -38.06 3.11 -38.11
CA ALA I 82 -37.93 4.55 -37.93
C ALA I 82 -36.59 4.94 -37.35
N LYS I 83 -35.98 4.04 -36.56
CA LYS I 83 -34.76 4.41 -35.84
C LYS I 83 -33.51 4.23 -36.70
N TYR I 84 -33.47 3.18 -37.52
CA TYR I 84 -32.30 2.87 -38.30
C TYR I 84 -32.63 2.81 -39.79
N LEU I 85 -31.59 2.75 -40.60
CA LEU I 85 -31.73 2.41 -42.01
C LEU I 85 -31.70 0.90 -42.18
N PHE I 86 -32.14 0.43 -43.35
CA PHE I 86 -32.16 -0.99 -43.62
C PHE I 86 -31.91 -1.21 -45.11
N SER I 87 -31.10 -2.22 -45.41
CA SER I 87 -30.89 -2.66 -46.78
C SER I 87 -32.09 -3.48 -47.25
N ASP I 88 -32.03 -3.96 -48.48
CA ASP I 88 -33.04 -4.90 -48.95
C ASP I 88 -32.95 -6.18 -48.12
N PRO I 89 -34.09 -6.83 -47.87
CA PRO I 89 -34.05 -8.07 -47.08
C PRO I 89 -33.21 -9.14 -47.77
N TYR I 90 -32.47 -9.90 -46.96
CA TYR I 90 -31.72 -11.04 -47.47
C TYR I 90 -32.19 -12.37 -46.91
N VAL I 91 -33.07 -12.36 -45.90
CA VAL I 91 -33.66 -13.57 -45.33
C VAL I 91 -35.11 -13.28 -45.00
N ILE I 92 -36.00 -14.17 -45.42
CA ILE I 92 -37.41 -14.13 -45.02
C ILE I 92 -37.74 -15.46 -44.37
N ASP I 93 -38.24 -15.41 -43.14
CA ASP I 93 -38.57 -16.61 -42.39
C ASP I 93 -39.78 -16.31 -41.51
N GLY I 94 -40.16 -17.29 -40.68
CA GLY I 94 -41.27 -17.14 -39.77
C GLY I 94 -40.83 -17.36 -38.33
N ALA I 95 -41.44 -16.61 -37.42
CA ALA I 95 -41.17 -16.79 -36.00
C ALA I 95 -41.85 -18.07 -35.53
N GLN I 96 -41.09 -18.93 -34.85
CA GLN I 96 -41.53 -20.28 -34.51
C GLN I 96 -41.30 -20.55 -33.03
N ILE I 97 -42.25 -21.25 -32.41
CA ILE I 97 -42.12 -21.70 -31.03
C ILE I 97 -41.51 -23.09 -31.03
N THR I 98 -40.51 -23.30 -30.18
CA THR I 98 -39.83 -24.58 -30.07
C THR I 98 -39.84 -25.04 -28.61
N VAL I 99 -40.11 -26.32 -28.40
CA VAL I 99 -40.29 -26.88 -27.07
C VAL I 99 -39.43 -28.14 -26.95
N ARG I 100 -39.58 -28.81 -25.80
CA ARG I 100 -38.93 -30.10 -25.59
C ARG I 100 -39.51 -31.15 -26.53
N LYS I 101 -38.68 -32.12 -26.88
CA LYS I 101 -39.12 -33.21 -27.75
C LYS I 101 -40.12 -34.08 -27.02
N GLY I 102 -41.20 -34.44 -27.72
CA GLY I 102 -42.26 -35.22 -27.12
C GLY I 102 -43.11 -34.41 -26.17
N ASN I 103 -43.60 -33.26 -26.63
CA ASN I 103 -44.42 -32.36 -25.82
C ASN I 103 -45.69 -32.04 -26.57
N GLU I 104 -46.83 -32.44 -26.02
CA GLU I 104 -48.13 -32.12 -26.59
C GLU I 104 -48.89 -31.07 -25.79
N ALA I 105 -48.28 -30.55 -24.71
CA ALA I 105 -48.94 -29.50 -23.93
C ALA I 105 -48.89 -28.15 -24.63
N ILE I 106 -47.89 -27.93 -25.50
CA ILE I 106 -47.71 -26.69 -26.21
C ILE I 106 -47.92 -26.95 -27.69
N LYS I 107 -48.80 -26.18 -28.31
CA LYS I 107 -49.06 -26.28 -29.74
C LYS I 107 -49.00 -24.95 -30.46
N GLY I 108 -48.75 -23.85 -29.76
CA GLY I 108 -48.69 -22.55 -30.41
C GLY I 108 -48.35 -21.47 -29.41
N ILE I 109 -48.22 -20.25 -29.93
CA ILE I 109 -47.87 -19.10 -29.09
C ILE I 109 -48.98 -18.82 -28.09
N ASP I 110 -50.23 -19.17 -28.43
CA ASP I 110 -51.35 -18.98 -27.52
C ASP I 110 -51.52 -20.13 -26.55
N ASP I 111 -50.75 -21.21 -26.71
CA ASP I 111 -50.71 -22.30 -25.75
C ASP I 111 -49.71 -22.04 -24.63
N LEU I 112 -49.00 -20.92 -24.68
CA LEU I 112 -47.96 -20.60 -23.71
C LEU I 112 -48.50 -19.92 -22.45
N ALA I 113 -49.79 -19.61 -22.42
CA ALA I 113 -50.39 -18.96 -21.25
C ALA I 113 -50.21 -19.84 -20.03
N GLY I 114 -49.45 -19.34 -19.05
CA GLY I 114 -49.17 -20.10 -17.85
C GLY I 114 -47.99 -21.02 -17.98
N LYS I 115 -46.95 -20.61 -18.71
CA LYS I 115 -45.76 -21.41 -18.94
C LYS I 115 -44.55 -20.50 -18.97
N THR I 116 -43.37 -21.11 -18.97
CA THR I 116 -42.10 -20.40 -19.01
C THR I 116 -41.57 -20.43 -20.44
N VAL I 117 -41.38 -19.25 -21.03
CA VAL I 117 -40.92 -19.12 -22.41
C VAL I 117 -39.71 -18.19 -22.42
N ALA I 118 -38.60 -18.68 -22.95
CA ALA I 118 -37.36 -17.92 -23.01
C ALA I 118 -37.19 -17.27 -24.39
N VAL I 119 -36.60 -16.07 -24.39
CA VAL I 119 -36.32 -15.34 -25.60
C VAL I 119 -34.98 -14.63 -25.45
N ASN I 120 -34.44 -14.19 -26.58
CA ASN I 120 -33.19 -13.44 -26.56
C ASN I 120 -33.46 -11.98 -26.21
N LEU I 121 -32.59 -11.43 -25.37
CA LEU I 121 -32.81 -10.09 -24.83
C LEU I 121 -32.75 -9.03 -25.93
N GLY I 122 -33.73 -8.13 -25.94
CA GLY I 122 -33.73 -7.04 -26.90
C GLY I 122 -33.93 -7.48 -28.33
N SER I 123 -34.69 -8.54 -28.56
CA SER I 123 -34.91 -9.09 -29.89
C SER I 123 -36.33 -8.77 -30.35
N ASN I 124 -36.52 -8.90 -31.67
CA ASN I 124 -37.86 -8.77 -32.23
C ASN I 124 -38.78 -9.86 -31.70
N PHE I 125 -38.25 -11.06 -31.47
CA PHE I 125 -39.06 -12.14 -30.94
C PHE I 125 -39.59 -11.82 -29.55
N GLU I 126 -38.80 -11.12 -28.74
CA GLU I 126 -39.23 -10.74 -27.41
C GLU I 126 -40.46 -9.84 -27.47
N GLN I 127 -40.47 -8.87 -28.38
CA GLN I 127 -41.61 -7.96 -28.49
C GLN I 127 -42.85 -8.70 -28.95
N LEU I 128 -42.69 -9.69 -29.84
CA LEU I 128 -43.83 -10.47 -30.29
C LEU I 128 -44.44 -11.26 -29.15
N LEU I 129 -43.60 -11.86 -28.30
CA LEU I 129 -44.11 -12.58 -27.14
C LEU I 129 -44.88 -11.64 -26.21
N ARG I 130 -44.35 -10.44 -25.99
CA ARG I 130 -45.03 -9.47 -25.14
C ARG I 130 -46.34 -8.99 -25.78
N ASN I 131 -46.40 -8.97 -27.11
CA ASN I 131 -47.65 -8.62 -27.78
C ASN I 131 -48.70 -9.71 -27.58
N HIS I 132 -48.27 -10.97 -27.50
CA HIS I 132 -49.18 -12.08 -27.27
C HIS I 132 -49.34 -12.41 -25.78
N ASP I 133 -48.98 -11.48 -24.90
CA ASP I 133 -49.12 -11.66 -23.46
C ASP I 133 -49.62 -10.34 -22.85
N LYS I 134 -50.83 -9.94 -23.24
CA LYS I 134 -51.47 -8.77 -22.68
C LYS I 134 -52.28 -9.09 -21.44
N ASP I 135 -52.37 -10.35 -21.04
CA ASP I 135 -52.99 -10.75 -19.79
C ASP I 135 -51.97 -11.05 -18.71
N GLY I 136 -50.67 -10.98 -19.01
CA GLY I 136 -49.64 -11.24 -18.02
C GLY I 136 -49.54 -12.67 -17.57
N LYS I 137 -50.05 -13.62 -18.37
CA LYS I 137 -50.06 -15.01 -17.94
C LYS I 137 -48.69 -15.67 -18.10
N ILE I 138 -47.95 -15.30 -19.13
CA ILE I 138 -46.72 -16.00 -19.48
C ILE I 138 -45.56 -15.46 -18.64
N ASN I 139 -44.71 -16.38 -18.17
CA ASN I 139 -43.48 -16.03 -17.49
C ASN I 139 -42.37 -15.95 -18.54
N ILE I 140 -41.96 -14.73 -18.87
CA ILE I 140 -41.00 -14.49 -19.95
C ILE I 140 -39.60 -14.37 -19.34
N LYS I 141 -38.66 -15.13 -19.90
CA LYS I 141 -37.26 -15.12 -19.49
C LYS I 141 -36.42 -14.61 -20.65
N THR I 142 -35.58 -13.60 -20.37
CA THR I 142 -34.79 -12.94 -21.40
C THR I 142 -33.32 -13.29 -21.18
N TYR I 143 -32.73 -13.97 -22.16
CA TYR I 143 -31.33 -14.40 -22.09
C TYR I 143 -30.52 -13.73 -23.21
N ASP I 144 -29.22 -14.01 -23.20
CA ASP I 144 -28.34 -13.65 -24.30
C ASP I 144 -27.65 -14.85 -24.93
N THR I 145 -27.59 -15.98 -24.24
CA THR I 145 -26.86 -17.16 -24.71
C THR I 145 -27.65 -18.42 -24.39
N GLY I 146 -27.58 -19.39 -25.30
CA GLY I 146 -28.03 -20.74 -25.01
C GLY I 146 -29.46 -20.85 -24.54
N ILE I 147 -30.38 -20.10 -25.14
CA ILE I 147 -31.78 -20.21 -24.75
C ILE I 147 -32.35 -21.54 -25.19
N GLU I 148 -31.82 -22.12 -26.27
CA GLU I 148 -32.30 -23.40 -26.77
C GLU I 148 -31.80 -24.56 -25.93
N HIS I 149 -30.58 -24.45 -25.38
CA HIS I 149 -30.07 -25.50 -24.51
C HIS I 149 -30.76 -25.50 -23.17
N ASP I 150 -31.23 -24.33 -22.71
CA ASP I 150 -31.94 -24.26 -21.44
C ASP I 150 -33.28 -24.97 -21.52
N VAL I 151 -33.96 -24.86 -22.67
CA VAL I 151 -35.27 -25.49 -22.82
C VAL I 151 -35.13 -26.99 -22.86
N ALA I 152 -34.10 -27.51 -23.54
CA ALA I 152 -33.89 -28.95 -23.58
C ALA I 152 -33.63 -29.51 -22.19
N LEU I 153 -32.97 -28.73 -21.33
CA LEU I 153 -32.73 -29.16 -19.95
C LEU I 153 -33.93 -28.99 -19.05
N GLY I 154 -35.02 -28.39 -19.53
CA GLY I 154 -36.20 -28.18 -18.73
C GLY I 154 -36.24 -26.88 -17.96
N ARG I 155 -35.18 -26.07 -18.04
CA ARG I 155 -35.19 -24.78 -17.36
C ARG I 155 -36.28 -23.86 -17.88
N ALA I 156 -36.76 -24.10 -19.09
CA ALA I 156 -37.90 -23.38 -19.65
C ALA I 156 -38.77 -24.37 -20.41
N ASP I 157 -40.05 -24.03 -20.54
CA ASP I 157 -41.00 -24.89 -21.24
C ASP I 157 -41.02 -24.65 -22.74
N ALA I 158 -40.44 -23.55 -23.21
CA ALA I 158 -40.42 -23.23 -24.64
C ALA I 158 -39.43 -22.10 -24.87
N PHE I 159 -39.14 -21.84 -26.14
CA PHE I 159 -38.42 -20.63 -26.53
C PHE I 159 -38.89 -20.19 -27.90
N VAL I 160 -38.77 -18.89 -28.15
CA VAL I 160 -39.25 -18.26 -29.38
C VAL I 160 -38.06 -17.75 -30.18
N MET I 161 -37.95 -18.21 -31.41
CA MET I 161 -36.99 -17.68 -32.38
C MET I 161 -37.49 -17.92 -33.79
N ASP I 162 -36.56 -18.05 -34.75
CA ASP I 162 -36.96 -18.37 -36.11
C ASP I 162 -37.18 -19.87 -36.24
N ARG I 163 -37.48 -20.31 -37.46
CA ARG I 163 -37.71 -21.72 -37.73
C ARG I 163 -36.44 -22.42 -38.21
N LEU I 164 -35.63 -21.72 -39.00
CA LEU I 164 -34.47 -22.37 -39.64
C LEU I 164 -33.41 -22.74 -38.60
N SER I 165 -33.08 -21.82 -37.70
CA SER I 165 -32.08 -22.09 -36.69
C SER I 165 -32.49 -23.25 -35.80
N ALA I 166 -33.79 -23.34 -35.49
CA ALA I 166 -34.27 -24.45 -34.67
C ALA I 166 -34.17 -25.77 -35.41
N LEU I 167 -34.46 -25.77 -36.71
CA LEU I 167 -34.40 -27.01 -37.48
C LEU I 167 -32.94 -27.43 -37.73
N GLU I 168 -32.06 -26.47 -38.01
CA GLU I 168 -30.67 -26.81 -38.26
C GLU I 168 -29.95 -27.29 -37.01
N LEU I 169 -30.44 -26.93 -35.83
CA LEU I 169 -29.78 -27.31 -34.59
C LEU I 169 -30.22 -28.68 -34.10
N ILE I 170 -31.49 -29.02 -34.29
CA ILE I 170 -31.95 -30.36 -33.93
C ILE I 170 -31.30 -31.41 -34.83
N GLU I 171 -31.01 -31.05 -36.08
CA GLU I 171 -30.39 -31.98 -37.01
C GLU I 171 -28.90 -32.12 -36.75
N LYS I 172 -28.21 -30.98 -36.56
CA LYS I 172 -26.76 -31.02 -36.44
C LYS I 172 -26.33 -31.54 -35.07
N THR I 173 -26.91 -31.01 -34.00
CA THR I 173 -26.52 -31.40 -32.65
C THR I 173 -27.31 -32.60 -32.13
N GLY I 174 -28.56 -32.77 -32.55
CA GLY I 174 -29.40 -33.81 -32.02
C GLY I 174 -30.13 -33.45 -30.75
N LEU I 175 -30.28 -32.15 -30.46
CA LEU I 175 -30.92 -31.72 -29.22
C LEU I 175 -32.34 -32.30 -29.13
N PRO I 176 -32.75 -32.76 -27.96
CA PRO I 176 -34.13 -33.23 -27.80
C PRO I 176 -35.13 -32.08 -27.80
N LEU I 177 -35.30 -31.45 -28.95
CA LEU I 177 -36.23 -30.33 -29.11
C LEU I 177 -37.15 -30.62 -30.29
N GLN I 178 -38.27 -29.90 -30.31
CA GLN I 178 -39.23 -30.03 -31.40
C GLN I 178 -40.00 -28.72 -31.52
N LEU I 179 -40.48 -28.45 -32.73
CA LEU I 179 -41.24 -27.23 -32.98
C LEU I 179 -42.63 -27.33 -32.33
N ALA I 180 -43.20 -26.17 -32.02
CA ALA I 180 -44.54 -26.09 -31.44
C ALA I 180 -45.46 -25.43 -32.46
N GLY I 181 -45.94 -26.22 -33.41
CA GLY I 181 -46.88 -25.73 -34.38
C GLY I 181 -46.21 -25.00 -35.55
N SER I 182 -47.04 -24.25 -36.27
CA SER I 182 -46.65 -23.50 -37.46
C SER I 182 -46.19 -22.10 -37.09
N PRO I 183 -45.41 -21.46 -37.96
CA PRO I 183 -45.00 -20.08 -37.69
C PRO I 183 -46.19 -19.16 -37.45
N PHE I 184 -46.08 -18.32 -36.42
CA PHE I 184 -47.13 -17.39 -36.06
C PHE I 184 -46.86 -15.97 -36.52
N GLU I 185 -45.74 -15.75 -37.21
CA GLU I 185 -45.40 -14.43 -37.72
C GLU I 185 -44.24 -14.52 -38.70
N THR I 186 -44.41 -13.91 -39.88
CA THR I 186 -43.32 -13.86 -40.86
C THR I 186 -42.37 -12.72 -40.51
N ILE I 187 -41.07 -12.97 -40.69
CA ILE I 187 -40.05 -11.97 -40.40
C ILE I 187 -39.21 -11.74 -41.66
N GLU I 188 -38.91 -10.48 -41.94
CA GLU I 188 -38.04 -10.08 -43.04
C GLU I 188 -36.78 -9.46 -42.44
N ASN I 189 -35.62 -10.04 -42.75
CA ASN I 189 -34.37 -9.67 -42.10
C ASN I 189 -33.45 -8.96 -43.09
N ALA I 190 -32.90 -7.83 -42.66
CA ALA I 190 -32.01 -7.03 -43.48
C ALA I 190 -30.89 -6.47 -42.61
N TRP I 191 -29.84 -5.97 -43.26
CA TRP I 191 -28.72 -5.38 -42.55
C TRP I 191 -29.07 -3.94 -42.16
N PRO I 192 -29.00 -3.59 -40.88
CA PRO I 192 -29.32 -2.22 -40.48
C PRO I 192 -28.14 -1.28 -40.63
N PHE I 193 -28.44 0.02 -40.61
CA PHE I 193 -27.42 1.05 -40.67
C PHE I 193 -27.90 2.25 -39.88
N VAL I 194 -26.96 3.13 -39.54
CA VAL I 194 -27.28 4.38 -38.88
C VAL I 194 -27.54 5.44 -39.93
N ASN I 195 -28.48 6.34 -39.62
CA ASN I 195 -28.91 7.35 -40.57
C ASN I 195 -27.91 8.50 -40.57
N ASN I 196 -26.77 8.27 -41.24
CA ASN I 196 -25.76 9.29 -41.42
C ASN I 196 -25.13 9.12 -42.79
N GLU I 197 -24.14 9.98 -43.08
CA GLU I 197 -23.53 9.98 -44.40
C GLU I 197 -22.78 8.68 -44.68
N LYS I 198 -22.23 8.05 -43.64
CA LYS I 198 -21.55 6.77 -43.83
C LYS I 198 -22.54 5.64 -44.06
N GLY I 199 -23.64 5.64 -43.31
CA GLY I 199 -24.61 4.57 -43.44
C GLY I 199 -25.39 4.59 -44.74
N GLN I 200 -25.62 5.79 -45.28
CA GLN I 200 -26.33 5.89 -46.56
C GLN I 200 -25.45 5.44 -47.72
N GLN I 201 -24.14 5.64 -47.62
CA GLN I 201 -23.25 5.12 -48.66
C GLN I 201 -23.15 3.61 -48.58
N LEU I 202 -23.09 3.05 -47.37
CA LEU I 202 -23.07 1.60 -47.23
C LEU I 202 -24.40 1.00 -47.68
N GLN I 203 -25.52 1.60 -47.30
CA GLN I 203 -26.82 1.06 -47.68
C GLN I 203 -26.95 0.96 -49.19
N GLY I 204 -26.60 2.02 -49.92
CA GLY I 204 -26.70 2.00 -51.36
C GLY I 204 -25.77 1.00 -52.00
N GLU I 205 -24.57 0.82 -51.43
CA GLU I 205 -23.60 -0.09 -52.02
C GLU I 205 -23.82 -1.54 -51.59
N VAL I 206 -24.30 -1.75 -50.36
CA VAL I 206 -24.66 -3.11 -49.95
C VAL I 206 -25.89 -3.58 -50.71
N ASN I 207 -26.83 -2.68 -50.97
CA ASN I 207 -27.96 -3.00 -51.84
C ASN I 207 -27.49 -3.38 -53.23
N LYS I 208 -26.41 -2.76 -53.71
CA LYS I 208 -25.88 -3.11 -55.03
C LYS I 208 -25.30 -4.51 -55.04
N ALA I 209 -24.47 -4.83 -54.04
CA ALA I 209 -23.88 -6.17 -53.98
C ALA I 209 -24.95 -7.23 -53.75
N LEU I 210 -25.90 -6.94 -52.85
CA LEU I 210 -26.97 -7.90 -52.56
C LEU I 210 -27.80 -8.21 -53.80
N ALA I 211 -28.15 -7.17 -54.57
CA ALA I 211 -28.97 -7.38 -55.76
C ALA I 211 -28.23 -8.22 -56.80
N ALA I 212 -26.93 -7.96 -57.00
CA ALA I 212 -26.16 -8.76 -57.95
C ALA I 212 -26.02 -10.19 -57.47
N MET I 213 -25.94 -10.40 -56.16
CA MET I 213 -25.90 -11.76 -55.62
C MET I 213 -27.22 -12.48 -55.82
N ARG I 214 -28.34 -11.75 -55.79
CA ARG I 214 -29.62 -12.36 -56.16
C ARG I 214 -29.63 -12.76 -57.62
N ALA I 215 -29.01 -11.96 -58.49
CA ALA I 215 -29.11 -12.18 -59.93
C ALA I 215 -28.40 -13.46 -60.34
N ASP I 216 -27.12 -13.58 -60.00
CA ASP I 216 -26.33 -14.74 -60.39
C ASP I 216 -26.53 -15.94 -59.49
N GLY I 217 -27.45 -15.87 -58.52
CA GLY I 217 -27.76 -17.00 -57.68
C GLY I 217 -26.75 -17.31 -56.60
N THR I 218 -25.85 -16.37 -56.31
CA THR I 218 -24.86 -16.61 -55.27
C THR I 218 -25.47 -16.55 -53.88
N LEU I 219 -26.46 -15.67 -53.68
CA LEU I 219 -27.14 -15.59 -52.39
C LEU I 219 -27.82 -16.92 -52.07
N SER I 220 -28.46 -17.54 -53.07
CA SER I 220 -29.13 -18.81 -52.82
C SER I 220 -28.14 -19.92 -52.47
N GLN I 221 -27.01 -19.97 -53.18
CA GLN I 221 -26.05 -21.04 -52.97
C GLN I 221 -25.48 -21.01 -51.56
N ILE I 222 -25.25 -19.83 -51.01
CA ILE I 222 -24.73 -19.72 -49.66
C ILE I 222 -25.77 -20.19 -48.64
N ALA I 223 -27.04 -19.82 -48.84
CA ALA I 223 -28.09 -20.28 -47.95
C ALA I 223 -28.31 -21.78 -48.10
N LEU I 224 -28.21 -22.31 -49.32
CA LEU I 224 -28.36 -23.74 -49.53
C LEU I 224 -27.25 -24.52 -48.85
N LYS I 225 -26.06 -23.93 -48.75
CA LYS I 225 -24.95 -24.59 -48.07
C LYS I 225 -25.23 -24.75 -46.58
N TRP I 226 -25.94 -23.80 -45.98
CA TRP I 226 -26.16 -23.79 -44.55
C TRP I 226 -27.55 -24.24 -44.13
N PHE I 227 -28.51 -24.30 -45.05
CA PHE I 227 -29.89 -24.60 -44.69
C PHE I 227 -30.57 -25.63 -45.58
N GLY I 228 -30.03 -25.92 -46.77
CA GLY I 228 -30.67 -26.86 -47.66
C GLY I 228 -31.85 -26.31 -48.43
N THR I 229 -32.29 -25.09 -48.14
CA THR I 229 -33.34 -24.41 -48.88
C THR I 229 -32.86 -22.99 -49.18
N ASP I 230 -33.61 -22.30 -50.04
CA ASP I 230 -33.34 -20.90 -50.34
C ASP I 230 -34.17 -20.05 -49.37
N ILE I 231 -33.51 -19.54 -48.33
CA ILE I 231 -34.19 -18.72 -47.34
C ILE I 231 -34.29 -17.27 -47.75
N SER I 232 -33.67 -16.87 -48.87
CA SER I 232 -33.81 -15.51 -49.35
C SER I 232 -35.19 -15.27 -49.95
N GLN I 233 -35.66 -16.21 -50.76
CA GLN I 233 -36.97 -16.10 -51.38
C GLN I 233 -38.04 -16.56 -50.40
C1 PGO J . 13.77 -10.57 22.55
C2 PGO J . 12.90 -10.32 21.34
C3 PGO J . 13.43 -9.20 20.46
O1 PGO J . 13.89 -11.95 22.79
O2 PGO J . 11.58 -10.08 21.78
C1 PGO K . 15.36 7.41 4.28
C2 PGO K . 16.79 7.57 3.83
C3 PGO K . 17.14 9.00 3.44
O1 PGO K . 15.31 7.17 5.66
O2 PGO K . 17.02 6.67 2.75
CL CL L . 25.62 -19.83 12.85
CL CL M . 9.87 -13.00 13.54
K K N . 9.86 -10.29 14.00
C1 PGO O . -15.44 -13.73 -14.00
C2 PGO O . -14.35 -12.89 -13.34
C3 PGO O . -13.86 -11.76 -14.23
O1 PGO O . -15.87 -14.74 -13.12
O2 PGO O . -13.31 -13.75 -12.97
C1 PGO P . -33.16 -16.50 -7.76
C2 PGO P . -33.71 -17.14 -6.50
C3 PGO P . -34.99 -16.47 -6.02
O1 PGO P . -32.10 -17.27 -8.27
O2 PGO P . -32.69 -17.11 -5.52
CL CL Q . -12.99 -8.26 -15.26
CL CL R . -14.74 7.64 -11.78
K K S . -11.86 -8.91 -12.27
C1 PGR T . -28.57 -23.57 -10.84
C2 PGR T . -27.72 -23.12 -12.01
C3 PGR T . -27.34 -21.65 -11.85
O1 PGR T . -29.70 -22.73 -10.72
O2 PGR T . -26.58 -23.94 -12.17
CL CL U . -23.53 -40.46 -18.93
CL CL V . -26.62 -44.19 -20.90
K K W . -24.92 -45.44 -19.14
C1 PGO X . 0.17 24.87 -2.73
C2 PGO X . 0.46 23.39 -2.88
C3 PGO X . 1.65 23.10 -3.77
O1 PGO X . -1.11 25.17 -3.25
O2 PGO X . -0.71 22.76 -3.34
C1 PGO Y . 8.62 13.61 13.34
C2 PGO Y . 9.19 13.51 11.95
C3 PGO Y . 10.64 13.06 11.94
O1 PGO Y . 7.22 13.81 13.29
O2 PGO Y . 9.03 14.77 11.32
C1 PGO Z . -0.81 36.28 8.59
C2 PGO Z . -1.84 37.36 8.31
C3 PGO Z . -3.08 37.23 9.18
O1 PGO Z . -0.01 36.65 9.69
O2 PGO Z . -2.14 37.32 6.92
S SO4 AA . 0.67 36.99 2.88
O1 SO4 AA . 1.72 36.60 3.82
O2 SO4 AA . 0.88 38.38 2.47
O3 SO4 AA . 0.72 36.12 1.71
O4 SO4 AA . -0.63 36.86 3.53
K K BA . 1.57 20.22 -0.75
CL CL CA . 33.14 -6.36 44.02
K K DA . 33.99 -3.93 42.97
CL CL EA . -4.93 41.67 -8.61
CL CL FA . -9.97 45.58 -19.39
CL CL GA . -6.10 43.42 -18.02
CL CL HA . -5.43 30.62 -7.91
C1 PGO IA . 19.15 -29.93 28.69
C2 PGO IA . 18.40 -31.11 29.28
C3 PGO IA . 16.89 -31.01 29.13
O1 PGO IA . 18.72 -28.72 29.26
O2 PGO IA . 18.80 -31.29 30.62
S SO4 JA . 13.33 -19.70 28.12
O1 SO4 JA . 14.60 -20.43 28.16
O2 SO4 JA . 13.53 -18.37 28.68
O3 SO4 JA . 12.88 -19.59 26.74
O4 SO4 JA . 12.33 -20.41 28.91
S SO4 KA . 13.95 -10.20 36.77
O1 SO4 KA . 15.40 -10.13 36.84
O2 SO4 KA . 13.43 -8.95 36.22
O3 SO4 KA . 13.56 -11.32 35.91
O4 SO4 KA . 13.40 -10.41 38.11
CL CL LA . 15.16 -35.61 29.61
CL CL MA . 16.52 -44.99 40.46
K K NA . 17.57 -36.12 30.85
CL CL OA . 27.14 40.94 25.47
CL CL PA . 11.58 46.47 9.46
C1 PGO QA . -30.57 -13.63 -31.53
C2 PGO QA . -29.51 -14.70 -31.75
C3 PGO QA . -29.82 -16.00 -31.02
O1 PGO QA . -31.78 -14.02 -32.17
O2 PGO QA . -28.26 -14.14 -31.37
CL CL RA . -40.56 -20.05 -42.32
CL CL SA . -34.37 3.70 -45.60
#